data_6HJA
#
_entry.id   6HJA
#
_cell.length_a   180.866
_cell.length_b   134.412
_cell.length_c   160.309
_cell.angle_alpha   90.00
_cell.angle_beta   102.20
_cell.angle_gamma   90.00
#
_symmetry.space_group_name_H-M   'C 1 2 1'
#
loop_
_entity.id
_entity.type
_entity.pdbx_description
1 polymer 'Proton-gated ion channel'
2 non-polymer 'DIUNDECYL PHOSPHATIDYL CHOLINE'
3 non-polymer 'CHLORIDE ION'
4 non-polymer DODECANE
5 non-polymer 'GLUTARIC ACID'
6 non-polymer 'SODIUM ION'
7 water water
#
_entity_poly.entity_id   1
_entity_poly.type   'polypeptide(L)'
_entity_poly.pdbx_seq_one_letter_code
;MFPTGWRPKLSESIAASRMLWQPMAAVAVVQIGLLWFSPPVWGQDMVSPPPPIADEPLTVNTGIYLIECYSLDDKAETFK
VNAFLSLSWKDRRLAFDPVRSGVRVKTYEPEAIWIPEIRFVNVENARDADVVDISVSPDGTVQYLERFSARVLSPLDFRR
YPFDSQTLHIYLIVRSVDTRNIVLAVDLEKVGKNDDVFLTGWDIESFTAVVKPANFALEDRLESKLDYQLRISRQYFSYI
PNIILPMLFILFISWTAFWSTSYEANVTLVVSTLIAHIAFNILVETNLPKTPYMTYTGAIIFMIYLFYFVAVIEVTVQHY
LKVESQPARAASITRASRIAFPVVFLLANIILAFLFFGF
;
_entity_poly.pdbx_strand_id   A,B,C,D,E
#
loop_
_chem_comp.id
_chem_comp.type
_chem_comp.name
_chem_comp.formula
CL non-polymer 'CHLORIDE ION' 'Cl -1'
D12 non-polymer DODECANE 'C12 H26'
GUA non-polymer 'GLUTARIC ACID' 'C5 H8 O4'
NA non-polymer 'SODIUM ION' 'Na 1'
PLC non-polymer 'DIUNDECYL PHOSPHATIDYL CHOLINE' 'C32 H65 N O8 P 1'
#
# COMPACT_ATOMS: atom_id res chain seq x y z
N VAL A 47 -19.92 -30.40 -24.12
CA VAL A 47 -18.93 -31.41 -23.73
C VAL A 47 -19.33 -32.11 -22.42
N SER A 48 -19.14 -33.43 -22.38
CA SER A 48 -19.49 -34.29 -21.24
C SER A 48 -18.25 -35.05 -20.71
N PRO A 49 -18.26 -35.58 -19.46
CA PRO A 49 -17.07 -36.31 -18.97
C PRO A 49 -16.89 -37.69 -19.60
N PRO A 50 -15.67 -38.29 -19.62
CA PRO A 50 -15.51 -39.63 -20.23
C PRO A 50 -16.36 -40.70 -19.55
N PRO A 51 -17.00 -41.61 -20.32
CA PRO A 51 -17.85 -42.63 -19.67
C PRO A 51 -17.04 -43.76 -19.04
N PRO A 52 -17.51 -44.34 -17.89
CA PRO A 52 -16.74 -45.43 -17.28
C PRO A 52 -16.94 -46.77 -17.98
N ILE A 53 -15.85 -47.55 -18.13
CA ILE A 53 -15.92 -48.88 -18.76
C ILE A 53 -16.69 -49.84 -17.85
N ALA A 54 -16.40 -49.78 -16.54
CA ALA A 54 -17.08 -50.52 -15.48
C ALA A 54 -17.65 -49.33 -14.67
N ASP A 55 -17.78 -49.48 -13.33
CA ASP A 55 -18.30 -48.48 -12.41
C ASP A 55 -17.20 -47.62 -11.70
N GLU A 56 -15.95 -47.67 -12.22
CA GLU A 56 -14.77 -46.99 -11.67
C GLU A 56 -14.80 -45.46 -11.78
N PRO A 57 -14.16 -44.72 -10.82
CA PRO A 57 -14.10 -43.26 -10.95
C PRO A 57 -12.98 -42.85 -11.94
N LEU A 58 -12.91 -41.56 -12.28
CA LEU A 58 -11.87 -41.06 -13.17
C LEU A 58 -10.65 -40.56 -12.36
N THR A 59 -9.48 -41.13 -12.64
CA THR A 59 -8.24 -40.77 -11.97
C THR A 59 -7.53 -39.68 -12.76
N VAL A 60 -7.39 -38.48 -12.12
CA VAL A 60 -6.70 -37.34 -12.71
C VAL A 60 -5.35 -37.24 -12.00
N ASN A 61 -4.28 -37.58 -12.72
CA ASN A 61 -2.92 -37.54 -12.20
C ASN A 61 -2.40 -36.12 -12.27
N THR A 62 -2.07 -35.59 -11.11
CA THR A 62 -1.63 -34.21 -10.95
C THR A 62 -0.12 -34.11 -10.73
N GLY A 63 0.39 -32.89 -10.91
CA GLY A 63 1.78 -32.53 -10.73
C GLY A 63 1.98 -31.03 -10.73
N ILE A 64 2.69 -30.52 -9.71
CA ILE A 64 3.00 -29.10 -9.59
C ILE A 64 4.52 -28.97 -9.65
N TYR A 65 5.03 -28.15 -10.59
CA TYR A 65 6.46 -27.89 -10.72
C TYR A 65 6.67 -26.38 -10.52
N LEU A 66 7.24 -25.99 -9.35
CA LEU A 66 7.46 -24.58 -8.97
C LEU A 66 8.51 -23.91 -9.84
N ILE A 67 8.17 -22.75 -10.40
CA ILE A 67 9.05 -21.92 -11.24
C ILE A 67 9.62 -20.76 -10.39
N GLU A 68 8.74 -20.06 -9.62
N GLU A 68 8.76 -20.11 -9.58
CA GLU A 68 9.08 -18.94 -8.75
CA GLU A 68 9.14 -19.02 -8.68
C GLU A 68 8.26 -18.95 -7.44
C GLU A 68 8.28 -18.98 -7.43
N CYS A 69 8.93 -18.60 -6.32
CA CYS A 69 8.35 -18.49 -4.97
C CYS A 69 8.69 -17.13 -4.49
N TYR A 70 7.70 -16.39 -4.01
CA TYR A 70 7.92 -15.03 -3.57
C TYR A 70 6.85 -14.56 -2.58
N SER A 71 7.04 -13.32 -2.08
CA SER A 71 6.15 -12.62 -1.17
C SER A 71 5.53 -13.46 -0.04
N LEU A 72 6.39 -14.06 0.83
CA LEU A 72 5.84 -14.74 2.00
C LEU A 72 5.59 -13.63 3.04
N ASP A 73 4.32 -13.26 3.19
CA ASP A 73 3.80 -12.23 4.09
C ASP A 73 3.43 -12.91 5.41
N ASP A 74 4.16 -12.62 6.49
CA ASP A 74 3.91 -13.20 7.81
C ASP A 74 2.60 -12.69 8.43
N LYS A 75 2.36 -11.35 8.34
CA LYS A 75 1.16 -10.71 8.85
C LYS A 75 -0.10 -11.31 8.20
N ALA A 76 -0.07 -11.45 6.85
CA ALA A 76 -1.15 -11.97 6.02
C ALA A 76 -1.25 -13.49 5.98
N GLU A 77 -0.16 -14.19 6.37
CA GLU A 77 -0.04 -15.64 6.33
C GLU A 77 -0.33 -16.16 4.92
N THR A 78 0.27 -15.47 3.91
CA THR A 78 0.16 -15.79 2.49
C THR A 78 1.53 -15.82 1.83
N PHE A 79 1.62 -16.51 0.67
CA PHE A 79 2.80 -16.59 -0.18
C PHE A 79 2.35 -16.59 -1.62
N LYS A 80 3.19 -16.11 -2.53
CA LYS A 80 2.84 -16.10 -3.94
C LYS A 80 3.64 -17.16 -4.66
N VAL A 81 3.01 -17.85 -5.59
CA VAL A 81 3.63 -18.95 -6.33
C VAL A 81 3.40 -18.80 -7.84
N ASN A 82 4.36 -19.28 -8.62
CA ASN A 82 4.31 -19.30 -10.07
C ASN A 82 4.82 -20.68 -10.45
N ALA A 83 3.94 -21.52 -10.99
CA ALA A 83 4.27 -22.91 -11.25
C ALA A 83 3.61 -23.50 -12.50
N PHE A 84 3.89 -24.78 -12.74
CA PHE A 84 3.29 -25.57 -13.81
C PHE A 84 2.32 -26.51 -13.14
N LEU A 85 1.12 -26.64 -13.71
CA LEU A 85 0.13 -27.61 -13.24
C LEU A 85 -0.05 -28.58 -14.38
N SER A 86 0.23 -29.85 -14.12
CA SER A 86 0.07 -30.88 -15.12
C SER A 86 -1.06 -31.81 -14.70
N LEU A 87 -1.97 -32.10 -15.63
CA LEU A 87 -3.10 -33.00 -15.40
C LEU A 87 -3.09 -34.07 -16.47
N SER A 88 -3.47 -35.30 -16.08
CA SER A 88 -3.53 -36.44 -17.01
C SER A 88 -4.65 -37.40 -16.65
N TRP A 89 -5.49 -37.71 -17.63
CA TRP A 89 -6.64 -38.62 -17.48
C TRP A 89 -6.89 -39.38 -18.79
N LYS A 90 -7.65 -40.48 -18.73
CA LYS A 90 -8.00 -41.27 -19.92
C LYS A 90 -9.41 -40.95 -20.41
N ASP A 91 -9.52 -40.59 -21.69
CA ASP A 91 -10.78 -40.34 -22.40
C ASP A 91 -10.74 -41.20 -23.67
N ARG A 92 -11.36 -42.39 -23.60
CA ARG A 92 -11.41 -43.35 -24.70
C ARG A 92 -12.13 -42.81 -25.95
N ARG A 93 -12.98 -41.78 -25.82
CA ARG A 93 -13.68 -41.12 -26.93
C ARG A 93 -12.67 -40.40 -27.85
N LEU A 94 -11.52 -39.99 -27.29
CA LEU A 94 -10.43 -39.28 -27.99
C LEU A 94 -9.36 -40.25 -28.55
N ALA A 95 -9.51 -41.57 -28.28
CA ALA A 95 -8.59 -42.62 -28.74
C ALA A 95 -8.61 -42.72 -30.26
N PHE A 96 -7.44 -43.03 -30.85
CA PHE A 96 -7.26 -43.13 -32.29
C PHE A 96 -6.22 -44.19 -32.65
N ASP A 97 -6.33 -44.77 -33.87
CA ASP A 97 -5.36 -45.75 -34.34
C ASP A 97 -4.14 -44.96 -34.88
N PRO A 98 -2.92 -45.18 -34.35
CA PRO A 98 -1.76 -44.37 -34.79
C PRO A 98 -1.28 -44.64 -36.22
N VAL A 99 -1.59 -45.83 -36.77
CA VAL A 99 -1.20 -46.25 -38.13
C VAL A 99 -2.07 -45.52 -39.18
N ARG A 100 -3.40 -45.57 -39.02
CA ARG A 100 -4.39 -44.97 -39.91
C ARG A 100 -4.38 -43.44 -39.88
N SER A 101 -4.22 -42.86 -38.68
CA SER A 101 -4.22 -41.40 -38.47
C SER A 101 -2.97 -40.71 -39.02
N GLY A 102 -1.83 -41.40 -38.97
CA GLY A 102 -0.56 -40.87 -39.43
C GLY A 102 0.29 -40.32 -38.30
N VAL A 103 -0.35 -39.54 -37.39
CA VAL A 103 0.34 -38.93 -36.24
C VAL A 103 0.20 -39.79 -34.98
N ARG A 104 1.27 -39.88 -34.18
CA ARG A 104 1.27 -40.65 -32.93
C ARG A 104 0.76 -39.84 -31.74
N VAL A 105 0.67 -38.50 -31.88
CA VAL A 105 0.11 -37.60 -30.86
C VAL A 105 -0.80 -36.57 -31.53
N LYS A 106 -1.88 -36.17 -30.85
CA LYS A 106 -2.86 -35.18 -31.32
C LYS A 106 -2.98 -34.04 -30.28
N THR A 107 -2.80 -32.79 -30.75
CA THR A 107 -2.85 -31.58 -29.92
C THR A 107 -4.25 -30.93 -30.03
N TYR A 108 -4.85 -30.56 -28.88
CA TYR A 108 -6.18 -29.95 -28.81
C TYR A 108 -6.21 -28.60 -28.11
N GLU A 109 -7.23 -27.80 -28.43
CA GLU A 109 -7.50 -26.51 -27.79
C GLU A 109 -8.38 -26.79 -26.56
N PRO A 110 -8.26 -26.03 -25.44
CA PRO A 110 -9.08 -26.34 -24.24
C PRO A 110 -10.58 -26.49 -24.48
N GLU A 111 -11.16 -25.61 -25.30
CA GLU A 111 -12.57 -25.58 -25.68
C GLU A 111 -13.02 -26.82 -26.46
N ALA A 112 -12.11 -27.43 -27.23
CA ALA A 112 -12.39 -28.61 -28.05
C ALA A 112 -12.70 -29.89 -27.26
N ILE A 113 -12.06 -30.09 -26.10
CA ILE A 113 -12.23 -31.31 -25.32
C ILE A 113 -12.67 -31.08 -23.86
N TRP A 114 -13.15 -32.16 -23.20
CA TRP A 114 -13.54 -32.13 -21.79
C TRP A 114 -12.28 -32.11 -20.93
N ILE A 115 -12.18 -31.14 -20.02
CA ILE A 115 -11.08 -30.98 -19.08
C ILE A 115 -11.66 -30.95 -17.66
N PRO A 116 -11.11 -31.75 -16.70
CA PRO A 116 -11.67 -31.74 -15.33
C PRO A 116 -11.45 -30.41 -14.63
N GLU A 117 -12.52 -29.89 -13.98
CA GLU A 117 -12.49 -28.62 -13.24
C GLU A 117 -11.71 -28.78 -11.94
N ILE A 118 -10.38 -28.63 -12.04
CA ILE A 118 -9.44 -28.71 -10.91
C ILE A 118 -9.28 -27.30 -10.35
N ARG A 119 -9.45 -27.14 -9.04
CA ARG A 119 -9.33 -25.84 -8.37
C ARG A 119 -8.41 -25.94 -7.17
N PHE A 120 -7.88 -24.80 -6.72
CA PHE A 120 -7.03 -24.69 -5.53
C PHE A 120 -7.93 -24.27 -4.41
N VAL A 121 -7.85 -24.94 -3.26
CA VAL A 121 -8.69 -24.63 -2.10
C VAL A 121 -8.28 -23.30 -1.43
N ASN A 122 -7.00 -23.23 -1.00
CA ASN A 122 -6.46 -22.12 -0.23
C ASN A 122 -5.83 -20.97 -1.03
N VAL A 123 -6.55 -20.44 -2.03
CA VAL A 123 -6.08 -19.29 -2.80
C VAL A 123 -6.94 -18.07 -2.49
N GLU A 124 -6.34 -16.86 -2.54
CA GLU A 124 -7.05 -15.61 -2.29
C GLU A 124 -8.09 -15.41 -3.43
N ASN A 125 -7.61 -15.16 -4.65
CA ASN A 125 -8.49 -15.06 -5.81
C ASN A 125 -8.16 -16.20 -6.78
N ALA A 126 -9.12 -16.64 -7.61
CA ALA A 126 -8.90 -17.74 -8.57
C ALA A 126 -7.62 -17.51 -9.40
N ARG A 127 -6.76 -18.56 -9.47
CA ARG A 127 -5.47 -18.59 -10.16
C ARG A 127 -5.49 -18.07 -11.61
N ASP A 128 -4.40 -17.39 -12.01
CA ASP A 128 -4.24 -16.90 -13.37
C ASP A 128 -3.59 -18.05 -14.09
N ALA A 129 -4.31 -18.67 -15.03
CA ALA A 129 -3.82 -19.83 -15.74
C ALA A 129 -3.74 -19.63 -17.23
N ASP A 130 -2.64 -20.10 -17.84
CA ASP A 130 -2.36 -20.05 -19.26
C ASP A 130 -2.00 -21.46 -19.70
N VAL A 131 -2.85 -22.06 -20.56
CA VAL A 131 -2.66 -23.42 -21.07
C VAL A 131 -1.46 -23.45 -22.00
N VAL A 132 -0.47 -24.30 -21.66
CA VAL A 132 0.79 -24.48 -22.37
C VAL A 132 0.58 -25.53 -23.50
N ASP A 133 -0.02 -26.69 -23.18
CA ASP A 133 -0.25 -27.77 -24.13
C ASP A 133 -1.28 -28.77 -23.61
N ILE A 134 -1.98 -29.43 -24.56
CA ILE A 134 -2.95 -30.51 -24.36
C ILE A 134 -2.61 -31.54 -25.43
N SER A 135 -2.18 -32.74 -25.02
CA SER A 135 -1.75 -33.80 -25.92
C SER A 135 -2.47 -35.13 -25.67
N VAL A 136 -3.06 -35.70 -26.73
CA VAL A 136 -3.78 -36.97 -26.66
C VAL A 136 -2.95 -38.08 -27.31
N SER A 137 -2.76 -39.18 -26.57
CA SER A 137 -2.02 -40.36 -27.02
C SER A 137 -3.00 -41.30 -27.76
N PRO A 138 -2.52 -42.31 -28.55
CA PRO A 138 -3.46 -43.19 -29.27
C PRO A 138 -4.53 -43.87 -28.41
N ASP A 139 -4.19 -44.30 -27.18
CA ASP A 139 -5.12 -44.97 -26.26
C ASP A 139 -6.17 -44.02 -25.63
N GLY A 140 -6.00 -42.72 -25.85
CA GLY A 140 -6.91 -41.71 -25.34
C GLY A 140 -6.43 -41.01 -24.06
N THR A 141 -5.16 -41.22 -23.67
CA THR A 141 -4.59 -40.57 -22.48
C THR A 141 -4.25 -39.12 -22.80
N VAL A 142 -4.93 -38.19 -22.10
CA VAL A 142 -4.75 -36.75 -22.28
C VAL A 142 -3.64 -36.25 -21.34
N GLN A 143 -2.75 -35.39 -21.85
CA GLN A 143 -1.66 -34.77 -21.09
C GLN A 143 -1.78 -33.26 -21.18
N TYR A 144 -2.41 -32.69 -20.15
CA TYR A 144 -2.68 -31.27 -19.98
C TYR A 144 -1.53 -30.60 -19.22
N LEU A 145 -1.17 -29.37 -19.64
CA LEU A 145 -0.14 -28.57 -19.00
C LEU A 145 -0.49 -27.10 -19.08
N GLU A 146 -0.47 -26.44 -17.91
CA GLU A 146 -0.77 -25.02 -17.80
C GLU A 146 0.24 -24.36 -16.89
N ARG A 147 0.48 -23.08 -17.12
CA ARG A 147 1.34 -22.31 -16.24
C ARG A 147 0.42 -21.41 -15.43
N PHE A 148 0.58 -21.41 -14.11
CA PHE A 148 -0.29 -20.61 -13.26
C PHE A 148 0.48 -19.77 -12.25
N SER A 149 -0.20 -18.78 -11.67
CA SER A 149 0.29 -17.93 -10.60
C SER A 149 -0.85 -17.74 -9.60
N ALA A 150 -0.58 -17.95 -8.29
CA ALA A 150 -1.60 -17.80 -7.26
C ALA A 150 -1.06 -17.24 -5.93
N ARG A 151 -1.91 -16.51 -5.19
CA ARG A 151 -1.58 -16.03 -3.84
C ARG A 151 -2.25 -17.04 -2.90
N VAL A 152 -1.41 -17.87 -2.28
CA VAL A 152 -1.83 -18.98 -1.43
C VAL A 152 -1.90 -18.56 0.05
N LEU A 153 -3.03 -18.87 0.70
CA LEU A 153 -3.33 -18.63 2.11
C LEU A 153 -2.88 -19.87 2.86
N SER A 154 -1.81 -19.78 3.63
CA SER A 154 -1.37 -20.92 4.40
C SER A 154 -0.99 -20.46 5.80
N PRO A 155 -1.64 -21.01 6.86
CA PRO A 155 -1.34 -20.57 8.24
C PRO A 155 0.07 -20.87 8.70
N LEU A 156 0.60 -19.96 9.54
CA LEU A 156 1.97 -20.09 10.05
C LEU A 156 2.01 -20.20 11.54
N ASP A 157 2.95 -21.04 12.07
CA ASP A 157 3.13 -21.20 13.50
C ASP A 157 4.30 -20.30 13.98
N PHE A 158 3.94 -19.17 14.61
CA PHE A 158 4.93 -18.19 15.04
C PHE A 158 5.58 -18.47 16.42
N ARG A 159 5.09 -19.49 17.14
CA ARG A 159 5.57 -19.88 18.47
C ARG A 159 7.11 -19.82 18.66
N ARG A 160 7.90 -20.28 17.66
CA ARG A 160 9.36 -20.26 17.76
C ARG A 160 10.06 -19.14 17.00
N TYR A 161 9.31 -18.11 16.53
CA TYR A 161 9.83 -16.96 15.77
C TYR A 161 11.01 -16.27 16.50
N PRO A 162 12.11 -15.91 15.80
CA PRO A 162 12.38 -16.08 14.37
C PRO A 162 13.16 -17.38 14.05
N PHE A 163 13.17 -18.36 14.96
CA PHE A 163 13.87 -19.64 14.81
C PHE A 163 12.86 -20.75 14.42
N ASP A 164 11.83 -20.36 13.65
CA ASP A 164 10.71 -21.21 13.24
C ASP A 164 10.86 -21.78 11.84
N SER A 165 10.18 -22.91 11.63
CA SER A 165 10.08 -23.63 10.37
C SER A 165 8.61 -23.76 10.07
N GLN A 166 8.27 -23.72 8.78
CA GLN A 166 6.90 -23.79 8.32
C GLN A 166 6.68 -24.87 7.25
N THR A 167 5.44 -25.36 7.18
CA THR A 167 4.99 -26.27 6.13
C THR A 167 3.86 -25.54 5.39
N LEU A 168 4.21 -24.95 4.23
CA LEU A 168 3.25 -24.25 3.39
C LEU A 168 2.47 -25.31 2.62
N HIS A 169 1.15 -25.08 2.45
CA HIS A 169 0.30 -26.03 1.73
C HIS A 169 -0.33 -25.44 0.50
N ILE A 170 -0.47 -26.29 -0.52
CA ILE A 170 -1.18 -25.98 -1.76
C ILE A 170 -2.15 -27.14 -1.92
N TYR A 171 -3.45 -26.90 -1.67
CA TYR A 171 -4.48 -27.93 -1.78
C TYR A 171 -5.19 -27.93 -3.12
N LEU A 172 -5.09 -29.05 -3.85
CA LEU A 172 -5.77 -29.26 -5.13
C LEU A 172 -7.08 -29.97 -4.87
N ILE A 173 -8.15 -29.59 -5.57
CA ILE A 173 -9.45 -30.23 -5.36
C ILE A 173 -10.21 -30.42 -6.68
N VAL A 174 -11.08 -31.44 -6.71
CA VAL A 174 -11.96 -31.75 -7.84
C VAL A 174 -13.31 -32.22 -7.29
N ARG A 175 -14.40 -31.64 -7.81
CA ARG A 175 -15.75 -32.01 -7.41
C ARG A 175 -16.30 -32.98 -8.46
N SER A 176 -16.73 -34.19 -8.00
CA SER A 176 -17.29 -35.24 -8.85
C SER A 176 -18.52 -34.73 -9.56
N VAL A 177 -18.73 -35.20 -10.79
CA VAL A 177 -19.87 -34.81 -11.61
C VAL A 177 -21.01 -35.82 -11.51
N ASP A 178 -22.16 -35.42 -12.06
CA ASP A 178 -23.45 -36.13 -12.14
C ASP A 178 -23.27 -37.57 -12.64
N THR A 179 -22.62 -37.70 -13.80
CA THR A 179 -22.37 -38.96 -14.50
C THR A 179 -21.37 -39.85 -13.75
N ARG A 180 -20.17 -39.34 -13.40
CA ARG A 180 -19.19 -40.17 -12.66
C ARG A 180 -18.29 -39.38 -11.70
N ASN A 181 -17.73 -40.10 -10.73
CA ASN A 181 -16.84 -39.61 -9.70
C ASN A 181 -15.44 -39.37 -10.24
N ILE A 182 -14.78 -38.32 -9.71
CA ILE A 182 -13.41 -37.96 -10.09
C ILE A 182 -12.53 -37.99 -8.84
N VAL A 183 -11.43 -38.76 -8.92
CA VAL A 183 -10.46 -38.96 -7.84
C VAL A 183 -9.08 -38.45 -8.29
N LEU A 184 -8.39 -37.73 -7.40
CA LEU A 184 -7.07 -37.16 -7.68
C LEU A 184 -5.94 -38.12 -7.37
N ALA A 185 -4.82 -37.99 -8.08
CA ALA A 185 -3.62 -38.82 -7.91
C ALA A 185 -2.37 -37.97 -8.12
N VAL A 186 -1.21 -38.48 -7.67
CA VAL A 186 0.05 -37.75 -7.80
C VAL A 186 1.01 -38.52 -8.72
N ASP A 187 1.47 -37.85 -9.78
CA ASP A 187 2.49 -38.38 -10.70
C ASP A 187 3.77 -37.71 -10.22
N LEU A 188 4.55 -38.44 -9.39
CA LEU A 188 5.78 -37.95 -8.75
C LEU A 188 6.83 -37.46 -9.73
N GLU A 189 6.79 -38.00 -10.96
CA GLU A 189 7.67 -37.66 -12.07
C GLU A 189 7.45 -36.22 -12.54
N LYS A 190 6.24 -35.67 -12.28
CA LYS A 190 5.85 -34.32 -12.69
C LYS A 190 5.64 -33.35 -11.50
N VAL A 191 6.21 -33.70 -10.33
CA VAL A 191 6.19 -32.89 -9.10
C VAL A 191 7.64 -32.51 -8.80
N GLY A 192 7.88 -31.21 -8.63
CA GLY A 192 9.20 -30.68 -8.35
C GLY A 192 9.24 -29.17 -8.22
N LYS A 193 10.46 -28.61 -8.35
CA LYS A 193 10.75 -27.17 -8.29
C LYS A 193 12.07 -26.89 -8.99
N ASN A 194 12.16 -25.73 -9.63
CA ASN A 194 13.37 -25.26 -10.32
C ASN A 194 14.48 -24.99 -9.30
N ASP A 195 15.75 -25.25 -9.68
CA ASP A 195 16.93 -25.07 -8.82
C ASP A 195 17.13 -23.61 -8.36
N ASP A 196 16.70 -22.65 -9.19
CA ASP A 196 16.79 -21.21 -8.94
C ASP A 196 15.67 -20.69 -8.00
N VAL A 197 14.66 -21.54 -7.67
CA VAL A 197 13.55 -21.16 -6.78
C VAL A 197 14.11 -20.76 -5.42
N PHE A 198 13.96 -19.47 -5.10
CA PHE A 198 14.41 -18.85 -3.86
C PHE A 198 13.23 -18.15 -3.22
N LEU A 199 13.12 -18.23 -1.89
CA LEU A 199 12.07 -17.51 -1.17
C LEU A 199 12.83 -16.61 -0.21
N THR A 200 12.89 -15.29 -0.53
CA THR A 200 13.59 -14.26 0.23
C THR A 200 13.37 -14.41 1.74
N GLY A 201 14.47 -14.53 2.50
CA GLY A 201 14.46 -14.68 3.95
C GLY A 201 14.09 -16.04 4.49
N TRP A 202 14.01 -17.05 3.59
CA TRP A 202 13.66 -18.43 3.90
C TRP A 202 14.56 -19.40 3.16
N ASP A 203 14.74 -20.59 3.75
CA ASP A 203 15.48 -21.70 3.16
C ASP A 203 14.43 -22.72 2.76
N ILE A 204 14.41 -23.12 1.46
CA ILE A 204 13.46 -24.11 0.98
C ILE A 204 14.08 -25.50 1.19
N GLU A 205 13.42 -26.33 2.00
CA GLU A 205 13.89 -27.68 2.27
C GLU A 205 13.37 -28.71 1.29
N SER A 206 12.04 -28.80 1.15
CA SER A 206 11.40 -29.77 0.27
C SER A 206 10.09 -29.25 -0.31
N PHE A 207 9.65 -29.90 -1.42
CA PHE A 207 8.37 -29.69 -2.07
C PHE A 207 7.91 -31.07 -2.49
N THR A 208 7.03 -31.66 -1.68
CA THR A 208 6.50 -33.02 -1.88
C THR A 208 4.97 -33.01 -1.87
N ALA A 209 4.34 -34.12 -2.30
CA ALA A 209 2.90 -34.26 -2.29
C ALA A 209 2.48 -35.49 -1.48
N VAL A 210 1.43 -35.31 -0.66
CA VAL A 210 0.81 -36.39 0.11
C VAL A 210 -0.01 -37.10 -0.96
N VAL A 211 0.56 -38.21 -1.48
CA VAL A 211 0.06 -39.04 -2.59
C VAL A 211 -1.38 -39.57 -2.41
N LYS A 212 -1.81 -39.84 -1.15
CA LYS A 212 -3.15 -40.32 -0.86
C LYS A 212 -4.11 -39.12 -0.74
N PRO A 213 -5.10 -38.98 -1.65
CA PRO A 213 -6.03 -37.85 -1.56
C PRO A 213 -7.03 -37.95 -0.40
N ALA A 214 -7.49 -36.80 0.08
CA ALA A 214 -8.51 -36.71 1.12
C ALA A 214 -9.84 -36.74 0.38
N ASN A 215 -10.50 -37.92 0.39
CA ASN A 215 -11.78 -38.09 -0.27
C ASN A 215 -12.89 -37.93 0.76
N PHE A 216 -13.83 -37.01 0.51
CA PHE A 216 -14.93 -36.65 1.41
C PHE A 216 -16.17 -36.22 0.62
N ALA A 217 -17.30 -36.04 1.31
CA ALA A 217 -18.55 -35.64 0.71
C ALA A 217 -18.91 -34.21 1.13
N LEU A 218 -19.27 -33.38 0.15
CA LEU A 218 -19.69 -32.00 0.37
C LEU A 218 -20.87 -31.67 -0.55
N GLU A 219 -22.01 -31.27 0.05
CA GLU A 219 -23.28 -30.92 -0.61
C GLU A 219 -23.75 -32.06 -1.54
N ASP A 220 -23.83 -33.30 -1.00
CA ASP A 220 -24.24 -34.55 -1.65
C ASP A 220 -23.36 -35.00 -2.86
N ARG A 221 -22.15 -34.44 -2.99
CA ARG A 221 -21.20 -34.82 -4.03
C ARG A 221 -19.82 -35.11 -3.44
N LEU A 222 -19.09 -36.02 -4.09
CA LEU A 222 -17.76 -36.44 -3.70
C LEU A 222 -16.70 -35.44 -4.14
N GLU A 223 -15.79 -35.12 -3.21
CA GLU A 223 -14.68 -34.22 -3.43
C GLU A 223 -13.36 -34.91 -3.09
N SER A 224 -12.38 -34.83 -4.02
CA SER A 224 -11.05 -35.43 -3.89
C SER A 224 -10.02 -34.30 -3.77
N LYS A 225 -9.39 -34.19 -2.59
CA LYS A 225 -8.42 -33.13 -2.24
C LYS A 225 -6.97 -33.67 -2.13
N LEU A 226 -5.98 -32.91 -2.63
CA LEU A 226 -4.56 -33.29 -2.55
C LEU A 226 -3.75 -32.24 -1.82
N ASP A 227 -2.78 -32.71 -0.99
CA ASP A 227 -1.93 -31.83 -0.21
C ASP A 227 -0.50 -31.77 -0.71
N TYR A 228 -0.15 -30.65 -1.38
CA TYR A 228 1.20 -30.35 -1.83
C TYR A 228 1.84 -29.53 -0.72
N GLN A 229 2.95 -30.01 -0.17
CA GLN A 229 3.63 -29.40 0.97
C GLN A 229 5.01 -28.85 0.65
N LEU A 230 5.18 -27.54 0.88
CA LEU A 230 6.45 -26.85 0.69
C LEU A 230 7.03 -26.59 2.08
N ARG A 231 8.10 -27.34 2.44
CA ARG A 231 8.76 -27.24 3.74
C ARG A 231 9.87 -26.22 3.69
N ILE A 232 9.75 -25.20 4.54
CA ILE A 232 10.68 -24.05 4.61
C ILE A 232 11.11 -23.74 6.03
N SER A 233 12.33 -23.18 6.19
CA SER A 233 12.85 -22.78 7.49
C SER A 233 13.35 -21.34 7.40
N ARG A 234 13.02 -20.53 8.41
CA ARG A 234 13.37 -19.12 8.43
C ARG A 234 14.85 -18.86 8.67
N GLN A 235 15.39 -17.92 7.87
CA GLN A 235 16.77 -17.43 7.94
C GLN A 235 16.78 -16.37 9.05
N TYR A 236 17.06 -16.85 10.28
CA TYR A 236 17.06 -16.08 11.53
C TYR A 236 18.23 -15.10 11.66
N PHE A 237 19.36 -15.34 10.92
CA PHE A 237 20.60 -14.54 10.95
C PHE A 237 20.42 -13.04 11.26
N SER A 238 19.79 -12.28 10.36
CA SER A 238 19.56 -10.83 10.46
C SER A 238 18.92 -10.36 11.77
N TYR A 239 18.06 -11.18 12.39
CA TYR A 239 17.42 -10.89 13.68
C TYR A 239 18.42 -10.68 14.82
N ILE A 240 19.58 -11.37 14.76
CA ILE A 240 20.63 -11.28 15.77
C ILE A 240 21.31 -9.88 15.76
N PRO A 241 21.95 -9.38 14.68
CA PRO A 241 22.57 -8.04 14.77
C PRO A 241 21.60 -6.84 14.70
N ASN A 242 20.33 -7.09 14.37
CA ASN A 242 19.35 -6.02 14.18
C ASN A 242 18.33 -5.83 15.29
N ILE A 243 17.97 -6.91 15.99
CA ILE A 243 16.98 -6.85 17.06
C ILE A 243 17.54 -7.41 18.36
N ILE A 244 17.98 -8.69 18.36
CA ILE A 244 18.45 -9.41 19.54
C ILE A 244 19.63 -8.71 20.23
N LEU A 245 20.78 -8.55 19.55
CA LEU A 245 21.93 -7.91 20.19
C LEU A 245 21.66 -6.42 20.55
N PRO A 246 21.12 -5.55 19.66
CA PRO A 246 20.80 -4.17 20.09
C PRO A 246 19.94 -4.11 21.36
N MET A 247 18.92 -4.99 21.44
CA MET A 247 18.01 -5.11 22.55
C MET A 247 18.72 -5.53 23.85
N LEU A 248 19.74 -6.44 23.77
CA LEU A 248 20.50 -6.86 24.96
C LEU A 248 21.43 -5.75 25.44
N PHE A 249 22.11 -5.04 24.50
CA PHE A 249 23.01 -3.93 24.80
C PHE A 249 22.35 -2.87 25.67
N ILE A 250 21.12 -2.44 25.31
CA ILE A 250 20.36 -1.42 26.03
C ILE A 250 19.97 -1.93 27.41
N LEU A 251 19.67 -3.22 27.55
CA LEU A 251 19.33 -3.83 28.83
C LEU A 251 20.54 -3.83 29.77
N PHE A 252 21.73 -4.12 29.22
CA PHE A 252 22.96 -4.16 29.99
C PHE A 252 23.40 -2.74 30.38
N ILE A 253 23.05 -1.74 29.54
CA ILE A 253 23.33 -0.32 29.79
C ILE A 253 22.50 0.12 31.01
N SER A 254 21.23 -0.35 31.10
CA SER A 254 20.36 -0.05 32.23
C SER A 254 20.95 -0.56 33.57
N TRP A 255 21.65 -1.70 33.52
CA TRP A 255 22.27 -2.33 34.70
C TRP A 255 23.51 -1.60 35.21
N THR A 256 24.03 -0.59 34.46
CA THR A 256 25.17 0.19 34.94
C THR A 256 24.75 1.12 36.11
N ALA A 257 23.41 1.26 36.33
CA ALA A 257 22.81 2.03 37.43
C ALA A 257 23.12 1.36 38.77
N PHE A 258 23.53 0.07 38.72
CA PHE A 258 23.89 -0.68 39.92
C PHE A 258 25.33 -0.36 40.38
N TRP A 259 26.06 0.46 39.61
CA TRP A 259 27.41 0.94 39.93
C TRP A 259 27.39 2.47 40.00
N SER A 260 26.21 3.04 40.28
CA SER A 260 25.98 4.47 40.40
C SER A 260 25.10 4.79 41.60
N THR A 261 25.47 5.87 42.33
CA THR A 261 24.76 6.42 43.50
C THR A 261 23.90 7.64 43.12
N SER A 262 24.03 8.09 41.85
CA SER A 262 23.33 9.23 41.26
C SER A 262 21.94 8.84 40.80
N TYR A 263 20.92 9.14 41.63
CA TYR A 263 19.51 8.87 41.33
C TYR A 263 19.07 9.52 40.03
N GLU A 264 19.46 10.78 39.83
CA GLU A 264 19.13 11.55 38.64
C GLU A 264 19.66 10.86 37.36
N ALA A 265 20.92 10.34 37.41
CA ALA A 265 21.54 9.60 36.31
C ALA A 265 20.90 8.23 36.10
N ASN A 266 20.61 7.50 37.20
CA ASN A 266 19.99 6.18 37.18
C ASN A 266 18.60 6.22 36.54
N VAL A 267 17.81 7.25 36.89
CA VAL A 267 16.46 7.49 36.35
C VAL A 267 16.61 7.65 34.82
N THR A 268 17.61 8.42 34.36
CA THR A 268 17.91 8.62 32.95
C THR A 268 18.27 7.29 32.29
N LEU A 269 19.26 6.56 32.86
CA LEU A 269 19.70 5.27 32.34
C LEU A 269 18.57 4.28 32.13
N VAL A 270 17.78 4.01 33.20
CA VAL A 270 16.72 2.99 33.18
C VAL A 270 15.50 3.38 32.31
N VAL A 271 15.04 4.64 32.42
CA VAL A 271 13.90 5.14 31.65
C VAL A 271 14.22 5.25 30.14
N SER A 272 15.38 5.83 29.76
CA SER A 272 15.80 5.98 28.35
C SER A 272 15.83 4.63 27.66
N THR A 273 16.59 3.67 28.23
CA THR A 273 16.71 2.30 27.69
C THR A 273 15.31 1.63 27.62
N LEU A 274 14.43 1.89 28.63
CA LEU A 274 13.05 1.37 28.62
C LEU A 274 12.30 1.86 27.40
N ILE A 275 12.44 3.14 27.06
CA ILE A 275 11.82 3.71 25.87
C ILE A 275 12.37 3.04 24.59
N ALA A 276 13.72 2.83 24.52
CA ALA A 276 14.32 2.15 23.35
C ALA A 276 13.82 0.69 23.25
N HIS A 277 13.50 0.03 24.41
CA HIS A 277 12.92 -1.33 24.41
C HIS A 277 11.52 -1.31 23.80
N ILE A 278 10.71 -0.28 24.15
CA ILE A 278 9.37 -0.07 23.58
C ILE A 278 9.46 0.07 22.04
N ALA A 279 10.48 0.82 21.54
CA ALA A 279 10.74 0.97 20.09
C ALA A 279 11.03 -0.41 19.45
N PHE A 280 11.94 -1.23 20.03
CA PHE A 280 12.17 -2.61 19.53
C PHE A 280 10.92 -3.51 19.63
N ASN A 281 10.17 -3.44 20.76
CA ASN A 281 8.92 -4.18 20.92
C ASN A 281 7.97 -3.85 19.76
N ILE A 282 7.63 -2.54 19.56
CA ILE A 282 6.75 -2.03 18.49
C ILE A 282 7.23 -2.47 17.13
N LEU A 283 8.54 -2.36 16.85
CA LEU A 283 9.17 -2.77 15.59
C LEU A 283 8.85 -4.23 15.30
N VAL A 284 9.14 -5.11 16.26
CA VAL A 284 8.89 -6.56 16.17
C VAL A 284 7.41 -6.85 15.91
N GLU A 285 6.49 -6.25 16.68
CA GLU A 285 5.07 -6.54 16.53
C GLU A 285 4.49 -6.01 15.20
N THR A 286 5.15 -5.06 14.50
CA THR A 286 4.70 -4.61 13.17
C THR A 286 4.96 -5.69 12.09
N ASN A 287 6.04 -6.49 12.22
CA ASN A 287 6.40 -7.56 11.26
C ASN A 287 5.71 -8.90 11.58
N LEU A 288 4.75 -8.91 12.51
CA LEU A 288 4.05 -10.13 12.93
C LEU A 288 2.55 -9.96 13.04
N PRO A 289 1.75 -11.05 12.83
CA PRO A 289 0.31 -10.92 13.08
C PRO A 289 0.00 -11.11 14.58
N LYS A 290 -1.21 -10.73 15.01
CA LYS A 290 -1.65 -10.89 16.38
C LYS A 290 -2.01 -12.36 16.61
N THR A 291 -1.24 -13.04 17.48
CA THR A 291 -1.41 -14.46 17.80
C THR A 291 -2.13 -14.69 19.14
N PRO A 292 -2.97 -15.75 19.25
CA PRO A 292 -3.63 -16.00 20.56
C PRO A 292 -2.71 -16.76 21.53
N TYR A 293 -1.43 -16.89 21.16
CA TYR A 293 -0.37 -17.59 21.88
C TYR A 293 0.88 -16.72 21.94
N MET A 294 1.77 -17.05 22.88
CA MET A 294 3.01 -16.30 23.04
C MET A 294 4.07 -16.83 22.07
N THR A 295 4.77 -15.92 21.37
CA THR A 295 5.88 -16.31 20.49
C THR A 295 7.16 -16.22 21.32
N TYR A 296 8.27 -16.81 20.84
CA TYR A 296 9.55 -16.84 21.54
C TYR A 296 10.09 -15.43 21.82
N THR A 297 10.23 -14.62 20.75
CA THR A 297 10.64 -13.22 20.77
C THR A 297 9.68 -12.42 21.67
N GLY A 298 8.39 -12.70 21.56
CA GLY A 298 7.34 -12.08 22.35
C GLY A 298 7.52 -12.27 23.84
N ALA A 299 7.86 -13.52 24.25
CA ALA A 299 8.11 -13.93 25.63
C ALA A 299 9.33 -13.18 26.19
N ILE A 300 10.48 -13.20 25.46
CA ILE A 300 11.72 -12.52 25.83
C ILE A 300 11.44 -11.02 25.99
N ILE A 301 10.84 -10.37 24.96
CA ILE A 301 10.50 -8.95 24.96
C ILE A 301 9.64 -8.61 26.18
N PHE A 302 8.62 -9.42 26.48
CA PHE A 302 7.73 -9.18 27.62
C PHE A 302 8.47 -9.26 28.96
N MET A 303 9.26 -10.34 29.14
CA MET A 303 10.04 -10.59 30.33
C MET A 303 11.02 -9.43 30.62
N ILE A 304 11.63 -8.86 29.56
CA ILE A 304 12.57 -7.74 29.69
C ILE A 304 11.87 -6.51 30.31
N TYR A 305 10.55 -6.30 30.08
CA TYR A 305 9.82 -5.21 30.73
C TYR A 305 9.89 -5.35 32.24
N LEU A 306 9.75 -6.61 32.76
CA LEU A 306 9.80 -6.91 34.19
C LEU A 306 11.15 -6.53 34.80
N PHE A 307 12.24 -6.76 34.04
CA PHE A 307 13.60 -6.42 34.43
C PHE A 307 13.77 -4.92 34.57
N TYR A 308 13.16 -4.15 33.64
CA TYR A 308 13.20 -2.68 33.65
C TYR A 308 12.40 -2.14 34.83
N PHE A 309 11.23 -2.75 35.09
CA PHE A 309 10.37 -2.38 36.20
C PHE A 309 11.07 -2.60 37.53
N VAL A 310 11.66 -3.80 37.73
CA VAL A 310 12.36 -4.13 38.97
C VAL A 310 13.60 -3.23 39.15
N ALA A 311 14.30 -2.86 38.04
CA ALA A 311 15.44 -1.93 38.11
C ALA A 311 14.97 -0.57 38.60
N VAL A 312 13.78 -0.09 38.14
CA VAL A 312 13.20 1.17 38.60
C VAL A 312 12.93 1.06 40.13
N ILE A 313 12.35 -0.06 40.60
CA ILE A 313 12.12 -0.27 42.02
C ILE A 313 13.44 -0.14 42.77
N GLU A 314 14.51 -0.86 42.34
CA GLU A 314 15.84 -0.82 42.95
C GLU A 314 16.37 0.61 43.06
N VAL A 315 16.40 1.34 41.93
CA VAL A 315 16.87 2.72 41.81
C VAL A 315 16.14 3.63 42.82
N THR A 316 14.80 3.44 42.95
CA THR A 316 13.89 4.14 43.86
C THR A 316 14.22 3.82 45.33
N VAL A 317 14.35 2.51 45.65
CA VAL A 317 14.68 1.98 46.98
C VAL A 317 16.03 2.52 47.46
N GLN A 318 17.08 2.40 46.63
CA GLN A 318 18.43 2.90 46.91
C GLN A 318 18.43 4.39 47.27
N HIS A 319 17.70 5.22 46.51
CA HIS A 319 17.59 6.66 46.74
C HIS A 319 16.84 6.99 48.04
N TYR A 320 15.72 6.28 48.29
CA TYR A 320 14.89 6.47 49.49
C TYR A 320 15.72 6.25 50.77
N LEU A 321 16.46 5.11 50.81
CA LEU A 321 17.32 4.72 51.92
C LEU A 321 18.43 5.72 52.13
N LYS A 322 19.07 6.19 51.04
CA LYS A 322 20.15 7.19 51.11
C LYS A 322 19.65 8.53 51.67
N VAL A 323 18.41 8.93 51.32
CA VAL A 323 17.77 10.15 51.83
C VAL A 323 17.39 9.98 53.33
N GLU A 324 17.00 8.74 53.73
CA GLU A 324 16.62 8.34 55.09
C GLU A 324 17.85 8.17 55.97
N SER A 325 19.04 8.49 55.42
CA SER A 325 20.35 8.41 56.08
C SER A 325 20.73 6.96 56.45
N GLN A 326 20.35 6.00 55.60
CA GLN A 326 20.75 4.60 55.79
C GLN A 326 21.33 4.04 54.46
N PRO A 327 22.53 4.55 54.03
CA PRO A 327 23.12 4.08 52.77
C PRO A 327 23.76 2.70 52.88
N ALA A 328 23.89 2.16 54.10
CA ALA A 328 24.45 0.84 54.34
C ALA A 328 23.54 -0.24 53.77
N ARG A 329 22.22 -0.06 53.88
CA ARG A 329 21.31 -1.04 53.28
C ARG A 329 21.36 -0.79 51.80
N ALA A 330 21.10 0.46 51.40
CA ALA A 330 21.12 0.85 50.01
C ALA A 330 22.29 0.23 49.26
N ALA A 331 23.49 0.19 49.89
CA ALA A 331 24.70 -0.38 49.31
C ALA A 331 24.62 -1.88 49.17
N SER A 332 24.04 -2.57 50.15
CA SER A 332 23.89 -4.03 50.15
C SER A 332 22.88 -4.49 49.10
N ILE A 333 21.79 -3.73 48.92
CA ILE A 333 20.75 -4.01 47.92
C ILE A 333 21.34 -3.80 46.51
N THR A 334 22.08 -2.70 46.30
CA THR A 334 22.71 -2.38 45.01
C THR A 334 23.80 -3.41 44.67
N ARG A 335 24.60 -3.84 45.66
CA ARG A 335 25.65 -4.85 45.49
C ARG A 335 25.07 -6.21 45.08
N ALA A 336 23.92 -6.59 45.67
CA ALA A 336 23.21 -7.84 45.36
C ALA A 336 22.66 -7.79 43.95
N SER A 337 22.01 -6.66 43.57
CA SER A 337 21.41 -6.40 42.26
C SER A 337 22.38 -6.66 41.11
N ARG A 338 23.67 -6.28 41.30
CA ARG A 338 24.78 -6.45 40.35
C ARG A 338 24.94 -7.88 39.89
N ILE A 339 24.69 -8.86 40.80
CA ILE A 339 24.75 -10.29 40.56
C ILE A 339 23.36 -10.83 40.21
N ALA A 340 22.34 -10.52 41.05
CA ALA A 340 20.95 -10.97 40.90
C ALA A 340 20.34 -10.74 39.52
N PHE A 341 20.41 -9.49 38.99
CA PHE A 341 19.86 -9.15 37.68
C PHE A 341 20.44 -10.01 36.55
N PRO A 342 21.77 -10.07 36.27
CA PRO A 342 22.26 -10.95 35.19
C PRO A 342 21.98 -12.45 35.43
N VAL A 343 22.12 -12.94 36.68
CA VAL A 343 21.88 -14.35 37.06
C VAL A 343 20.43 -14.77 36.76
N VAL A 344 19.45 -14.00 37.28
CA VAL A 344 18.02 -14.26 37.06
C VAL A 344 17.68 -14.12 35.55
N PHE A 345 18.28 -13.14 34.84
CA PHE A 345 18.06 -12.99 33.40
C PHE A 345 18.54 -14.22 32.64
N LEU A 346 19.79 -14.66 32.92
CA LEU A 346 20.42 -15.83 32.32
C LEU A 346 19.61 -17.10 32.61
N LEU A 347 19.14 -17.29 33.86
CA LEU A 347 18.32 -18.46 34.22
C LEU A 347 16.93 -18.43 33.56
N ALA A 348 16.24 -17.27 33.59
CA ALA A 348 14.91 -17.10 33.00
C ALA A 348 14.91 -17.41 31.50
N ASN A 349 15.98 -17.00 30.80
CA ASN A 349 16.18 -17.26 29.39
C ASN A 349 16.41 -18.74 29.10
N ILE A 350 17.14 -19.46 29.99
CA ILE A 350 17.35 -20.90 29.86
C ILE A 350 15.99 -21.58 29.96
N ILE A 351 15.17 -21.17 30.96
CA ILE A 351 13.81 -21.67 31.20
C ILE A 351 12.93 -21.47 29.97
N LEU A 352 12.91 -20.24 29.40
CA LEU A 352 12.13 -19.92 28.21
C LEU A 352 12.53 -20.72 26.98
N ALA A 353 13.84 -20.77 26.66
CA ALA A 353 14.37 -21.52 25.52
C ALA A 353 14.03 -23.00 25.66
N PHE A 354 14.01 -23.51 26.91
CA PHE A 354 13.64 -24.89 27.19
C PHE A 354 12.16 -25.14 26.86
N LEU A 355 11.26 -24.23 27.29
CA LEU A 355 9.82 -24.34 27.05
C LEU A 355 9.48 -24.21 25.57
N PHE A 356 10.20 -23.33 24.85
CA PHE A 356 9.95 -23.06 23.44
C PHE A 356 10.64 -24.01 22.46
N PHE A 357 11.72 -24.72 22.87
CA PHE A 357 12.45 -25.58 21.93
C PHE A 357 12.70 -27.00 22.42
N VAL B 47 -4.77 -24.18 -35.38
CA VAL B 47 -3.45 -23.81 -35.87
C VAL B 47 -2.37 -24.77 -35.33
N SER B 48 -1.43 -25.18 -36.20
CA SER B 48 -0.34 -26.11 -35.90
C SER B 48 1.04 -25.45 -36.17
N PRO B 49 2.16 -25.97 -35.61
CA PRO B 49 3.47 -25.34 -35.88
C PRO B 49 4.01 -25.60 -37.29
N PRO B 50 4.93 -24.76 -37.84
CA PRO B 50 5.45 -25.01 -39.19
C PRO B 50 6.16 -26.37 -39.33
N PRO B 51 5.95 -27.12 -40.43
CA PRO B 51 6.60 -28.43 -40.55
C PRO B 51 8.07 -28.34 -40.94
N PRO B 52 8.94 -29.26 -40.45
CA PRO B 52 10.36 -29.18 -40.81
C PRO B 52 10.67 -29.72 -42.20
N ILE B 53 11.55 -29.03 -42.96
CA ILE B 53 11.95 -29.46 -44.31
C ILE B 53 12.78 -30.75 -44.21
N ALA B 54 13.70 -30.79 -43.22
CA ALA B 54 14.55 -31.93 -42.84
C ALA B 54 14.15 -31.99 -41.37
N ASP B 55 14.91 -32.70 -40.54
CA ASP B 55 14.69 -32.95 -39.12
C ASP B 55 15.12 -31.79 -38.15
N GLU B 56 15.36 -30.58 -38.69
CA GLU B 56 15.82 -29.41 -37.94
C GLU B 56 14.77 -28.80 -36.98
N PRO B 57 15.21 -28.18 -35.84
CA PRO B 57 14.23 -27.50 -34.97
C PRO B 57 13.87 -26.12 -35.53
N LEU B 58 12.88 -25.44 -34.92
CA LEU B 58 12.49 -24.11 -35.36
C LEU B 58 13.25 -23.03 -34.55
N THR B 59 13.98 -22.16 -35.24
CA THR B 59 14.75 -21.09 -34.64
C THR B 59 13.89 -19.82 -34.57
N VAL B 60 13.61 -19.36 -33.33
CA VAL B 60 12.85 -18.14 -33.08
C VAL B 60 13.87 -17.09 -32.62
N ASN B 61 14.13 -16.11 -33.49
CA ASN B 61 15.07 -15.03 -33.22
C ASN B 61 14.38 -13.98 -32.39
N THR B 62 14.93 -13.76 -31.20
CA THR B 62 14.38 -12.84 -30.22
C THR B 62 15.16 -11.53 -30.14
N GLY B 63 14.52 -10.54 -29.53
CA GLY B 63 15.07 -9.21 -29.29
C GLY B 63 14.22 -8.43 -28.32
N ILE B 64 14.87 -7.85 -27.29
CA ILE B 64 14.20 -7.01 -26.30
C ILE B 64 14.80 -5.60 -26.41
N TYR B 65 13.95 -4.59 -26.62
CA TYR B 65 14.38 -3.19 -26.70
C TYR B 65 13.66 -2.44 -25.59
N LEU B 66 14.40 -2.06 -24.50
CA LEU B 66 13.84 -1.36 -23.32
C LEU B 66 13.38 0.05 -23.65
N ILE B 67 12.13 0.38 -23.28
CA ILE B 67 11.51 1.69 -23.47
C ILE B 67 11.57 2.44 -22.12
N GLU B 68 11.18 1.77 -21.00
N GLU B 68 11.26 1.73 -21.02
CA GLU B 68 11.17 2.33 -19.64
CA GLU B 68 11.26 2.25 -19.66
C GLU B 68 11.59 1.30 -18.58
C GLU B 68 11.80 1.24 -18.66
N CYS B 69 12.34 1.76 -17.57
CA CYS B 69 12.85 0.99 -16.44
C CYS B 69 12.42 1.72 -15.23
N TYR B 70 11.78 1.04 -14.29
CA TYR B 70 11.27 1.69 -13.08
C TYR B 70 11.07 0.71 -11.93
N SER B 71 10.67 1.25 -10.77
CA SER B 71 10.33 0.55 -9.54
C SER B 71 11.28 -0.61 -9.17
N LEU B 72 12.61 -0.31 -9.02
CA LEU B 72 13.51 -1.34 -8.52
C LEU B 72 13.30 -1.34 -7.00
N ASP B 73 12.57 -2.35 -6.51
CA ASP B 73 12.19 -2.59 -5.11
C ASP B 73 13.25 -3.47 -4.51
N ASP B 74 14.04 -2.94 -3.58
CA ASP B 74 15.13 -3.71 -2.95
C ASP B 74 14.64 -4.78 -2.00
N LYS B 75 13.56 -4.45 -1.26
CA LYS B 75 12.96 -5.35 -0.30
C LYS B 75 12.40 -6.56 -1.03
N ALA B 76 11.66 -6.30 -2.14
CA ALA B 76 11.01 -7.30 -2.99
C ALA B 76 11.93 -8.00 -3.98
N GLU B 77 13.11 -7.43 -4.25
CA GLU B 77 14.07 -7.91 -5.24
C GLU B 77 13.41 -8.02 -6.63
N THR B 78 12.61 -7.00 -6.98
CA THR B 78 11.89 -6.90 -8.25
C THR B 78 12.13 -5.54 -8.90
N PHE B 79 11.89 -5.47 -10.23
CA PHE B 79 11.96 -4.27 -11.04
C PHE B 79 10.87 -4.33 -12.09
N LYS B 80 10.39 -3.19 -12.53
CA LYS B 80 9.37 -3.13 -13.56
C LYS B 80 10.01 -2.68 -14.87
N VAL B 81 9.59 -3.30 -15.97
CA VAL B 81 10.12 -3.04 -17.29
C VAL B 81 8.99 -2.81 -18.30
N ASN B 82 9.25 -1.96 -19.29
CA ASN B 82 8.34 -1.66 -20.38
C ASN B 82 9.21 -1.69 -21.62
N ALA B 83 9.00 -2.69 -22.48
CA ALA B 83 9.87 -2.93 -23.62
C ALA B 83 9.17 -3.43 -24.85
N PHE B 84 9.96 -3.66 -25.91
CA PHE B 84 9.52 -4.25 -27.18
C PHE B 84 10.05 -5.66 -27.19
N LEU B 85 9.21 -6.62 -27.57
CA LEU B 85 9.65 -8.01 -27.75
C LEU B 85 9.47 -8.29 -29.23
N SER B 86 10.57 -8.63 -29.90
CA SER B 86 10.51 -8.95 -31.31
C SER B 86 10.82 -10.44 -31.50
N LEU B 87 9.99 -11.12 -32.28
CA LEU B 87 10.16 -12.54 -32.59
C LEU B 87 10.17 -12.71 -34.09
N SER B 88 10.99 -13.65 -34.60
CA SER B 88 11.09 -13.96 -36.02
C SER B 88 11.39 -15.42 -36.28
N TRP B 89 10.56 -16.05 -37.12
CA TRP B 89 10.67 -17.46 -37.50
C TRP B 89 10.18 -17.66 -38.95
N LYS B 90 10.54 -18.80 -39.56
CA LYS B 90 10.09 -19.14 -40.93
C LYS B 90 8.93 -20.13 -40.89
N ASP B 91 7.83 -19.76 -41.58
CA ASP B 91 6.64 -20.60 -41.78
C ASP B 91 6.37 -20.62 -43.28
N ARG B 92 6.86 -21.67 -43.98
CA ARG B 92 6.72 -21.83 -45.43
C ARG B 92 5.27 -21.95 -45.89
N ARG B 93 4.33 -22.32 -44.99
CA ARG B 93 2.89 -22.40 -45.28
C ARG B 93 2.31 -21.00 -45.57
N LEU B 94 2.96 -19.95 -45.04
CA LEU B 94 2.57 -18.54 -45.21
C LEU B 94 3.21 -17.86 -46.43
N ALA B 95 3.86 -18.67 -47.30
CA ALA B 95 4.48 -18.17 -48.53
C ALA B 95 3.42 -17.66 -49.50
N PHE B 96 3.73 -16.56 -50.22
CA PHE B 96 2.82 -15.93 -51.18
C PHE B 96 3.58 -15.27 -52.33
N ASP B 97 2.90 -15.11 -53.50
CA ASP B 97 3.47 -14.43 -54.65
C ASP B 97 3.02 -12.97 -54.63
N PRO B 98 3.94 -12.00 -54.53
CA PRO B 98 3.54 -10.58 -54.54
C PRO B 98 2.83 -10.11 -55.82
N VAL B 99 2.98 -10.85 -56.93
CA VAL B 99 2.34 -10.53 -58.19
C VAL B 99 0.85 -10.88 -58.06
N ARG B 100 0.53 -12.02 -57.41
CA ARG B 100 -0.84 -12.49 -57.19
C ARG B 100 -1.54 -11.74 -56.04
N SER B 101 -0.86 -11.59 -54.89
CA SER B 101 -1.38 -10.92 -53.69
C SER B 101 -1.50 -9.41 -53.84
N GLY B 102 -0.74 -8.84 -54.78
CA GLY B 102 -0.70 -7.41 -55.04
C GLY B 102 -0.03 -6.63 -53.92
N VAL B 103 0.71 -7.35 -53.06
CA VAL B 103 1.42 -6.79 -51.91
C VAL B 103 2.75 -7.53 -51.66
N ARG B 104 3.82 -6.76 -51.37
CA ARG B 104 5.18 -7.24 -51.13
C ARG B 104 5.38 -7.85 -49.74
N VAL B 105 4.57 -7.39 -48.76
CA VAL B 105 4.61 -7.89 -47.37
C VAL B 105 3.16 -8.03 -46.89
N LYS B 106 2.84 -9.15 -46.23
CA LYS B 106 1.49 -9.40 -45.70
C LYS B 106 1.45 -9.14 -44.18
N THR B 107 0.37 -8.50 -43.72
CA THR B 107 0.14 -8.21 -42.30
C THR B 107 -0.96 -9.14 -41.77
N TYR B 108 -0.73 -9.80 -40.63
CA TYR B 108 -1.68 -10.73 -40.02
C TYR B 108 -2.06 -10.37 -38.60
N GLU B 109 -3.24 -10.85 -38.16
CA GLU B 109 -3.75 -10.71 -36.80
C GLU B 109 -3.20 -11.91 -36.00
N PRO B 110 -2.88 -11.77 -34.69
CA PRO B 110 -2.31 -12.91 -33.94
C PRO B 110 -3.08 -14.23 -34.04
N GLU B 111 -4.40 -14.17 -33.96
CA GLU B 111 -5.32 -15.31 -34.05
C GLU B 111 -5.30 -16.02 -35.41
N ALA B 112 -4.99 -15.27 -36.49
CA ALA B 112 -4.94 -15.80 -37.86
C ALA B 112 -3.80 -16.79 -38.13
N ILE B 113 -2.63 -16.61 -37.48
CA ILE B 113 -1.46 -17.46 -37.73
C ILE B 113 -0.87 -18.12 -36.48
N TRP B 114 0.00 -19.13 -36.67
CA TRP B 114 0.70 -19.81 -35.59
C TRP B 114 1.83 -18.90 -35.10
N ILE B 115 1.85 -18.64 -33.78
CA ILE B 115 2.86 -17.82 -33.12
C ILE B 115 3.45 -18.68 -31.99
N PRO B 116 4.80 -18.75 -31.86
CA PRO B 116 5.39 -19.58 -30.80
C PRO B 116 5.09 -19.03 -29.41
N GLU B 117 4.69 -19.93 -28.47
CA GLU B 117 4.37 -19.56 -27.09
C GLU B 117 5.65 -19.26 -26.34
N ILE B 118 6.11 -18.00 -26.45
CA ILE B 118 7.30 -17.47 -25.76
C ILE B 118 6.81 -16.87 -24.43
N ARG B 119 7.46 -17.27 -23.33
CA ARG B 119 7.12 -16.80 -22.00
C ARG B 119 8.37 -16.31 -21.27
N PHE B 120 8.17 -15.47 -20.24
CA PHE B 120 9.24 -14.96 -19.38
C PHE B 120 9.25 -15.86 -18.16
N VAL B 121 10.42 -16.34 -17.75
CA VAL B 121 10.56 -17.24 -16.60
C VAL B 121 10.32 -16.48 -15.27
N ASN B 122 11.13 -15.44 -15.02
CA ASN B 122 11.15 -14.69 -13.76
C ASN B 122 10.24 -13.46 -13.72
N VAL B 123 8.96 -13.63 -14.04
CA VAL B 123 7.96 -12.57 -13.92
C VAL B 123 6.97 -12.90 -12.82
N GLU B 124 6.45 -11.88 -12.11
CA GLU B 124 5.48 -12.07 -11.03
C GLU B 124 4.16 -12.61 -11.64
N ASN B 125 3.48 -11.78 -12.42
CA ASN B 125 2.28 -12.22 -13.13
C ASN B 125 2.54 -12.15 -14.63
N ALA B 126 1.84 -12.95 -15.45
CA ALA B 126 2.01 -12.96 -16.91
C ALA B 126 1.99 -11.53 -17.50
N ARG B 127 3.02 -11.21 -18.32
CA ARG B 127 3.23 -9.91 -18.97
C ARG B 127 1.98 -9.35 -19.71
N ASP B 128 1.82 -8.03 -19.64
CA ASP B 128 0.76 -7.31 -20.34
C ASP B 128 1.37 -7.08 -21.72
N ALA B 129 0.82 -7.73 -22.77
CA ALA B 129 1.35 -7.63 -24.12
C ALA B 129 0.33 -7.11 -25.11
N ASP B 130 0.78 -6.17 -25.95
CA ASP B 130 0.00 -5.53 -27.00
C ASP B 130 0.78 -5.70 -28.30
N VAL B 131 0.23 -6.49 -29.24
CA VAL B 131 0.86 -6.77 -30.53
C VAL B 131 0.87 -5.49 -31.37
N VAL B 132 2.07 -5.07 -31.77
CA VAL B 132 2.35 -3.87 -32.56
C VAL B 132 2.20 -4.20 -34.06
N ASP B 133 2.85 -5.29 -34.52
CA ASP B 133 2.82 -5.72 -35.91
C ASP B 133 3.25 -7.17 -36.08
N ILE B 134 2.72 -7.83 -37.10
CA ILE B 134 3.04 -9.18 -37.55
C ILE B 134 3.15 -9.07 -39.07
N SER B 135 4.35 -9.26 -39.62
CA SER B 135 4.63 -9.12 -41.04
C SER B 135 5.27 -10.36 -41.64
N VAL B 136 4.64 -10.90 -42.70
CA VAL B 136 5.14 -12.08 -43.39
C VAL B 136 5.63 -11.66 -44.77
N SER B 137 6.88 -12.02 -45.09
CA SER B 137 7.49 -11.75 -46.39
C SER B 137 7.18 -12.93 -47.36
N PRO B 138 7.34 -12.79 -48.71
CA PRO B 138 7.00 -13.91 -49.63
C PRO B 138 7.59 -15.28 -49.28
N ASP B 139 8.84 -15.34 -48.76
CA ASP B 139 9.49 -16.62 -48.39
C ASP B 139 8.87 -17.29 -47.17
N GLY B 140 8.01 -16.56 -46.45
CA GLY B 140 7.33 -17.05 -45.26
C GLY B 140 7.97 -16.66 -43.94
N THR B 141 8.93 -15.71 -43.95
CA THR B 141 9.58 -15.25 -42.72
C THR B 141 8.66 -14.28 -42.01
N VAL B 142 8.24 -14.65 -40.78
CA VAL B 142 7.34 -13.86 -39.96
C VAL B 142 8.16 -12.92 -39.07
N GLN B 143 7.74 -11.64 -38.99
CA GLN B 143 8.35 -10.62 -38.15
C GLN B 143 7.31 -10.07 -37.20
N TYR B 144 7.31 -10.63 -35.98
CA TYR B 144 6.41 -10.32 -34.88
C TYR B 144 7.01 -9.23 -34.00
N LEU B 145 6.17 -8.30 -33.56
CA LEU B 145 6.56 -7.22 -32.65
C LEU B 145 5.43 -6.89 -31.69
N GLU B 146 5.75 -6.90 -30.41
CA GLU B 146 4.79 -6.59 -29.35
C GLU B 146 5.41 -5.65 -28.35
N ARG B 147 4.56 -4.86 -27.71
CA ARG B 147 5.04 -4.01 -26.63
C ARG B 147 4.53 -4.63 -25.34
N PHE B 148 5.44 -4.84 -24.39
CA PHE B 148 5.04 -5.47 -23.15
C PHE B 148 5.50 -4.68 -21.91
N SER B 149 4.90 -5.01 -20.76
CA SER B 149 5.26 -4.49 -19.46
C SER B 149 5.23 -5.65 -18.46
N ALA B 150 6.29 -5.82 -17.68
CA ALA B 150 6.37 -6.92 -16.71
C ALA B 150 7.10 -6.55 -15.41
N ARG B 151 6.71 -7.20 -14.30
CA ARG B 151 7.38 -7.02 -13.00
C ARG B 151 8.29 -8.25 -12.87
N VAL B 152 9.57 -8.03 -13.06
CA VAL B 152 10.61 -9.05 -13.07
C VAL B 152 11.22 -9.30 -11.69
N LEU B 153 11.30 -10.57 -11.29
CA LEU B 153 11.87 -11.08 -10.04
C LEU B 153 13.33 -11.36 -10.31
N SER B 154 14.23 -10.56 -9.78
CA SER B 154 15.66 -10.80 -9.98
C SER B 154 16.41 -10.59 -8.65
N PRO B 155 17.12 -11.63 -8.15
CA PRO B 155 17.84 -11.50 -6.86
C PRO B 155 18.95 -10.46 -6.85
N LEU B 156 19.04 -9.72 -5.72
CA LEU B 156 20.03 -8.66 -5.51
C LEU B 156 21.09 -9.06 -4.45
N ASP B 157 22.37 -8.67 -4.68
CA ASP B 157 23.46 -8.94 -3.74
C ASP B 157 23.86 -7.68 -2.90
N PHE B 158 23.07 -7.41 -1.84
CA PHE B 158 23.22 -6.31 -0.88
C PHE B 158 24.55 -6.25 -0.06
N ARG B 159 25.49 -7.21 -0.25
CA ARG B 159 26.75 -7.28 0.48
C ARG B 159 27.51 -5.94 0.51
N ARG B 160 27.74 -5.27 -0.65
CA ARG B 160 28.50 -4.01 -0.67
C ARG B 160 27.62 -2.77 -0.59
N TYR B 161 26.33 -2.93 -0.22
CA TYR B 161 25.35 -1.87 -0.07
C TYR B 161 25.81 -0.69 0.84
N PRO B 162 25.62 0.59 0.42
CA PRO B 162 24.94 1.06 -0.79
C PRO B 162 25.88 1.35 -1.96
N PHE B 163 27.06 0.68 -1.99
CA PHE B 163 28.08 0.79 -3.04
C PHE B 163 28.03 -0.51 -3.90
N ASP B 164 26.83 -1.12 -3.99
CA ASP B 164 26.55 -2.37 -4.68
C ASP B 164 26.14 -2.20 -6.15
N SER B 165 26.65 -3.11 -7.00
CA SER B 165 26.32 -3.21 -8.41
C SER B 165 25.55 -4.52 -8.61
N GLN B 166 24.59 -4.50 -9.52
CA GLN B 166 23.70 -5.64 -9.78
C GLN B 166 23.63 -6.02 -11.24
N THR B 167 23.31 -7.30 -11.49
CA THR B 167 23.03 -7.85 -12.82
C THR B 167 21.60 -8.36 -12.79
N LEU B 168 20.67 -7.54 -13.29
CA LEU B 168 19.27 -7.89 -13.38
C LEU B 168 19.09 -8.83 -14.59
N HIS B 169 18.24 -9.87 -14.46
CA HIS B 169 18.01 -10.83 -15.53
C HIS B 169 16.58 -10.86 -15.99
N ILE B 170 16.40 -11.08 -17.30
CA ILE B 170 15.12 -11.28 -17.95
C ILE B 170 15.31 -12.57 -18.74
N TYR B 171 14.70 -13.67 -18.27
CA TYR B 171 14.81 -14.98 -18.93
C TYR B 171 13.64 -15.27 -19.88
N LEU B 172 13.95 -15.47 -21.16
CA LEU B 172 12.96 -15.85 -22.18
C LEU B 172 12.96 -17.35 -22.32
N ILE B 173 11.79 -17.97 -22.49
CA ILE B 173 11.72 -19.43 -22.64
C ILE B 173 10.66 -19.85 -23.67
N VAL B 174 10.88 -21.02 -24.27
CA VAL B 174 9.96 -21.66 -25.22
C VAL B 174 9.97 -23.17 -24.98
N ARG B 175 8.78 -23.76 -24.87
CA ARG B 175 8.66 -25.19 -24.69
C ARG B 175 8.39 -25.80 -26.07
N SER B 176 9.19 -26.81 -26.44
CA SER B 176 9.08 -27.55 -27.70
C SER B 176 7.74 -28.27 -27.76
N VAL B 177 7.17 -28.34 -28.96
CA VAL B 177 5.88 -28.99 -29.18
C VAL B 177 6.06 -30.43 -29.65
N ASP B 178 4.93 -31.15 -29.68
CA ASP B 178 4.74 -32.55 -30.09
C ASP B 178 5.41 -32.86 -31.43
N THR B 179 5.07 -32.06 -32.45
CA THR B 179 5.54 -32.19 -33.82
C THR B 179 7.03 -31.86 -33.96
N ARG B 180 7.49 -30.66 -33.49
CA ARG B 180 8.91 -30.31 -33.60
C ARG B 180 9.43 -29.43 -32.45
N ASN B 181 10.76 -29.46 -32.28
CA ASN B 181 11.48 -28.72 -31.27
C ASN B 181 11.64 -27.27 -31.67
N ILE B 182 11.61 -26.38 -30.67
CA ILE B 182 11.77 -24.94 -30.85
C ILE B 182 12.98 -24.47 -30.03
N VAL B 183 13.92 -23.81 -30.72
CA VAL B 183 15.17 -23.29 -30.14
C VAL B 183 15.20 -21.76 -30.27
N LEU B 184 15.62 -21.08 -29.20
CA LEU B 184 15.71 -19.63 -29.18
C LEU B 184 17.04 -19.11 -29.71
N ALA B 185 17.04 -17.88 -30.25
CA ALA B 185 18.23 -17.23 -30.79
C ALA B 185 18.15 -15.73 -30.52
N VAL B 186 19.28 -15.04 -30.63
CA VAL B 186 19.35 -13.60 -30.37
C VAL B 186 19.71 -12.87 -31.65
N ASP B 187 18.85 -11.92 -32.07
CA ASP B 187 19.11 -11.03 -33.19
C ASP B 187 19.59 -9.75 -32.51
N LEU B 188 20.92 -9.58 -32.44
CA LEU B 188 21.60 -8.46 -31.77
C LEU B 188 21.18 -7.09 -32.30
N GLU B 189 20.75 -7.04 -33.55
CA GLU B 189 20.27 -5.85 -34.24
C GLU B 189 18.95 -5.34 -33.63
N LYS B 190 18.20 -6.24 -32.96
CA LYS B 190 16.91 -5.93 -32.35
C LYS B 190 16.93 -5.99 -30.79
N VAL B 191 18.15 -5.93 -30.20
CA VAL B 191 18.40 -5.91 -28.75
C VAL B 191 19.02 -4.55 -28.41
N GLY B 192 18.42 -3.84 -27.45
CA GLY B 192 18.90 -2.54 -27.01
C GLY B 192 18.03 -1.91 -25.95
N LYS B 193 18.19 -0.57 -25.79
CA LYS B 193 17.47 0.27 -24.84
C LYS B 193 17.47 1.72 -25.32
N ASN B 194 16.38 2.44 -25.06
CA ASN B 194 16.20 3.86 -25.39
C ASN B 194 17.20 4.70 -24.57
N ASP B 195 17.71 5.80 -25.16
CA ASP B 195 18.69 6.70 -24.51
C ASP B 195 18.14 7.38 -23.25
N ASP B 196 16.82 7.60 -23.18
CA ASP B 196 16.10 8.21 -22.07
C ASP B 196 15.82 7.22 -20.91
N VAL B 197 16.10 5.91 -21.11
CA VAL B 197 15.89 4.87 -20.08
C VAL B 197 16.71 5.22 -18.84
N PHE B 198 15.99 5.54 -17.76
CA PHE B 198 16.56 5.91 -16.46
C PHE B 198 15.94 5.02 -15.39
N LEU B 199 16.75 4.56 -14.44
CA LEU B 199 16.25 3.78 -13.33
C LEU B 199 16.59 4.58 -12.10
N THR B 200 15.58 5.28 -11.50
CA THR B 200 15.72 6.14 -10.32
C THR B 200 16.63 5.52 -9.27
N GLY B 201 17.67 6.24 -8.89
CA GLY B 201 18.65 5.82 -7.88
C GLY B 201 19.68 4.80 -8.33
N TRP B 202 19.74 4.55 -9.64
CA TRP B 202 20.66 3.60 -10.27
C TRP B 202 21.24 4.17 -11.54
N ASP B 203 22.44 3.68 -11.90
CA ASP B 203 23.13 3.99 -13.15
C ASP B 203 23.06 2.75 -14.01
N ILE B 204 22.53 2.87 -15.23
CA ILE B 204 22.41 1.73 -16.15
C ILE B 204 23.70 1.65 -16.95
N GLU B 205 24.43 0.54 -16.83
CA GLU B 205 25.69 0.34 -17.54
C GLU B 205 25.50 -0.32 -18.90
N SER B 206 24.85 -1.50 -18.93
CA SER B 206 24.63 -2.27 -20.16
C SER B 206 23.34 -3.07 -20.14
N PHE B 207 22.87 -3.45 -21.33
CA PHE B 207 21.74 -4.34 -21.56
C PHE B 207 22.14 -5.22 -22.73
N THR B 208 22.61 -6.42 -22.43
CA THR B 208 23.09 -7.40 -23.41
C THR B 208 22.37 -8.74 -23.26
N ALA B 209 22.52 -9.63 -24.25
CA ALA B 209 21.94 -10.98 -24.21
C ALA B 209 23.00 -12.04 -24.37
N VAL B 210 22.92 -13.09 -23.53
CA VAL B 210 23.79 -14.26 -23.61
C VAL B 210 23.18 -15.02 -24.80
N VAL B 211 23.80 -14.85 -25.99
CA VAL B 211 23.40 -15.35 -27.31
C VAL B 211 23.19 -16.87 -27.38
N LYS B 212 23.95 -17.65 -26.57
CA LYS B 212 23.80 -19.12 -26.56
C LYS B 212 22.67 -19.51 -25.59
N PRO B 213 21.55 -20.10 -26.09
CA PRO B 213 20.47 -20.46 -25.19
C PRO B 213 20.78 -21.66 -24.30
N ALA B 214 20.14 -21.72 -23.13
CA ALA B 214 20.27 -22.83 -22.21
C ALA B 214 19.21 -23.84 -22.65
N ASN B 215 19.65 -24.88 -23.34
CA ASN B 215 18.74 -25.93 -23.81
C ASN B 215 18.79 -27.09 -22.83
N PHE B 216 17.61 -27.44 -22.28
CA PHE B 216 17.44 -28.48 -21.26
C PHE B 216 16.11 -29.20 -21.42
N ALA B 217 15.92 -30.30 -20.68
CA ALA B 217 14.69 -31.09 -20.71
C ALA B 217 13.90 -30.92 -19.42
N LEU B 218 12.60 -30.66 -19.54
CA LEU B 218 11.70 -30.50 -18.42
C LEU B 218 10.35 -31.15 -18.74
N GLU B 219 9.95 -32.11 -17.89
CA GLU B 219 8.71 -32.89 -17.97
C GLU B 219 8.54 -33.52 -19.37
N ASP B 220 9.58 -34.29 -19.78
CA ASP B 220 9.72 -35.05 -21.04
C ASP B 220 9.73 -34.18 -22.32
N ARG B 221 9.89 -32.85 -22.20
CA ARG B 221 9.97 -31.94 -23.36
C ARG B 221 11.15 -30.98 -23.26
N LEU B 222 11.66 -30.57 -24.42
CA LEU B 222 12.80 -29.67 -24.57
C LEU B 222 12.40 -28.22 -24.37
N GLU B 223 13.20 -27.50 -23.58
CA GLU B 223 13.01 -26.10 -23.27
C GLU B 223 14.26 -25.32 -23.63
N SER B 224 14.08 -24.20 -24.37
CA SER B 224 15.16 -23.31 -24.81
C SER B 224 15.02 -21.97 -24.09
N LYS B 225 15.96 -21.65 -23.18
CA LYS B 225 15.96 -20.45 -22.34
C LYS B 225 17.04 -19.44 -22.75
N LEU B 226 16.72 -18.13 -22.72
CA LEU B 226 17.67 -17.05 -23.05
C LEU B 226 17.85 -16.10 -21.89
N ASP B 227 19.10 -15.65 -21.67
CA ASP B 227 19.43 -14.73 -20.58
C ASP B 227 19.73 -13.33 -21.06
N TYR B 228 18.78 -12.41 -20.85
CA TYR B 228 18.95 -10.97 -21.13
C TYR B 228 19.42 -10.33 -19.81
N GLN B 229 20.59 -9.71 -19.82
CA GLN B 229 21.23 -9.12 -18.64
C GLN B 229 21.31 -7.61 -18.65
N LEU B 230 20.72 -6.97 -17.63
CA LEU B 230 20.75 -5.53 -17.44
C LEU B 230 21.71 -5.23 -16.29
N ARG B 231 22.90 -4.69 -16.62
CA ARG B 231 23.94 -4.35 -15.63
C ARG B 231 23.76 -2.94 -15.12
N ILE B 232 23.57 -2.82 -13.79
CA ILE B 232 23.31 -1.55 -13.10
C ILE B 232 24.19 -1.35 -11.87
N SER B 233 24.48 -0.09 -11.50
CA SER B 233 25.26 0.24 -10.30
C SER B 233 24.52 1.30 -9.51
N ARG B 234 24.46 1.11 -8.18
CA ARG B 234 23.73 1.99 -7.28
C ARG B 234 24.39 3.35 -7.08
N GLN B 235 23.56 4.41 -7.14
CA GLN B 235 23.93 5.80 -6.91
C GLN B 235 23.95 6.01 -5.38
N TYR B 236 25.12 5.82 -4.76
CA TYR B 236 25.30 5.95 -3.30
C TYR B 236 25.25 7.37 -2.75
N PHE B 237 25.45 8.40 -3.58
CA PHE B 237 25.49 9.81 -3.19
C PHE B 237 24.64 10.16 -1.97
N SER B 238 23.30 10.06 -2.09
CA SER B 238 22.31 10.43 -1.06
C SER B 238 22.54 9.78 0.31
N TYR B 239 23.09 8.55 0.33
CA TYR B 239 23.40 7.83 1.57
C TYR B 239 24.40 8.54 2.47
N ILE B 240 25.31 9.32 1.87
CA ILE B 240 26.34 10.09 2.58
C ILE B 240 25.72 11.26 3.40
N PRO B 241 25.02 12.27 2.82
CA PRO B 241 24.47 13.33 3.68
C PRO B 241 23.21 12.96 4.48
N ASN B 242 22.58 11.81 4.20
CA ASN B 242 21.33 11.40 4.84
C ASN B 242 21.43 10.34 5.91
N ILE B 243 22.42 9.44 5.81
CA ILE B 243 22.59 8.35 6.76
C ILE B 243 23.99 8.33 7.34
N ILE B 244 25.03 8.20 6.48
CA ILE B 244 26.43 8.08 6.87
C ILE B 244 26.92 9.25 7.72
N LEU B 245 26.92 10.49 7.19
CA LEU B 245 27.40 11.64 7.96
C LEU B 245 26.54 11.92 9.20
N PRO B 246 25.17 11.99 9.13
CA PRO B 246 24.39 12.17 10.38
C PRO B 246 24.74 11.17 11.49
N MET B 247 24.95 9.91 11.12
CA MET B 247 25.31 8.82 12.02
C MET B 247 26.66 9.04 12.68
N LEU B 248 27.66 9.53 11.91
CA LEU B 248 29.01 9.77 12.45
C LEU B 248 28.99 10.96 13.41
N PHE B 249 28.24 12.03 13.06
CA PHE B 249 28.09 13.22 13.90
C PHE B 249 27.63 12.86 15.31
N ILE B 250 26.56 12.05 15.44
CA ILE B 250 26.04 11.60 16.74
C ILE B 250 27.06 10.69 17.46
N LEU B 251 27.81 9.87 16.73
CA LEU B 251 28.87 9.04 17.36
C LEU B 251 29.99 9.92 17.97
N PHE B 252 30.36 11.02 17.27
CA PHE B 252 31.40 11.94 17.72
C PHE B 252 30.91 12.81 18.87
N ILE B 253 29.60 13.11 18.91
CA ILE B 253 28.96 13.87 19.99
C ILE B 253 29.01 13.05 21.28
N SER B 254 28.77 11.74 21.18
CA SER B 254 28.85 10.82 22.32
C SER B 254 30.27 10.84 22.93
N TRP B 255 31.33 10.98 22.11
CA TRP B 255 32.75 11.00 22.54
C TRP B 255 33.18 12.29 23.27
N THR B 256 32.32 13.33 23.29
CA THR B 256 32.61 14.56 24.03
C THR B 256 32.54 14.29 25.55
N ALA B 257 31.97 13.13 25.95
CA ALA B 257 31.88 12.67 27.33
C ALA B 257 33.28 12.36 27.88
N PHE B 258 34.28 12.21 26.98
CA PHE B 258 35.67 11.96 27.38
C PHE B 258 36.38 13.25 27.78
N TRP B 259 35.72 14.42 27.64
CA TRP B 259 36.21 15.73 28.06
C TRP B 259 35.24 16.34 29.08
N SER B 260 34.52 15.45 29.80
CA SER B 260 33.56 15.80 30.84
C SER B 260 33.68 14.89 32.04
N THR B 261 33.58 15.49 33.24
CA THR B 261 33.62 14.83 34.56
C THR B 261 32.21 14.67 35.14
N SER B 262 31.20 15.29 34.47
CA SER B 262 29.79 15.29 34.83
C SER B 262 29.11 14.00 34.37
N TYR B 263 28.99 13.01 35.28
CA TYR B 263 28.36 11.71 35.01
C TYR B 263 26.94 11.87 34.50
N GLU B 264 26.17 12.76 35.14
CA GLU B 264 24.78 13.07 34.78
C GLU B 264 24.68 13.55 33.32
N ALA B 265 25.62 14.43 32.89
CA ALA B 265 25.71 14.92 31.52
C ALA B 265 26.22 13.85 30.53
N ASN B 266 27.21 13.03 30.93
CA ASN B 266 27.76 11.96 30.08
C ASN B 266 26.71 10.89 29.77
N VAL B 267 25.89 10.56 30.79
CA VAL B 267 24.79 9.59 30.70
C VAL B 267 23.81 10.10 29.63
N THR B 268 23.44 11.41 29.66
CA THR B 268 22.58 12.02 28.64
C THR B 268 23.23 11.92 27.26
N LEU B 269 24.49 12.40 27.13
CA LEU B 269 25.28 12.34 25.88
C LEU B 269 25.31 10.98 25.21
N VAL B 270 25.87 9.95 25.88
CA VAL B 270 26.04 8.60 25.30
C VAL B 270 24.71 7.86 25.07
N VAL B 271 23.74 8.04 25.98
CA VAL B 271 22.43 7.40 25.91
C VAL B 271 21.59 8.03 24.79
N SER B 272 21.44 9.37 24.77
CA SER B 272 20.63 10.07 23.75
C SER B 272 21.13 9.84 22.33
N THR B 273 22.46 9.86 22.11
CA THR B 273 23.05 9.61 20.79
C THR B 273 22.84 8.17 20.39
N LEU B 274 22.85 7.22 21.37
CA LEU B 274 22.57 5.81 21.09
C LEU B 274 21.10 5.67 20.59
N ILE B 275 20.14 6.30 21.30
CA ILE B 275 18.78 6.22 20.80
C ILE B 275 18.70 6.66 19.30
N ALA B 276 19.51 7.68 18.91
CA ALA B 276 19.53 8.12 17.51
C ALA B 276 20.25 7.14 16.59
N HIS B 277 21.36 6.46 17.07
CA HIS B 277 22.01 5.41 16.22
C HIS B 277 21.07 4.21 16.00
N ILE B 278 20.01 4.11 16.88
CA ILE B 278 18.96 3.10 16.79
C ILE B 278 18.05 3.59 15.71
N ALA B 279 17.40 4.77 15.96
CA ALA B 279 16.41 5.45 15.04
C ALA B 279 16.93 5.46 13.61
N PHE B 280 18.29 5.36 13.44
CA PHE B 280 18.93 5.23 12.14
C PHE B 280 18.70 3.90 11.65
N ASN B 281 19.35 2.92 12.20
CA ASN B 281 19.42 1.50 11.79
C ASN B 281 17.97 0.95 11.36
N ILE B 282 16.84 1.28 12.27
CA ILE B 282 15.37 0.93 11.74
C ILE B 282 15.32 1.24 10.26
N LEU B 283 15.90 2.41 10.04
CA LEU B 283 15.81 3.10 8.74
C LEU B 283 16.30 2.32 7.81
N VAL B 284 17.83 2.12 7.91
CA VAL B 284 18.51 1.21 6.98
C VAL B 284 17.68 -0.01 7.07
N GLU B 285 17.37 -0.50 8.31
CA GLU B 285 16.46 -1.77 8.15
C GLU B 285 15.15 -1.55 7.42
N THR B 286 14.18 -0.39 7.78
CA THR B 286 12.88 0.01 7.12
C THR B 286 13.28 -0.29 5.70
N ASN B 287 14.32 0.40 5.16
CA ASN B 287 14.87 0.36 3.75
C ASN B 287 15.35 -0.99 3.09
N LEU B 288 15.68 -2.07 3.83
CA LEU B 288 16.22 -3.31 3.19
C LEU B 288 15.47 -4.65 3.41
N PRO B 289 15.70 -5.72 2.58
CA PRO B 289 15.15 -7.05 2.93
C PRO B 289 16.09 -7.70 3.99
N LYS B 290 15.67 -8.80 4.62
CA LYS B 290 16.44 -9.54 5.61
C LYS B 290 17.41 -10.49 4.87
N THR B 291 18.71 -10.29 5.03
CA THR B 291 19.73 -11.13 4.37
C THR B 291 20.36 -12.20 5.28
N PRO B 292 20.70 -13.40 4.74
CA PRO B 292 21.34 -14.42 5.60
C PRO B 292 22.84 -14.18 5.78
N TYR B 293 23.32 -13.03 5.31
CA TYR B 293 24.69 -12.55 5.38
C TYR B 293 24.62 -11.10 5.89
N MET B 294 25.79 -10.49 6.11
CA MET B 294 25.94 -9.12 6.57
C MET B 294 26.27 -8.20 5.38
N THR B 295 25.57 -7.09 5.27
CA THR B 295 25.80 -6.06 4.26
C THR B 295 26.86 -5.11 4.86
N TYR B 296 27.52 -4.29 4.02
CA TYR B 296 28.59 -3.38 4.46
C TYR B 296 28.12 -2.36 5.51
N THR B 297 26.98 -1.69 5.22
CA THR B 297 26.38 -0.73 6.09
C THR B 297 25.92 -1.39 7.42
N GLY B 298 25.52 -2.66 7.34
CA GLY B 298 24.97 -3.42 8.46
C GLY B 298 26.00 -3.71 9.52
N ALA B 299 27.20 -4.09 9.02
CA ALA B 299 28.41 -4.39 9.76
C ALA B 299 28.86 -3.10 10.48
N ILE B 300 28.96 -1.95 9.74
CA ILE B 300 29.28 -0.62 10.32
C ILE B 300 28.25 -0.25 11.40
N ILE B 301 26.94 -0.29 11.08
CA ILE B 301 25.91 0.01 12.09
C ILE B 301 26.08 -0.90 13.32
N PHE B 302 26.19 -2.22 13.11
CA PHE B 302 26.36 -3.14 14.26
C PHE B 302 27.59 -2.77 15.14
N MET B 303 28.74 -2.55 14.50
CA MET B 303 29.98 -2.20 15.18
C MET B 303 29.84 -0.93 16.03
N ILE B 304 29.14 0.10 15.50
CA ILE B 304 28.87 1.35 16.22
C ILE B 304 28.20 1.07 17.60
N TYR B 305 27.27 0.08 17.67
CA TYR B 305 26.62 -0.32 18.94
C TYR B 305 27.67 -0.72 20.01
N LEU B 306 28.75 -1.39 19.59
CA LEU B 306 29.83 -1.78 20.50
C LEU B 306 30.56 -0.56 21.05
N PHE B 307 30.75 0.47 20.22
CA PHE B 307 31.39 1.73 20.60
C PHE B 307 30.56 2.46 21.63
N TYR B 308 29.21 2.46 21.46
CA TYR B 308 28.26 3.08 22.39
C TYR B 308 28.25 2.34 23.72
N PHE B 309 28.34 1.01 23.68
CA PHE B 309 28.37 0.15 24.84
C PHE B 309 29.64 0.39 25.65
N VAL B 310 30.82 0.34 24.98
CA VAL B 310 32.11 0.56 25.63
C VAL B 310 32.22 1.99 26.21
N ALA B 311 31.62 3.01 25.55
CA ALA B 311 31.57 4.38 26.05
C ALA B 311 30.77 4.42 27.36
N VAL B 312 29.63 3.67 27.43
CA VAL B 312 28.83 3.58 28.66
C VAL B 312 29.71 2.95 29.79
N ILE B 313 30.45 1.88 29.47
CA ILE B 313 31.35 1.26 30.44
C ILE B 313 32.33 2.32 30.97
N GLU B 314 33.00 3.06 30.05
CA GLU B 314 33.97 4.12 30.41
C GLU B 314 33.35 5.14 31.35
N VAL B 315 32.21 5.73 30.96
CA VAL B 315 31.45 6.73 31.71
C VAL B 315 31.15 6.24 33.15
N THR B 316 30.75 4.96 33.26
CA THR B 316 30.44 4.22 34.50
C THR B 316 31.73 4.05 35.37
N VAL B 317 32.82 3.56 34.75
CA VAL B 317 34.13 3.33 35.38
C VAL B 317 34.69 4.63 35.95
N GLN B 318 34.72 5.71 35.13
CA GLN B 318 35.20 7.04 35.51
C GLN B 318 34.46 7.56 36.76
N HIS B 319 33.12 7.43 36.78
CA HIS B 319 32.28 7.88 37.91
C HIS B 319 32.52 7.07 39.18
N TYR B 320 32.63 5.74 39.03
CA TYR B 320 32.86 4.83 40.16
C TYR B 320 34.16 5.17 40.88
N LEU B 321 35.26 5.34 40.10
CA LEU B 321 36.60 5.68 40.60
C LEU B 321 36.59 7.04 41.29
N LYS B 322 35.91 8.03 40.70
CA LYS B 322 35.76 9.38 41.24
C LYS B 322 35.07 9.34 42.60
N VAL B 323 34.02 8.52 42.74
CA VAL B 323 33.24 8.36 43.98
C VAL B 323 34.10 7.60 45.04
N GLU B 324 34.94 6.66 44.59
CA GLU B 324 35.85 5.86 45.41
C GLU B 324 37.07 6.67 45.84
N SER B 325 37.07 7.99 45.50
CA SER B 325 38.12 8.96 45.81
C SER B 325 39.45 8.63 45.13
N GLN B 326 39.39 8.09 43.90
CA GLN B 326 40.59 7.83 43.10
C GLN B 326 40.40 8.41 41.68
N PRO B 327 40.36 9.77 41.54
CA PRO B 327 40.16 10.39 40.22
C PRO B 327 41.41 10.36 39.35
N ALA B 328 42.57 9.99 39.91
CA ALA B 328 43.82 9.89 39.18
C ALA B 328 43.74 8.74 38.17
N ARG B 329 43.09 7.60 38.54
CA ARG B 329 42.92 6.43 37.67
C ARG B 329 41.85 6.76 36.63
N ALA B 330 40.77 7.41 37.09
CA ALA B 330 39.66 7.86 36.28
C ALA B 330 40.12 8.82 35.19
N ALA B 331 41.07 9.72 35.50
CA ALA B 331 41.63 10.70 34.57
C ALA B 331 42.47 10.03 33.51
N SER B 332 43.26 9.01 33.87
CA SER B 332 44.14 8.29 32.95
C SER B 332 43.34 7.45 31.96
N ILE B 333 42.23 6.83 32.42
CA ILE B 333 41.33 6.03 31.61
C ILE B 333 40.60 6.96 30.61
N THR B 334 40.09 8.11 31.09
CA THR B 334 39.38 9.09 30.26
C THR B 334 40.33 9.70 29.21
N ARG B 335 41.59 10.01 29.61
CA ARG B 335 42.61 10.58 28.72
C ARG B 335 42.97 9.62 27.58
N ALA B 336 43.06 8.31 27.91
CA ALA B 336 43.36 7.25 26.94
C ALA B 336 42.20 7.09 25.95
N SER B 337 40.96 7.05 26.47
CA SER B 337 39.72 6.92 25.71
C SER B 337 39.60 7.94 24.57
N ARG B 338 40.04 9.19 24.83
CA ARG B 338 40.07 10.33 23.89
C ARG B 338 40.79 10.00 22.60
N ILE B 339 41.86 9.18 22.69
CA ILE B 339 42.68 8.72 21.57
C ILE B 339 42.19 7.35 21.09
N ALA B 340 42.03 6.38 22.03
CA ALA B 340 41.62 5.00 21.77
C ALA B 340 40.34 4.87 20.94
N PHE B 341 39.24 5.53 21.34
CA PHE B 341 37.97 5.48 20.64
C PHE B 341 38.08 5.90 19.16
N PRO B 342 38.55 7.13 18.78
CA PRO B 342 38.67 7.44 17.33
C PRO B 342 39.66 6.54 16.58
N VAL B 343 40.80 6.19 17.20
CA VAL B 343 41.85 5.33 16.59
C VAL B 343 41.28 3.94 16.25
N VAL B 344 40.67 3.26 17.25
CA VAL B 344 40.06 1.94 17.07
C VAL B 344 38.91 2.02 16.06
N PHE B 345 38.10 3.09 16.09
CA PHE B 345 37.01 3.27 15.11
C PHE B 345 37.56 3.37 13.69
N LEU B 346 38.57 4.24 13.48
CA LEU B 346 39.24 4.45 12.20
C LEU B 346 39.88 3.16 11.70
N LEU B 347 40.58 2.40 12.58
CA LEU B 347 41.20 1.12 12.20
C LEU B 347 40.16 0.03 11.88
N ALA B 348 39.12 -0.11 12.72
CA ALA B 348 38.04 -1.10 12.54
C ALA B 348 37.33 -0.92 11.20
N ASN B 349 37.09 0.36 10.80
CA ASN B 349 36.48 0.71 9.52
C ASN B 349 37.38 0.38 8.34
N ILE B 350 38.72 0.55 8.48
CA ILE B 350 39.69 0.18 7.44
C ILE B 350 39.61 -1.34 7.26
N ILE B 351 39.57 -2.11 8.38
CA ILE B 351 39.45 -3.56 8.39
C ILE B 351 38.18 -4.01 7.67
N LEU B 352 37.02 -3.42 8.03
CA LEU B 352 35.73 -3.76 7.42
C LEU B 352 35.68 -3.46 5.92
N ALA B 353 36.13 -2.25 5.51
CA ALA B 353 36.16 -1.84 4.11
C ALA B 353 37.06 -2.77 3.32
N PHE B 354 38.14 -3.26 3.93
CA PHE B 354 39.04 -4.22 3.30
C PHE B 354 38.34 -5.55 3.06
N LEU B 355 37.60 -6.07 4.08
CA LEU B 355 36.88 -7.34 3.97
C LEU B 355 35.74 -7.28 2.95
N PHE B 356 35.02 -6.14 2.88
CA PHE B 356 33.90 -6.00 1.96
C PHE B 356 34.28 -5.61 0.51
N PHE B 357 35.40 -4.88 0.32
CA PHE B 357 35.82 -4.39 -1.02
C PHE B 357 37.28 -4.71 -1.30
N VAL C 47 -7.80 -5.47 -42.64
CA VAL C 47 -7.68 -4.02 -42.87
C VAL C 47 -6.23 -3.61 -43.14
N SER C 48 -6.05 -2.71 -44.12
CA SER C 48 -4.73 -2.22 -44.54
C SER C 48 -4.65 -0.68 -44.42
N PRO C 49 -3.44 -0.05 -44.39
CA PRO C 49 -3.38 1.41 -44.26
C PRO C 49 -3.76 2.14 -45.55
N PRO C 50 -4.19 3.44 -45.50
CA PRO C 50 -4.55 4.14 -46.75
C PRO C 50 -3.41 4.25 -47.74
N PRO C 51 -3.66 4.05 -49.06
CA PRO C 51 -2.55 4.13 -50.04
C PRO C 51 -2.13 5.56 -50.37
N PRO C 52 -0.82 5.83 -50.62
CA PRO C 52 -0.40 7.20 -50.94
C PRO C 52 -0.71 7.60 -52.38
N ILE C 53 -1.17 8.86 -52.59
CA ILE C 53 -1.46 9.38 -53.93
C ILE C 53 -0.15 9.55 -54.72
N ALA C 54 0.88 10.08 -54.05
CA ALA C 54 2.24 10.23 -54.56
C ALA C 54 2.99 9.34 -53.56
N ASP C 55 4.26 9.66 -53.23
CA ASP C 55 5.12 8.94 -52.30
C ASP C 55 5.14 9.52 -50.86
N GLU C 56 4.17 10.41 -50.53
CA GLU C 56 4.06 11.10 -49.25
C GLU C 56 3.69 10.20 -48.06
N PRO C 57 4.13 10.55 -46.82
CA PRO C 57 3.73 9.76 -45.64
C PRO C 57 2.31 10.16 -45.19
N LEU C 58 1.75 9.41 -44.22
CA LEU C 58 0.42 9.71 -43.69
C LEU C 58 0.54 10.61 -42.45
N THR C 59 -0.11 11.79 -42.50
CA THR C 59 -0.09 12.75 -41.40
C THR C 59 -1.29 12.48 -40.48
N VAL C 60 -0.99 12.11 -39.21
CA VAL C 60 -2.01 11.87 -38.19
C VAL C 60 -1.96 13.07 -37.26
N ASN C 61 -3.00 13.91 -37.32
CA ASN C 61 -3.13 15.11 -36.50
C ASN C 61 -3.66 14.71 -35.15
N THR C 62 -2.84 14.99 -34.12
CA THR C 62 -3.12 14.63 -32.74
C THR C 62 -3.59 15.83 -31.91
N GLY C 63 -4.16 15.50 -30.76
CA GLY C 63 -4.66 16.45 -29.78
C GLY C 63 -4.99 15.78 -28.46
N ILE C 64 -4.48 16.34 -27.36
CA ILE C 64 -4.76 15.84 -26.00
C ILE C 64 -5.48 16.94 -25.25
N TYR C 65 -6.67 16.65 -24.70
CA TYR C 65 -7.45 17.60 -23.91
C TYR C 65 -7.62 16.98 -22.52
N LEU C 66 -6.88 17.54 -21.49
CA LEU C 66 -6.89 17.04 -20.11
C LEU C 66 -8.22 17.27 -19.41
N ILE C 67 -8.78 16.21 -18.82
CA ILE C 67 -10.04 16.23 -18.06
C ILE C 67 -9.73 16.26 -16.55
N GLU C 68 -8.80 15.37 -16.10
CA GLU C 68 -8.35 15.22 -14.72
C GLU C 68 -6.84 14.98 -14.63
N CYS C 69 -6.20 15.62 -13.62
CA CYS C 69 -4.80 15.49 -13.28
C CYS C 69 -4.75 15.13 -11.85
N TYR C 70 -4.04 14.07 -11.51
CA TYR C 70 -3.98 13.60 -10.13
C TYR C 70 -2.74 12.77 -9.85
N SER C 71 -2.57 12.37 -8.57
CA SER C 71 -1.53 11.52 -8.03
C SER C 71 -0.12 11.82 -8.58
N LEU C 72 0.38 13.07 -8.37
CA LEU C 72 1.77 13.34 -8.73
C LEU C 72 2.62 12.80 -7.55
N ASP C 73 3.26 11.65 -7.77
CA ASP C 73 4.12 10.96 -6.82
C ASP C 73 5.54 11.42 -7.05
N ASP C 74 6.12 12.10 -6.06
CA ASP C 74 7.48 12.57 -6.14
C ASP C 74 8.50 11.43 -6.07
N LYS C 75 8.29 10.46 -5.13
CA LYS C 75 9.14 9.29 -4.95
C LYS C 75 9.20 8.45 -6.23
N ALA C 76 8.01 8.19 -6.83
CA ALA C 76 7.83 7.40 -8.05
C ALA C 76 8.12 8.17 -9.34
N GLU C 77 8.10 9.52 -9.28
CA GLU C 77 8.26 10.43 -10.43
C GLU C 77 7.23 10.07 -11.51
N THR C 78 5.97 9.86 -11.06
CA THR C 78 4.81 9.56 -11.91
C THR C 78 3.64 10.49 -11.58
N PHE C 79 2.69 10.60 -12.53
CA PHE C 79 1.46 11.35 -12.39
C PHE C 79 0.38 10.60 -13.15
N LYS C 80 -0.87 10.74 -12.72
CA LYS C 80 -1.97 10.08 -13.40
C LYS C 80 -2.76 11.12 -14.18
N VAL C 81 -3.20 10.75 -15.37
CA VAL C 81 -3.92 11.64 -16.26
C VAL C 81 -5.20 10.96 -16.78
N ASN C 82 -6.22 11.77 -17.04
CA ASN C 82 -7.50 11.35 -17.60
C ASN C 82 -7.80 12.41 -18.65
N ALA C 83 -7.75 12.03 -19.93
CA ALA C 83 -7.87 12.99 -21.02
C ALA C 83 -8.59 12.46 -22.24
N PHE C 84 -8.70 13.33 -23.26
CA PHE C 84 -9.26 13.00 -24.56
C PHE C 84 -8.09 12.91 -25.51
N LEU C 85 -8.08 11.89 -26.37
CA LEU C 85 -7.08 11.77 -27.42
C LEU C 85 -7.83 11.86 -28.72
N SER C 86 -7.50 12.85 -29.54
CA SER C 86 -8.14 13.02 -30.82
C SER C 86 -7.12 12.76 -31.92
N LEU C 87 -7.52 11.95 -32.91
CA LEU C 87 -6.69 11.60 -34.05
C LEU C 87 -7.45 11.91 -35.32
N SER C 88 -6.74 12.40 -36.35
CA SER C 88 -7.33 12.73 -37.64
C SER C 88 -6.37 12.46 -38.78
N TRP C 89 -6.83 11.70 -39.78
CA TRP C 89 -6.05 11.34 -40.97
C TRP C 89 -6.99 11.21 -42.18
N LYS C 90 -6.41 11.24 -43.40
CA LYS C 90 -7.17 11.08 -44.64
C LYS C 90 -7.06 9.65 -45.20
N ASP C 91 -8.23 9.02 -45.43
CA ASP C 91 -8.36 7.70 -46.05
C ASP C 91 -9.35 7.85 -47.20
N ARG C 92 -8.82 8.03 -48.43
CA ARG C 92 -9.61 8.23 -49.64
C ARG C 92 -10.51 7.04 -49.99
N ARG C 93 -10.21 5.83 -49.46
CA ARG C 93 -11.01 4.62 -49.66
C ARG C 93 -12.38 4.77 -48.97
N LEU C 94 -12.44 5.61 -47.91
CA LEU C 94 -13.65 5.88 -47.12
C LEU C 94 -14.42 7.10 -47.65
N ALA C 95 -13.88 7.80 -48.69
CA ALA C 95 -14.51 8.97 -49.30
C ALA C 95 -15.84 8.62 -49.96
N PHE C 96 -16.80 9.54 -49.90
CA PHE C 96 -18.14 9.35 -50.45
C PHE C 96 -18.73 10.65 -50.97
N ASP C 97 -19.65 10.57 -51.95
CA ASP C 97 -20.33 11.75 -52.49
C ASP C 97 -21.44 12.08 -51.48
N PRO C 98 -21.42 13.28 -50.85
CA PRO C 98 -22.44 13.59 -49.84
C PRO C 98 -23.86 13.76 -50.39
N VAL C 99 -23.99 14.18 -51.67
CA VAL C 99 -25.28 14.39 -52.36
C VAL C 99 -26.01 13.03 -52.55
N ARG C 100 -25.31 12.03 -53.14
CA ARG C 100 -25.81 10.67 -53.42
C ARG C 100 -26.04 9.82 -52.18
N SER C 101 -25.27 10.09 -51.11
CA SER C 101 -25.35 9.36 -49.83
C SER C 101 -26.35 10.02 -48.87
N GLY C 102 -26.73 11.27 -49.17
CA GLY C 102 -27.65 12.05 -48.37
C GLY C 102 -26.99 12.61 -47.13
N VAL C 103 -26.37 11.71 -46.33
CA VAL C 103 -25.61 12.02 -45.11
C VAL C 103 -24.30 12.72 -45.39
N ARG C 104 -24.02 13.75 -44.61
CA ARG C 104 -22.82 14.57 -44.73
C ARG C 104 -21.66 13.91 -44.02
N VAL C 105 -21.97 13.16 -42.96
CA VAL C 105 -20.98 12.46 -42.13
C VAL C 105 -21.38 10.99 -41.97
N LYS C 106 -20.37 10.10 -41.84
CA LYS C 106 -20.54 8.67 -41.65
C LYS C 106 -19.78 8.23 -40.39
N THR C 107 -20.49 7.58 -39.45
CA THR C 107 -19.95 7.08 -38.17
C THR C 107 -19.56 5.61 -38.30
N TYR C 108 -18.36 5.24 -37.84
CA TYR C 108 -17.84 3.87 -37.91
C TYR C 108 -17.44 3.29 -36.56
N GLU C 109 -17.43 1.96 -36.46
CA GLU C 109 -16.97 1.22 -35.29
C GLU C 109 -15.46 1.01 -35.46
N PRO C 110 -14.64 1.01 -34.37
CA PRO C 110 -13.18 0.85 -34.54
C PRO C 110 -12.73 -0.33 -35.43
N GLU C 111 -13.36 -1.50 -35.26
CA GLU C 111 -13.10 -2.73 -36.00
C GLU C 111 -13.39 -2.62 -37.50
N ALA C 112 -14.36 -1.77 -37.88
CA ALA C 112 -14.76 -1.57 -39.27
C ALA C 112 -13.71 -0.90 -40.16
N ILE C 113 -12.92 0.04 -39.60
CA ILE C 113 -11.93 0.79 -40.40
C ILE C 113 -10.50 0.70 -39.86
N TRP C 114 -9.52 1.10 -40.70
CA TRP C 114 -8.10 1.15 -40.33
C TRP C 114 -7.87 2.37 -39.45
N ILE C 115 -7.27 2.16 -38.26
CA ILE C 115 -6.93 3.20 -37.31
C ILE C 115 -5.43 3.10 -37.02
N PRO C 116 -4.66 4.23 -37.07
CA PRO C 116 -3.22 4.14 -36.80
C PRO C 116 -2.91 3.76 -35.35
N GLU C 117 -1.97 2.82 -35.16
CA GLU C 117 -1.55 2.36 -33.83
C GLU C 117 -0.70 3.43 -33.15
N ILE C 118 -1.38 4.37 -32.45
CA ILE C 118 -0.77 5.45 -31.69
C ILE C 118 -0.58 4.95 -30.25
N ARG C 119 0.63 5.10 -29.71
CA ARG C 119 0.96 4.67 -28.35
C ARG C 119 1.65 5.78 -27.59
N PHE C 120 1.64 5.69 -26.26
CA PHE C 120 2.30 6.63 -25.35
C PHE C 120 3.62 5.99 -24.98
N VAL C 121 4.73 6.74 -25.08
CA VAL C 121 6.06 6.22 -24.77
C VAL C 121 6.25 5.99 -23.25
N ASN C 122 6.07 7.05 -22.46
CA ASN C 122 6.35 7.07 -21.03
C ASN C 122 5.16 6.73 -20.11
N VAL C 123 4.49 5.60 -20.37
CA VAL C 123 3.40 5.13 -19.52
C VAL C 123 3.82 3.85 -18.79
N GLU C 124 3.31 3.64 -17.54
CA GLU C 124 3.61 2.45 -16.75
C GLU C 124 3.01 1.23 -17.46
N ASN C 125 1.68 1.14 -17.49
CA ASN C 125 1.01 0.07 -18.24
C ASN C 125 0.19 0.70 -19.38
N ALA C 126 -0.07 -0.04 -20.47
CA ALA C 126 -0.82 0.49 -21.61
C ALA C 126 -2.14 1.15 -21.16
N ARG C 127 -2.39 2.37 -21.67
CA ARG C 127 -3.56 3.23 -21.37
C ARG C 127 -4.92 2.52 -21.49
N ASP C 128 -5.84 2.88 -20.57
CA ASP C 128 -7.21 2.39 -20.57
C ASP C 128 -7.93 3.36 -21.53
N ALA C 129 -8.36 2.85 -22.70
CA ALA C 129 -9.00 3.68 -23.72
C ALA C 129 -10.42 3.22 -24.07
N ASP C 130 -11.32 4.20 -24.23
CA ASP C 130 -12.72 4.04 -24.56
C ASP C 130 -13.01 4.97 -25.74
N VAL C 131 -13.34 4.40 -26.90
CA VAL C 131 -13.62 5.16 -28.13
C VAL C 131 -14.96 5.88 -27.97
N VAL C 132 -14.93 7.21 -28.11
CA VAL C 132 -16.07 8.12 -27.96
C VAL C 132 -16.80 8.27 -29.31
N ASP C 133 -16.04 8.50 -30.41
CA ASP C 133 -16.58 8.67 -31.77
C ASP C 133 -15.50 8.53 -32.86
N ILE C 134 -15.94 8.07 -34.04
CA ILE C 134 -15.16 7.94 -35.28
C ILE C 134 -16.08 8.48 -36.37
N SER C 135 -15.68 9.59 -37.00
CA SER C 135 -16.48 10.27 -38.03
C SER C 135 -15.72 10.49 -39.33
N VAL C 136 -16.30 10.04 -40.45
CA VAL C 136 -15.70 10.20 -41.78
C VAL C 136 -16.44 11.29 -42.56
N SER C 137 -15.67 12.25 -43.10
CA SER C 137 -16.18 13.37 -43.89
C SER C 137 -16.26 12.91 -45.37
N PRO C 138 -16.98 13.63 -46.27
CA PRO C 138 -17.07 13.18 -47.67
C PRO C 138 -15.73 12.95 -48.38
N ASP C 139 -14.72 13.81 -48.14
CA ASP C 139 -13.39 13.69 -48.75
C ASP C 139 -12.54 12.50 -48.21
N GLY C 140 -13.04 11.84 -47.16
CA GLY C 140 -12.36 10.71 -46.54
C GLY C 140 -11.56 11.04 -45.30
N THR C 141 -11.72 12.27 -44.75
CA THR C 141 -11.02 12.67 -43.52
C THR C 141 -11.71 12.05 -42.31
N VAL C 142 -10.96 11.21 -41.59
CA VAL C 142 -11.44 10.50 -40.39
C VAL C 142 -11.17 11.35 -39.15
N GLN C 143 -12.16 11.45 -38.24
CA GLN C 143 -12.05 12.17 -36.98
C GLN C 143 -12.34 11.23 -35.83
N TYR C 144 -11.26 10.69 -35.26
CA TYR C 144 -11.25 9.75 -34.16
C TYR C 144 -11.18 10.50 -32.83
N LEU C 145 -11.92 10.01 -31.83
CA LEU C 145 -11.91 10.56 -30.47
C LEU C 145 -12.09 9.45 -29.46
N GLU C 146 -11.16 9.39 -28.51
CA GLU C 146 -11.16 8.43 -27.41
C GLU C 146 -10.96 9.14 -26.09
N ARG C 147 -11.44 8.52 -25.02
CA ARG C 147 -11.19 9.02 -23.69
C ARG C 147 -10.22 8.00 -23.07
N PHE C 148 -9.12 8.48 -22.47
CA PHE C 148 -8.15 7.58 -21.90
C PHE C 148 -7.72 8.00 -20.49
N SER C 149 -7.08 7.07 -19.77
CA SER C 149 -6.48 7.29 -18.46
C SER C 149 -5.14 6.55 -18.44
N ALA C 150 -4.07 7.24 -18.02
CA ALA C 150 -2.74 6.63 -17.98
C ALA C 150 -1.87 7.11 -16.80
N ARG C 151 -0.98 6.23 -16.31
CA ARG C 151 0.00 6.59 -15.26
C ARG C 151 1.29 6.88 -16.02
N VAL C 152 1.64 8.17 -16.11
CA VAL C 152 2.77 8.68 -16.86
C VAL C 152 4.03 8.79 -16.00
N LEU C 153 5.14 8.26 -16.50
CA LEU C 153 6.48 8.28 -15.90
C LEU C 153 7.18 9.52 -16.43
N SER C 154 7.36 10.54 -15.59
CA SER C 154 8.05 11.73 -16.03
C SER C 154 9.04 12.20 -14.96
N PRO C 155 10.36 12.26 -15.31
CA PRO C 155 11.38 12.65 -14.30
C PRO C 155 11.23 14.06 -13.76
N LEU C 156 11.51 14.20 -12.46
CA LEU C 156 11.41 15.47 -11.79
C LEU C 156 12.77 15.97 -11.37
N ASP C 157 12.94 17.31 -11.32
CA ASP C 157 14.16 17.94 -10.85
C ASP C 157 13.97 18.51 -9.45
N PHE C 158 14.46 17.78 -8.43
CA PHE C 158 14.28 18.14 -7.02
C PHE C 158 15.29 19.16 -6.47
N ARG C 159 16.33 19.52 -7.26
CA ARG C 159 17.36 20.50 -6.89
C ARG C 159 16.84 21.70 -6.08
N ARG C 160 15.71 22.29 -6.47
CA ARG C 160 15.16 23.49 -5.79
C ARG C 160 14.02 23.23 -4.79
N TYR C 161 13.70 21.96 -4.50
CA TYR C 161 12.62 21.53 -3.60
C TYR C 161 12.63 22.31 -2.25
N PRO C 162 11.47 22.77 -1.74
CA PRO C 162 10.11 22.66 -2.29
C PRO C 162 9.72 23.87 -3.16
N PHE C 163 10.72 24.62 -3.68
CA PHE C 163 10.54 25.82 -4.53
C PHE C 163 10.76 25.51 -6.04
N ASP C 164 10.65 24.21 -6.39
CA ASP C 164 10.85 23.68 -7.73
C ASP C 164 9.62 23.79 -8.62
N SER C 165 9.89 23.91 -9.93
CA SER C 165 8.92 23.92 -11.02
C SER C 165 9.31 22.75 -11.90
N GLN C 166 8.30 22.10 -12.50
CA GLN C 166 8.50 20.92 -13.33
C GLN C 166 7.84 21.03 -14.68
N THR C 167 8.39 20.27 -15.65
CA THR C 167 7.82 20.12 -16.98
C THR C 167 7.51 18.64 -17.15
N LEU C 168 6.25 18.28 -16.93
CA LEU C 168 5.78 16.91 -17.11
C LEU C 168 5.62 16.65 -18.62
N HIS C 169 5.99 15.45 -19.09
CA HIS C 169 5.88 15.11 -20.51
C HIS C 169 4.96 13.94 -20.77
N ILE C 170 4.27 14.00 -21.89
CA ILE C 170 3.42 12.94 -22.41
C ILE C 170 3.89 12.79 -23.87
N TYR C 171 4.61 11.70 -24.14
CA TYR C 171 5.13 11.44 -25.48
C TYR C 171 4.24 10.52 -26.31
N LEU C 172 3.75 11.01 -27.45
CA LEU C 172 2.94 10.24 -28.39
C LEU C 172 3.84 9.67 -29.45
N ILE C 173 3.61 8.43 -29.87
CA ILE C 173 4.45 7.81 -30.89
C ILE C 173 3.63 6.94 -31.87
N VAL C 174 4.14 6.81 -33.10
CA VAL C 174 3.57 5.97 -34.15
C VAL C 174 4.71 5.30 -34.92
N ARG C 175 4.60 3.98 -35.12
CA ARG C 175 5.58 3.24 -35.88
C ARG C 175 5.03 3.07 -37.31
N SER C 176 5.86 3.46 -38.30
CA SER C 176 5.54 3.38 -39.73
C SER C 176 5.34 1.93 -40.13
N VAL C 177 4.40 1.71 -41.06
CA VAL C 177 4.08 0.38 -41.55
C VAL C 177 4.83 0.05 -42.85
N ASP C 178 4.80 -1.24 -43.26
CA ASP C 178 5.46 -1.80 -44.45
C ASP C 178 5.10 -1.06 -45.74
N THR C 179 3.80 -0.77 -45.94
CA THR C 179 3.30 -0.08 -47.12
C THR C 179 3.69 1.41 -47.12
N ARG C 180 3.40 2.17 -46.05
CA ARG C 180 3.79 3.59 -46.00
C ARG C 180 4.14 4.12 -44.61
N ASN C 181 4.90 5.22 -44.59
CA ASN C 181 5.36 5.91 -43.41
C ASN C 181 4.25 6.74 -42.80
N ILE C 182 4.25 6.83 -41.45
CA ILE C 182 3.27 7.61 -40.70
C ILE C 182 4.01 8.67 -39.88
N VAL C 183 3.61 9.93 -40.03
CA VAL C 183 4.18 11.11 -39.38
C VAL C 183 3.12 11.79 -38.52
N LEU C 184 3.50 12.18 -37.30
CA LEU C 184 2.59 12.84 -36.37
C LEU C 184 2.56 14.36 -36.54
N ALA C 185 1.43 14.99 -36.18
CA ALA C 185 1.22 16.43 -36.27
C ALA C 185 0.35 16.89 -35.11
N VAL C 186 0.34 18.20 -34.84
CA VAL C 186 -0.43 18.75 -33.73
C VAL C 186 -1.52 19.68 -34.27
N ASP C 187 -2.79 19.40 -33.92
CA ASP C 187 -3.93 20.26 -34.22
C ASP C 187 -4.15 21.02 -32.92
N LEU C 188 -3.60 22.26 -32.85
CA LEU C 188 -3.61 23.13 -31.66
C LEU C 188 -5.02 23.44 -31.14
N GLU C 189 -6.00 23.37 -32.02
CA GLU C 189 -7.40 23.60 -31.70
C GLU C 189 -8.00 22.48 -30.87
N LYS C 190 -7.36 21.30 -30.89
CA LYS C 190 -7.80 20.12 -30.15
C LYS C 190 -6.83 19.73 -29.01
N VAL C 191 -5.96 20.69 -28.61
CA VAL C 191 -5.00 20.57 -27.50
C VAL C 191 -5.42 21.58 -26.42
N GLY C 192 -5.60 21.11 -25.20
CA GLY C 192 -6.02 21.95 -24.09
C GLY C 192 -6.19 21.18 -22.80
N LYS C 193 -6.91 21.80 -21.84
CA LYS C 193 -7.23 21.27 -20.52
C LYS C 193 -8.48 21.95 -19.96
N ASN C 194 -9.29 21.20 -19.20
CA ASN C 194 -10.49 21.71 -18.55
C ASN C 194 -10.10 22.71 -17.45
N ASP C 195 -10.95 23.76 -17.25
CA ASP C 195 -10.73 24.82 -16.26
C ASP C 195 -10.65 24.31 -14.82
N ASP C 196 -11.37 23.22 -14.52
CA ASP C 196 -11.43 22.56 -13.21
C ASP C 196 -10.21 21.65 -12.93
N VAL C 197 -9.35 21.39 -13.95
CA VAL C 197 -8.13 20.56 -13.80
C VAL C 197 -7.24 21.14 -12.71
N PHE C 198 -7.14 20.40 -11.62
CA PHE C 198 -6.36 20.74 -10.44
C PHE C 198 -5.39 19.59 -10.15
N LEU C 199 -4.17 19.90 -9.77
CA LEU C 199 -3.21 18.89 -9.37
C LEU C 199 -2.84 19.26 -7.94
N THR C 200 -3.39 18.52 -6.95
CA THR C 200 -3.19 18.75 -5.52
C THR C 200 -1.72 19.04 -5.20
N GLY C 201 -1.48 20.17 -4.52
CA GLY C 201 -0.15 20.64 -4.12
C GLY C 201 0.70 21.25 -5.22
N TRP C 202 0.10 21.50 -6.39
CA TRP C 202 0.77 22.07 -7.56
C TRP C 202 -0.12 23.10 -8.24
N ASP C 203 0.52 24.04 -8.92
CA ASP C 203 -0.11 25.07 -9.73
C ASP C 203 0.15 24.69 -11.18
N ILE C 204 -0.90 24.55 -11.98
CA ILE C 204 -0.75 24.22 -13.40
C ILE C 204 -0.60 25.51 -14.18
N GLU C 205 0.55 25.69 -14.85
CA GLU C 205 0.84 26.88 -15.64
C GLU C 205 0.37 26.76 -17.07
N SER C 206 0.84 25.72 -17.80
CA SER C 206 0.51 25.52 -19.20
C SER C 206 0.48 24.06 -19.59
N PHE C 207 -0.19 23.77 -20.70
CA PHE C 207 -0.23 22.46 -21.35
C PHE C 207 -0.18 22.75 -22.83
N THR C 208 1.02 22.61 -23.40
CA THR C 208 1.30 22.87 -24.81
C THR C 208 1.97 21.66 -25.47
N ALA C 209 2.04 21.66 -26.81
CA ALA C 209 2.68 20.60 -27.59
C ALA C 209 3.77 21.16 -28.47
N VAL C 210 4.93 20.47 -28.49
CA VAL C 210 6.06 20.80 -29.36
C VAL C 210 5.59 20.22 -30.70
N VAL C 211 5.08 21.14 -31.55
CA VAL C 211 4.43 20.88 -32.86
C VAL C 211 5.31 20.11 -33.86
N LYS C 212 6.66 20.26 -33.79
CA LYS C 212 7.57 19.54 -34.68
C LYS C 212 7.87 18.14 -34.09
N PRO C 213 7.45 17.04 -34.76
CA PRO C 213 7.73 15.71 -34.22
C PRO C 213 9.20 15.28 -34.34
N ALA C 214 9.63 14.41 -33.42
CA ALA C 214 10.96 13.84 -33.44
C ALA C 214 10.86 12.60 -34.33
N ASN C 215 11.33 12.72 -35.57
CA ASN C 215 11.30 11.61 -36.52
C ASN C 215 12.67 10.93 -36.52
N PHE C 216 12.67 9.63 -36.24
CA PHE C 216 13.88 8.80 -36.10
C PHE C 216 13.63 7.36 -36.56
N ALA C 217 14.70 6.56 -36.67
CA ALA C 217 14.63 5.18 -37.09
C ALA C 217 14.92 4.24 -35.92
N LEU C 218 14.06 3.23 -35.75
CA LEU C 218 14.20 2.24 -34.70
C LEU C 218 13.79 0.87 -35.24
N GLU C 219 14.75 -0.09 -35.16
CA GLU C 219 14.62 -1.48 -35.61
C GLU C 219 14.12 -1.55 -37.08
N ASP C 220 14.87 -0.85 -37.96
CA ASP C 220 14.68 -0.75 -39.42
C ASP C 220 13.36 -0.08 -39.87
N ARG C 221 12.63 0.58 -38.95
CA ARG C 221 11.39 1.30 -39.26
C ARG C 221 11.38 2.72 -38.68
N LEU C 222 10.66 3.62 -39.36
CA LEU C 222 10.53 5.03 -38.99
C LEU C 222 9.51 5.22 -37.87
N GLU C 223 9.89 6.02 -36.88
CA GLU C 223 9.06 6.36 -35.74
C GLU C 223 8.92 7.87 -35.63
N SER C 224 7.67 8.35 -35.46
CA SER C 224 7.33 9.77 -35.32
C SER C 224 6.82 10.01 -33.89
N LYS C 225 7.59 10.76 -33.08
CA LYS C 225 7.30 11.06 -31.67
C LYS C 225 6.88 12.52 -31.43
N LEU C 226 5.90 12.76 -30.55
CA LEU C 226 5.43 14.11 -30.20
C LEU C 226 5.56 14.38 -28.71
N ASP C 227 5.97 15.60 -28.36
CA ASP C 227 6.15 16.01 -26.97
C ASP C 227 5.08 16.97 -26.47
N TYR C 228 4.14 16.45 -25.65
CA TYR C 228 3.11 17.24 -24.97
C TYR C 228 3.68 17.58 -23.60
N GLN C 229 3.79 18.88 -23.31
CA GLN C 229 4.41 19.39 -22.07
C GLN C 229 3.44 20.09 -21.13
N LEU C 230 3.34 19.57 -19.92
CA LEU C 230 2.51 20.14 -18.86
C LEU C 230 3.44 20.84 -17.87
N ARG C 231 3.43 22.18 -17.87
CA ARG C 231 4.27 23.00 -17.00
C ARG C 231 3.56 23.30 -15.69
N ILE C 232 4.18 22.86 -14.58
CA ILE C 232 3.64 22.98 -13.23
C ILE C 232 4.65 23.57 -12.23
N SER C 233 4.17 24.25 -11.20
CA SER C 233 5.04 24.80 -10.14
C SER C 233 4.48 24.38 -8.78
N ARG C 234 5.38 23.95 -7.89
CA ARG C 234 5.01 23.46 -6.58
C ARG C 234 4.54 24.56 -5.62
N GLN C 235 3.43 24.26 -4.93
CA GLN C 235 2.82 25.09 -3.89
C GLN C 235 3.62 24.84 -2.59
N TYR C 236 4.65 25.69 -2.37
CA TYR C 236 5.58 25.60 -1.25
C TYR C 236 5.00 26.01 0.11
N PHE C 237 3.88 26.77 0.14
CA PHE C 237 3.21 27.31 1.35
C PHE C 237 3.33 26.41 2.59
N SER C 238 2.69 25.22 2.58
CA SER C 238 2.63 24.25 3.69
C SER C 238 3.99 23.87 4.27
N TYR C 239 5.05 23.84 3.45
CA TYR C 239 6.42 23.54 3.89
C TYR C 239 6.95 24.52 4.94
N ILE C 240 6.49 25.78 4.89
CA ILE C 240 6.91 26.84 5.81
C ILE C 240 6.37 26.57 7.25
N PRO C 241 5.04 26.49 7.54
CA PRO C 241 4.63 26.24 8.93
C PRO C 241 4.78 24.80 9.44
N ASN C 242 5.07 23.84 8.54
CA ASN C 242 5.16 22.42 8.89
C ASN C 242 6.55 21.84 9.01
N ILE C 243 7.52 22.37 8.23
CA ILE C 243 8.89 21.85 8.24
C ILE C 243 9.89 22.96 8.52
N ILE C 244 9.91 24.02 7.69
CA ILE C 244 10.88 25.13 7.75
C ILE C 244 10.86 25.84 9.10
N LEU C 245 9.74 26.46 9.50
CA LEU C 245 9.69 27.19 10.78
C LEU C 245 9.88 26.25 11.99
N PRO C 246 9.17 25.08 12.13
CA PRO C 246 9.47 24.19 13.26
C PRO C 246 10.97 23.85 13.40
N MET C 247 11.64 23.57 12.27
CA MET C 247 13.06 23.26 12.20
C MET C 247 13.94 24.40 12.70
N LEU C 248 13.60 25.66 12.37
CA LEU C 248 14.39 26.82 12.79
C LEU C 248 14.21 27.08 14.28
N PHE C 249 12.95 26.94 14.80
CA PHE C 249 12.63 27.11 16.22
C PHE C 249 13.51 26.24 17.10
N ILE C 250 13.59 24.91 16.78
CA ILE C 250 14.40 23.95 17.56
C ILE C 250 15.88 24.35 17.53
N LEU C 251 16.37 24.81 16.38
CA LEU C 251 17.75 25.29 16.21
C LEU C 251 18.02 26.49 17.12
N PHE C 252 17.11 27.50 17.12
CA PHE C 252 17.24 28.71 17.93
C PHE C 252 17.17 28.38 19.43
N ILE C 253 16.41 27.33 19.79
CA ILE C 253 16.29 26.83 21.16
C ILE C 253 17.65 26.27 21.60
N SER C 254 18.37 25.56 20.69
CA SER C 254 19.70 25.02 20.96
C SER C 254 20.69 26.13 21.28
N TRP C 255 20.53 27.32 20.65
CA TRP C 255 21.41 28.48 20.84
C TRP C 255 21.22 29.21 22.20
N THR C 256 20.17 28.84 22.97
CA THR C 256 19.96 29.43 24.29
C THR C 256 21.02 28.91 25.27
N ALA C 257 21.76 27.83 24.88
CA ALA C 257 22.86 27.25 25.66
C ALA C 257 24.05 28.25 25.74
N PHE C 258 24.04 29.28 24.88
CA PHE C 258 25.06 30.32 24.88
C PHE C 258 24.78 31.38 25.92
N TRP C 259 23.63 31.28 26.64
CA TRP C 259 23.24 32.16 27.74
C TRP C 259 23.04 31.32 29.01
N SER C 260 23.73 30.15 29.05
CA SER C 260 23.70 29.21 30.16
C SER C 260 25.10 28.71 30.49
N THR C 261 25.41 28.61 31.80
CA THR C 261 26.67 28.09 32.36
C THR C 261 26.51 26.63 32.84
N SER C 262 25.25 26.13 32.82
CA SER C 262 24.86 24.79 33.23
C SER C 262 25.12 23.77 32.13
N TYR C 263 26.25 23.04 32.22
CA TYR C 263 26.65 22.03 31.26
C TYR C 263 25.59 20.95 31.11
N GLU C 264 25.04 20.49 32.24
CA GLU C 264 24.01 19.46 32.29
C GLU C 264 22.75 19.90 31.50
N ALA C 265 22.33 21.18 31.65
CA ALA C 265 21.19 21.76 30.91
C ALA C 265 21.52 21.96 29.42
N ASN C 266 22.74 22.45 29.14
CA ASN C 266 23.21 22.70 27.77
C ASN C 266 23.21 21.40 26.96
N VAL C 267 23.75 20.31 27.54
CA VAL C 267 23.81 18.98 26.95
C VAL C 267 22.38 18.54 26.57
N THR C 268 21.42 18.76 27.48
CA THR C 268 20.00 18.48 27.30
C THR C 268 19.44 19.33 26.14
N LEU C 269 19.68 20.66 26.14
CA LEU C 269 19.22 21.57 25.08
C LEU C 269 19.69 21.18 23.69
N VAL C 270 21.03 21.02 23.52
CA VAL C 270 21.65 20.77 22.21
C VAL C 270 21.36 19.36 21.67
N VAL C 271 21.46 18.35 22.51
CA VAL C 271 21.22 16.96 22.11
C VAL C 271 19.74 16.68 21.81
N SER C 272 18.81 17.27 22.58
CA SER C 272 17.37 17.05 22.39
C SER C 272 16.90 17.66 21.10
N THR C 273 17.28 18.93 20.83
CA THR C 273 16.91 19.63 19.60
C THR C 273 17.52 18.92 18.39
N LEU C 274 18.71 18.30 18.55
CA LEU C 274 19.37 17.53 17.51
C LEU C 274 18.53 16.32 17.12
N ILE C 275 17.90 15.67 18.10
CA ILE C 275 17.03 14.52 17.86
C ILE C 275 15.77 14.97 17.11
N ALA C 276 15.20 16.14 17.49
CA ALA C 276 14.04 16.70 16.78
C ALA C 276 14.41 17.01 15.31
N HIS C 277 15.67 17.43 15.05
CA HIS C 277 16.16 17.70 13.70
C HIS C 277 16.26 16.41 12.87
N ILE C 278 16.73 15.30 13.49
CA ILE C 278 16.82 14.00 12.82
C ILE C 278 15.40 13.57 12.41
N ALA C 279 14.40 13.76 13.32
CA ALA C 279 12.98 13.44 13.07
C ALA C 279 12.47 14.17 11.83
N PHE C 280 12.88 15.44 11.66
CA PHE C 280 12.53 16.24 10.50
C PHE C 280 13.28 15.77 9.28
N ASN C 281 14.61 15.55 9.40
CA ASN C 281 15.43 15.06 8.29
C ASN C 281 14.79 13.79 7.72
N ILE C 282 14.46 12.79 8.60
CA ILE C 282 13.79 11.54 8.22
C ILE C 282 12.47 11.85 7.54
N LEU C 283 11.61 12.71 8.14
CA LEU C 283 10.30 13.08 7.57
C LEU C 283 10.43 13.60 6.15
N VAL C 284 11.43 14.47 5.91
CA VAL C 284 11.69 15.06 4.59
C VAL C 284 12.14 14.00 3.56
N GLU C 285 13.13 13.17 3.92
CA GLU C 285 13.65 12.18 2.98
C GLU C 285 12.60 11.10 2.66
N THR C 286 11.55 10.88 3.53
CA THR C 286 10.48 9.91 3.22
C THR C 286 9.59 10.41 2.07
N ASN C 287 9.36 11.73 1.95
CA ASN C 287 8.52 12.31 0.87
C ASN C 287 9.30 12.59 -0.42
N LEU C 288 10.56 12.12 -0.51
CA LEU C 288 11.40 12.37 -1.69
C LEU C 288 12.14 11.12 -2.18
N PRO C 289 12.48 11.03 -3.49
CA PRO C 289 13.33 9.90 -3.94
C PRO C 289 14.81 10.22 -3.69
N LYS C 290 15.67 9.20 -3.72
CA LYS C 290 17.10 9.35 -3.53
C LYS C 290 17.69 9.94 -4.82
N THR C 291 18.23 11.17 -4.74
CA THR C 291 18.80 11.90 -5.89
C THR C 291 20.34 11.85 -5.92
N PRO C 292 20.97 11.78 -7.13
CA PRO C 292 22.44 11.77 -7.17
C PRO C 292 23.04 13.18 -7.02
N TYR C 293 22.24 14.13 -6.49
CA TYR C 293 22.57 15.53 -6.31
C TYR C 293 21.91 16.06 -5.05
N MET C 294 22.30 17.26 -4.61
CA MET C 294 21.72 17.88 -3.42
C MET C 294 20.49 18.68 -3.80
N THR C 295 19.47 18.59 -2.96
CA THR C 295 18.27 19.40 -3.10
C THR C 295 18.46 20.61 -2.17
N TYR C 296 17.68 21.68 -2.35
CA TYR C 296 17.79 22.88 -1.54
C TYR C 296 17.54 22.58 -0.04
N THR C 297 16.44 21.90 0.26
CA THR C 297 16.06 21.47 1.60
C THR C 297 17.14 20.53 2.16
N GLY C 298 17.65 19.63 1.32
CA GLY C 298 18.70 18.69 1.68
C GLY C 298 19.97 19.34 2.17
N ALA C 299 20.40 20.42 1.46
CA ALA C 299 21.59 21.22 1.77
C ALA C 299 21.42 21.94 3.11
N ILE C 300 20.28 22.66 3.30
CA ILE C 300 19.95 23.35 4.55
C ILE C 300 19.93 22.36 5.71
N ILE C 301 19.16 21.25 5.58
CA ILE C 301 19.05 20.21 6.62
C ILE C 301 20.44 19.68 7.00
N PHE C 302 21.28 19.37 6.00
CA PHE C 302 22.63 18.86 6.24
C PHE C 302 23.51 19.86 6.98
N MET C 303 23.51 21.12 6.51
CA MET C 303 24.28 22.20 7.09
C MET C 303 23.92 22.43 8.58
N ILE C 304 22.61 22.30 8.94
CA ILE C 304 22.13 22.45 10.30
C ILE C 304 22.78 21.41 11.23
N TYR C 305 23.12 20.19 10.73
CA TYR C 305 23.83 19.19 11.55
C TYR C 305 25.17 19.76 12.01
N LEU C 306 25.89 20.47 11.13
CA LEU C 306 27.20 21.08 11.43
C LEU C 306 27.09 22.11 12.56
N PHE C 307 25.97 22.88 12.58
CA PHE C 307 25.66 23.85 13.61
C PHE C 307 25.45 23.19 14.95
N TYR C 308 24.77 22.03 14.98
CA TYR C 308 24.55 21.27 16.21
C TYR C 308 25.86 20.72 16.72
N PHE C 309 26.68 20.15 15.80
CA PHE C 309 27.97 19.59 16.13
C PHE C 309 28.89 20.65 16.75
N VAL C 310 28.99 21.83 16.11
CA VAL C 310 29.83 22.92 16.60
C VAL C 310 29.29 23.46 17.95
N ALA C 311 27.94 23.47 18.15
CA ALA C 311 27.34 23.88 19.42
C ALA C 311 27.76 22.90 20.53
N VAL C 312 27.80 21.58 20.23
CA VAL C 312 28.27 20.56 21.19
C VAL C 312 29.73 20.85 21.54
N ILE C 313 30.58 21.15 20.53
CA ILE C 313 31.99 21.50 20.78
C ILE C 313 32.05 22.68 21.75
N GLU C 314 31.30 23.78 21.47
CA GLU C 314 31.26 24.97 22.32
C GLU C 314 30.90 24.63 23.77
N VAL C 315 29.76 23.95 23.95
CA VAL C 315 29.23 23.51 25.26
C VAL C 315 30.29 22.72 26.06
N THR C 316 31.01 21.81 25.35
CA THR C 316 32.12 20.96 25.85
C THR C 316 33.32 21.85 26.27
N VAL C 317 33.75 22.76 25.38
CA VAL C 317 34.88 23.69 25.56
C VAL C 317 34.63 24.58 26.78
N GLN C 318 33.46 25.23 26.86
CA GLN C 318 33.02 26.10 27.96
C GLN C 318 33.12 25.38 29.31
N HIS C 319 32.63 24.12 29.39
CA HIS C 319 32.66 23.31 30.61
C HIS C 319 34.07 22.91 31.01
N TYR C 320 34.90 22.50 30.03
CA TYR C 320 36.29 22.09 30.25
C TYR C 320 37.09 23.23 30.88
N LEU C 321 36.98 24.44 30.30
CA LEU C 321 37.65 25.66 30.77
C LEU C 321 37.20 26.04 32.18
N LYS C 322 35.88 25.96 32.44
CA LYS C 322 35.27 26.23 33.74
C LYS C 322 35.88 25.30 34.81
N VAL C 323 35.98 23.99 34.48
CA VAL C 323 36.55 22.96 35.38
C VAL C 323 38.07 23.20 35.61
N GLU C 324 38.77 23.69 34.57
CA GLU C 324 40.19 24.02 34.58
C GLU C 324 40.46 25.33 35.31
N SER C 325 39.39 25.92 35.89
CA SER C 325 39.40 27.18 36.65
C SER C 325 39.77 28.39 35.79
N GLN C 326 39.34 28.38 34.52
CA GLN C 326 39.55 29.52 33.63
C GLN C 326 38.23 29.90 32.94
N PRO C 327 37.25 30.43 33.73
CA PRO C 327 35.94 30.80 33.13
C PRO C 327 36.00 32.10 32.35
N ALA C 328 37.10 32.85 32.45
CA ALA C 328 37.34 34.09 31.72
C ALA C 328 37.35 33.81 30.21
N ARG C 329 38.08 32.75 29.79
CA ARG C 329 38.20 32.31 28.40
C ARG C 329 36.89 31.68 27.95
N ALA C 330 36.26 30.91 28.86
CA ALA C 330 34.99 30.25 28.62
C ALA C 330 33.88 31.27 28.40
N ALA C 331 33.95 32.44 29.05
CA ALA C 331 32.97 33.52 28.95
C ALA C 331 33.10 34.25 27.63
N SER C 332 34.34 34.46 27.16
CA SER C 332 34.62 35.14 25.92
C SER C 332 34.20 34.29 24.73
N ILE C 333 34.44 32.96 24.79
CA ILE C 333 34.05 32.00 23.74
C ILE C 333 32.52 31.95 23.63
N THR C 334 31.82 31.87 24.78
CA THR C 334 30.36 31.82 24.84
C THR C 334 29.76 33.12 24.33
N ARG C 335 30.36 34.28 24.69
CA ARG C 335 29.91 35.61 24.25
C ARG C 335 30.03 35.78 22.74
N ALA C 336 31.13 35.24 22.15
CA ALA C 336 31.38 35.29 20.71
C ALA C 336 30.37 34.42 19.97
N SER C 337 30.13 33.19 20.48
CA SER C 337 29.18 32.21 19.95
C SER C 337 27.78 32.80 19.75
N ARG C 338 27.33 33.65 20.69
CA ARG C 338 26.04 34.35 20.67
C ARG C 338 25.83 35.13 19.37
N ILE C 339 26.90 35.74 18.83
CA ILE C 339 26.91 36.51 17.58
C ILE C 339 27.26 35.57 16.41
N ALA C 340 28.39 34.82 16.55
CA ALA C 340 28.93 33.95 15.51
C ALA C 340 27.93 32.96 14.93
N PHE C 341 27.22 32.19 15.79
CA PHE C 341 26.24 31.20 15.34
C PHE C 341 25.13 31.80 14.47
N PRO C 342 24.31 32.80 14.91
CA PRO C 342 23.31 33.37 13.99
C PRO C 342 23.90 34.04 12.74
N VAL C 343 25.04 34.77 12.86
CA VAL C 343 25.71 35.45 11.75
C VAL C 343 26.16 34.45 10.66
N VAL C 344 26.90 33.40 11.06
CA VAL C 344 27.36 32.34 10.15
C VAL C 344 26.17 31.59 9.54
N PHE C 345 25.11 31.34 10.33
CA PHE C 345 23.90 30.68 9.82
C PHE C 345 23.24 31.54 8.74
N LEU C 346 23.01 32.83 9.03
CA LEU C 346 22.42 33.80 8.12
C LEU C 346 23.27 33.94 6.84
N LEU C 347 24.61 34.01 6.96
CA LEU C 347 25.50 34.10 5.79
C LEU C 347 25.52 32.82 4.95
N ALA C 348 25.64 31.65 5.60
CA ALA C 348 25.65 30.34 4.94
C ALA C 348 24.39 30.09 4.11
N ASN C 349 23.23 30.52 4.65
CA ASN C 349 21.93 30.43 3.99
C ASN C 349 21.85 31.36 2.77
N ILE C 350 22.46 32.56 2.85
CA ILE C 350 22.51 33.50 1.72
C ILE C 350 23.33 32.83 0.61
N ILE C 351 24.49 32.23 0.97
CA ILE C 351 25.37 31.50 0.05
C ILE C 351 24.62 30.35 -0.65
N LEU C 352 23.91 29.50 0.13
CA LEU C 352 23.12 28.38 -0.41
C LEU C 352 22.00 28.82 -1.34
N ALA C 353 21.19 29.81 -0.91
CA ALA C 353 20.09 30.34 -1.71
C ALA C 353 20.61 30.92 -3.01
N PHE C 354 21.81 31.52 -2.99
CA PHE C 354 22.46 32.06 -4.17
C PHE C 354 22.83 30.93 -5.14
N LEU C 355 23.43 29.83 -4.62
CA LEU C 355 23.84 28.68 -5.45
C LEU C 355 22.65 27.94 -6.05
N PHE C 356 21.56 27.78 -5.31
CA PHE C 356 20.39 27.07 -5.81
C PHE C 356 19.45 27.92 -6.65
N PHE C 357 19.38 29.24 -6.38
CA PHE C 357 18.49 30.15 -7.12
C PHE C 357 19.27 31.39 -7.54
N VAL D 47 -25.69 0.08 -35.17
CA VAL D 47 -26.73 0.80 -34.44
C VAL D 47 -26.52 2.32 -34.53
N SER D 48 -27.61 3.06 -34.73
CA SER D 48 -27.60 4.51 -34.88
C SER D 48 -28.50 5.19 -33.82
N PRO D 49 -28.35 6.51 -33.52
CA PRO D 49 -29.22 7.13 -32.49
C PRO D 49 -30.67 7.35 -32.97
N PRO D 50 -31.68 7.47 -32.07
CA PRO D 50 -33.06 7.68 -32.54
C PRO D 50 -33.23 8.96 -33.35
N PRO D 51 -34.00 8.94 -34.47
CA PRO D 51 -34.14 10.15 -35.29
C PRO D 51 -35.10 11.18 -34.69
N PRO D 52 -34.84 12.50 -34.85
CA PRO D 52 -35.77 13.48 -34.27
C PRO D 52 -37.04 13.68 -35.10
N ILE D 53 -38.20 13.81 -34.41
CA ILE D 53 -39.49 14.04 -35.09
C ILE D 53 -39.49 15.43 -35.73
N ALA D 54 -39.00 16.43 -34.99
CA ALA D 54 -38.81 17.81 -35.42
C ALA D 54 -37.29 17.91 -35.25
N ASP D 55 -36.74 19.11 -34.98
CA ASP D 55 -35.33 19.41 -34.79
C ASP D 55 -34.82 19.33 -33.32
N GLU D 56 -35.64 18.74 -32.42
CA GLU D 56 -35.36 18.65 -30.97
C GLU D 56 -34.21 17.71 -30.59
N PRO D 57 -33.49 18.01 -29.47
CA PRO D 57 -32.43 17.07 -29.01
C PRO D 57 -33.05 15.88 -28.26
N LEU D 58 -32.22 14.88 -27.93
CA LEU D 58 -32.67 13.70 -27.19
C LEU D 58 -32.45 13.90 -25.69
N THR D 59 -33.54 13.82 -24.90
CA THR D 59 -33.49 13.97 -23.45
C THR D 59 -33.29 12.61 -22.78
N VAL D 60 -32.14 12.45 -22.10
CA VAL D 60 -31.82 11.24 -21.35
C VAL D 60 -32.02 11.55 -19.88
N ASN D 61 -33.08 10.98 -19.29
CA ASN D 61 -33.41 11.17 -17.89
C ASN D 61 -32.55 10.26 -17.05
N THR D 62 -31.75 10.87 -16.18
CA THR D 62 -30.82 10.17 -15.32
C THR D 62 -31.29 10.06 -13.87
N GLY D 63 -30.65 9.15 -13.15
CA GLY D 63 -30.90 8.90 -11.74
C GLY D 63 -29.80 8.05 -11.12
N ILE D 64 -29.25 8.49 -9.98
CA ILE D 64 -28.24 7.76 -9.25
C ILE D 64 -28.83 7.39 -7.88
N TYR D 65 -28.83 6.09 -7.53
CA TYR D 65 -29.31 5.61 -6.24
C TYR D 65 -28.13 4.91 -5.55
N LEU D 66 -27.54 5.56 -4.50
CA LEU D 66 -26.38 5.04 -3.76
C LEU D 66 -26.70 3.81 -2.95
N ILE D 67 -25.88 2.75 -3.12
CA ILE D 67 -26.00 1.48 -2.41
C ILE D 67 -24.96 1.46 -1.28
N GLU D 68 -23.69 1.83 -1.59
N GLU D 68 -23.73 1.92 -1.60
CA GLU D 68 -22.57 1.87 -0.64
CA GLU D 68 -22.60 1.99 -0.67
C GLU D 68 -21.65 3.08 -0.88
C GLU D 68 -21.79 3.25 -0.87
N CYS D 69 -21.15 3.68 0.21
CA CYS D 69 -20.23 4.82 0.23
C CYS D 69 -19.10 4.40 1.11
N TYR D 70 -17.88 4.53 0.61
CA TYR D 70 -16.70 4.09 1.35
C TYR D 70 -15.43 4.81 0.90
N SER D 71 -14.33 4.50 1.60
CA SER D 71 -12.98 4.99 1.35
C SER D 71 -12.88 6.49 0.98
N LEU D 72 -13.34 7.39 1.89
CA LEU D 72 -13.11 8.81 1.65
C LEU D 72 -11.67 9.06 2.13
N ASP D 73 -10.75 9.18 1.16
CA ASP D 73 -9.33 9.40 1.33
C ASP D 73 -9.09 10.90 1.30
N ASP D 74 -8.72 11.46 2.45
CA ASP D 74 -8.47 12.90 2.60
C ASP D 74 -7.27 13.38 1.81
N LYS D 75 -6.15 12.62 1.91
CA LYS D 75 -4.90 12.91 1.21
C LYS D 75 -5.11 12.93 -0.30
N ALA D 76 -5.84 11.90 -0.82
CA ALA D 76 -6.14 11.71 -2.24
C ALA D 76 -7.30 12.54 -2.77
N GLU D 77 -8.16 13.05 -1.85
CA GLU D 77 -9.37 13.80 -2.16
C GLU D 77 -10.28 12.98 -3.10
N THR D 78 -10.42 11.69 -2.77
CA THR D 78 -11.24 10.72 -3.50
C THR D 78 -12.17 9.97 -2.53
N PHE D 79 -13.24 9.37 -3.09
CA PHE D 79 -14.20 8.53 -2.38
C PHE D 79 -14.64 7.44 -3.31
N LYS D 80 -15.02 6.29 -2.78
CA LYS D 80 -15.50 5.18 -3.60
C LYS D 80 -17.00 5.06 -3.44
N VAL D 81 -17.67 4.80 -4.55
CA VAL D 81 -19.13 4.70 -4.58
C VAL D 81 -19.57 3.41 -5.29
N ASN D 82 -20.71 2.89 -4.86
CA ASN D 82 -21.36 1.71 -5.44
C ASN D 82 -22.82 2.10 -5.52
N ALA D 83 -23.34 2.26 -6.74
CA ALA D 83 -24.69 2.76 -6.93
C ALA D 83 -25.40 2.18 -8.14
N PHE D 84 -26.65 2.63 -8.34
CA PHE D 84 -27.48 2.30 -9.48
C PHE D 84 -27.50 3.51 -10.38
N LEU D 85 -27.32 3.31 -11.68
CA LEU D 85 -27.46 4.39 -12.66
C LEU D 85 -28.63 4.02 -13.52
N SER D 86 -29.63 4.89 -13.55
CA SER D 86 -30.82 4.65 -14.35
C SER D 86 -30.88 5.69 -15.47
N LEU D 87 -31.11 5.22 -16.69
CA LEU D 87 -31.21 6.08 -17.87
C LEU D 87 -32.53 5.80 -18.55
N SER D 88 -33.15 6.84 -19.13
CA SER D 88 -34.41 6.72 -19.84
C SER D 88 -34.52 7.72 -20.99
N TRP D 89 -34.83 7.22 -22.18
CA TRP D 89 -34.96 8.01 -23.40
C TRP D 89 -36.02 7.39 -24.32
N LYS D 90 -36.52 8.17 -25.29
CA LYS D 90 -37.52 7.68 -26.26
C LYS D 90 -36.85 7.32 -27.60
N ASP D 91 -37.11 6.08 -28.06
CA ASP D 91 -36.66 5.57 -29.35
C ASP D 91 -37.91 4.99 -30.04
N ARG D 92 -38.53 5.79 -30.92
CA ARG D 92 -39.75 5.41 -31.63
C ARG D 92 -39.56 4.21 -32.56
N ARG D 93 -38.32 3.89 -32.96
CA ARG D 93 -37.98 2.72 -33.79
C ARG D 93 -38.27 1.41 -33.02
N LEU D 94 -38.21 1.47 -31.68
CA LEU D 94 -38.45 0.35 -30.75
C LEU D 94 -39.92 0.26 -30.31
N ALA D 95 -40.77 1.24 -30.72
CA ALA D 95 -42.19 1.27 -30.39
C ALA D 95 -42.94 0.08 -30.99
N PHE D 96 -43.96 -0.41 -30.27
CA PHE D 96 -44.74 -1.56 -30.67
C PHE D 96 -46.20 -1.44 -30.19
N ASP D 97 -47.12 -2.11 -30.91
CA ASP D 97 -48.54 -2.13 -30.53
C ASP D 97 -48.66 -3.20 -29.42
N PRO D 98 -49.09 -2.82 -28.19
CA PRO D 98 -49.14 -3.81 -27.10
C PRO D 98 -50.20 -4.90 -27.26
N VAL D 99 -51.29 -4.60 -28.00
CA VAL D 99 -52.39 -5.53 -28.25
C VAL D 99 -51.95 -6.71 -29.15
N ARG D 100 -51.36 -6.42 -30.33
CA ARG D 100 -50.89 -7.45 -31.27
C ARG D 100 -49.65 -8.20 -30.79
N SER D 101 -48.81 -7.54 -29.95
CA SER D 101 -47.58 -8.13 -29.39
C SER D 101 -47.89 -8.95 -28.13
N GLY D 102 -49.06 -8.72 -27.54
CA GLY D 102 -49.51 -9.38 -26.32
C GLY D 102 -48.85 -8.80 -25.09
N VAL D 103 -47.50 -8.76 -25.10
CA VAL D 103 -46.66 -8.22 -24.03
C VAL D 103 -46.73 -6.70 -23.95
N ARG D 104 -46.87 -6.19 -22.71
CA ARG D 104 -46.94 -4.77 -22.38
C ARG D 104 -45.53 -4.13 -22.32
N VAL D 105 -44.49 -4.97 -22.11
CA VAL D 105 -43.09 -4.55 -22.03
C VAL D 105 -42.18 -5.55 -22.78
N LYS D 106 -41.08 -5.03 -23.34
CA LYS D 106 -40.08 -5.80 -24.08
C LYS D 106 -38.68 -5.56 -23.47
N THR D 107 -37.99 -6.65 -23.11
CA THR D 107 -36.66 -6.65 -22.50
C THR D 107 -35.58 -6.87 -23.58
N TYR D 108 -34.52 -6.04 -23.58
CA TYR D 108 -33.43 -6.11 -24.56
C TYR D 108 -32.06 -6.28 -23.93
N GLU D 109 -31.12 -6.84 -24.72
CA GLU D 109 -29.72 -7.01 -24.36
C GLU D 109 -29.00 -5.70 -24.77
N PRO D 110 -27.98 -5.22 -24.02
CA PRO D 110 -27.32 -3.95 -24.40
C PRO D 110 -26.88 -3.82 -25.87
N GLU D 111 -26.29 -4.90 -26.41
CA GLU D 111 -25.81 -5.00 -27.79
C GLU D 111 -26.92 -4.89 -28.84
N ALA D 112 -28.14 -5.32 -28.49
CA ALA D 112 -29.30 -5.30 -29.38
C ALA D 112 -29.82 -3.91 -29.74
N ILE D 113 -29.74 -2.94 -28.81
CA ILE D 113 -30.27 -1.59 -29.04
C ILE D 113 -29.25 -0.46 -28.84
N TRP D 114 -29.59 0.75 -29.34
CA TRP D 114 -28.78 1.96 -29.17
C TRP D 114 -28.94 2.47 -27.74
N ILE D 115 -27.80 2.65 -27.03
CA ILE D 115 -27.76 3.17 -25.68
C ILE D 115 -26.85 4.42 -25.67
N PRO D 116 -27.29 5.55 -25.08
CA PRO D 116 -26.43 6.75 -25.06
C PRO D 116 -25.17 6.57 -24.23
N GLU D 117 -24.01 6.98 -24.78
CA GLU D 117 -22.71 6.89 -24.13
C GLU D 117 -22.61 7.93 -23.03
N ILE D 118 -23.11 7.57 -21.84
CA ILE D 118 -23.09 8.40 -20.62
C ILE D 118 -21.79 8.05 -19.88
N ARG D 119 -21.01 9.05 -19.49
CA ARG D 119 -19.76 8.88 -18.78
C ARG D 119 -19.71 9.78 -17.56
N PHE D 120 -18.85 9.43 -16.59
CA PHE D 120 -18.61 10.22 -15.38
C PHE D 120 -17.40 11.05 -15.65
N VAL D 121 -17.45 12.35 -15.35
CA VAL D 121 -16.32 13.26 -15.58
C VAL D 121 -15.16 13.01 -14.57
N ASN D 122 -15.47 13.11 -13.27
CA ASN D 122 -14.49 13.04 -12.20
C ASN D 122 -14.24 11.66 -11.60
N VAL D 123 -13.95 10.67 -12.44
CA VAL D 123 -13.60 9.32 -11.98
C VAL D 123 -12.13 9.04 -12.29
N GLU D 124 -11.47 8.24 -11.43
CA GLU D 124 -10.07 7.85 -11.60
C GLU D 124 -9.95 6.98 -12.86
N ASN D 125 -10.51 5.77 -12.81
CA ASN D 125 -10.55 4.90 -13.98
C ASN D 125 -12.03 4.68 -14.37
N ALA D 126 -12.32 4.41 -15.67
CA ALA D 126 -13.70 4.21 -16.15
C ALA D 126 -14.45 3.20 -15.27
N ARG D 127 -15.68 3.58 -14.83
CA ARG D 127 -16.58 2.82 -13.96
C ARG D 127 -16.80 1.35 -14.37
N ASP D 128 -16.89 0.48 -13.38
CA ASP D 128 -17.16 -0.92 -13.61
C ASP D 128 -18.67 -1.03 -13.55
N ALA D 129 -19.31 -1.31 -14.72
CA ALA D 129 -20.77 -1.33 -14.87
C ALA D 129 -21.31 -2.67 -15.29
N ASP D 130 -22.41 -3.07 -14.65
CA ASP D 130 -23.14 -4.32 -14.90
C ASP D 130 -24.59 -3.98 -15.13
N VAL D 131 -25.08 -4.21 -16.35
CA VAL D 131 -26.46 -3.92 -16.77
C VAL D 131 -27.43 -4.86 -16.02
N VAL D 132 -28.36 -4.26 -15.29
CA VAL D 132 -29.38 -4.94 -14.49
C VAL D 132 -30.61 -5.26 -15.36
N ASP D 133 -31.12 -4.26 -16.10
CA ASP D 133 -32.29 -4.38 -16.95
C ASP D 133 -32.40 -3.26 -17.98
N ILE D 134 -33.00 -3.57 -19.14
CA ILE D 134 -33.32 -2.66 -20.24
C ILE D 134 -34.76 -3.02 -20.63
N SER D 135 -35.70 -2.09 -20.44
CA SER D 135 -37.12 -2.31 -20.72
C SER D 135 -37.72 -1.27 -21.65
N VAL D 136 -38.36 -1.72 -22.73
CA VAL D 136 -39.01 -0.84 -23.71
C VAL D 136 -40.53 -0.90 -23.54
N SER D 137 -41.15 0.28 -23.43
CA SER D 137 -42.59 0.44 -23.29
C SER D 137 -43.22 0.51 -24.71
N PRO D 138 -44.57 0.35 -24.87
CA PRO D 138 -45.15 0.38 -26.23
C PRO D 138 -44.83 1.62 -27.07
N ASP D 139 -44.79 2.81 -26.44
CA ASP D 139 -44.48 4.09 -27.12
C ASP D 139 -42.99 4.24 -27.54
N GLY D 140 -42.15 3.31 -27.09
CA GLY D 140 -40.72 3.31 -27.39
C GLY D 140 -39.84 3.91 -26.32
N THR D 141 -40.38 4.14 -25.10
CA THR D 141 -39.61 4.68 -23.98
C THR D 141 -38.76 3.56 -23.37
N VAL D 142 -37.43 3.73 -23.44
CA VAL D 142 -36.45 2.76 -22.92
C VAL D 142 -36.14 3.09 -21.45
N GLN D 143 -36.10 2.06 -20.59
CA GLN D 143 -35.77 2.17 -19.18
C GLN D 143 -34.57 1.29 -18.86
N TYR D 144 -33.40 1.91 -18.87
CA TYR D 144 -32.09 1.29 -18.63
C TYR D 144 -31.75 1.37 -17.15
N LEU D 145 -31.14 0.30 -16.62
CA LEU D 145 -30.66 0.23 -15.25
C LEU D 145 -29.39 -0.59 -15.15
N GLU D 146 -28.37 -0.01 -14.55
CA GLU D 146 -27.07 -0.64 -14.37
C GLU D 146 -26.58 -0.42 -12.96
N ARG D 147 -25.79 -1.35 -12.46
CA ARG D 147 -25.16 -1.19 -11.17
C ARG D 147 -23.70 -0.87 -11.44
N PHE D 148 -23.18 0.18 -10.81
CA PHE D 148 -21.79 0.57 -11.04
C PHE D 148 -21.02 0.79 -9.75
N SER D 149 -19.69 0.82 -9.87
CA SER D 149 -18.76 1.15 -8.80
C SER D 149 -17.67 2.05 -9.40
N ALA D 150 -17.37 3.18 -8.74
CA ALA D 150 -16.37 4.12 -9.23
C ALA D 150 -15.59 4.83 -8.10
N ARG D 151 -14.31 5.18 -8.37
CA ARG D 151 -13.47 5.96 -7.45
C ARG D 151 -13.57 7.38 -7.98
N VAL D 152 -14.31 8.23 -7.26
CA VAL D 152 -14.61 9.61 -7.62
C VAL D 152 -13.58 10.60 -7.02
N LEU D 153 -13.04 11.49 -7.87
CA LEU D 153 -12.10 12.55 -7.56
C LEU D 153 -12.94 13.78 -7.22
N SER D 154 -12.96 14.19 -5.97
CA SER D 154 -13.72 15.38 -5.60
C SER D 154 -12.92 16.21 -4.61
N PRO D 155 -12.57 17.48 -4.96
CA PRO D 155 -11.76 18.33 -4.06
C PRO D 155 -12.38 18.64 -2.71
N LEU D 156 -11.51 18.82 -1.70
CA LEU D 156 -11.98 19.09 -0.35
C LEU D 156 -11.47 20.40 0.23
N ASP D 157 -12.31 21.06 1.07
CA ASP D 157 -11.94 22.31 1.73
C ASP D 157 -11.53 22.01 3.17
N PHE D 158 -10.21 21.94 3.40
CA PHE D 158 -9.65 21.58 4.70
C PHE D 158 -9.51 22.74 5.69
N ARG D 159 -9.89 23.97 5.30
CA ARG D 159 -9.82 25.19 6.10
C ARG D 159 -10.37 25.04 7.55
N ARG D 160 -11.51 24.35 7.72
CA ARG D 160 -12.12 24.17 9.05
C ARG D 160 -11.88 22.81 9.69
N TYR D 161 -10.92 22.01 9.16
CA TYR D 161 -10.60 20.68 9.69
C TYR D 161 -10.25 20.69 11.20
N PRO D 162 -10.72 19.71 12.02
CA PRO D 162 -11.60 18.58 11.68
C PRO D 162 -13.09 18.90 11.85
N PHE D 163 -13.46 20.20 11.88
CA PHE D 163 -14.85 20.66 12.03
C PHE D 163 -15.41 21.11 10.68
N ASP D 164 -14.96 20.43 9.61
CA ASP D 164 -15.32 20.75 8.22
C ASP D 164 -16.46 19.93 7.66
N SER D 165 -17.19 20.55 6.73
CA SER D 165 -18.27 19.94 5.98
C SER D 165 -17.88 20.04 4.52
N GLN D 166 -18.24 19.00 3.74
CA GLN D 166 -17.89 18.90 2.32
C GLN D 166 -19.09 18.64 1.42
N THR D 167 -18.94 19.00 0.14
CA THR D 167 -19.91 18.73 -0.92
C THR D 167 -19.18 17.91 -1.96
N LEU D 168 -19.38 16.59 -1.91
CA LEU D 168 -18.80 15.65 -2.87
C LEU D 168 -19.62 15.73 -4.16
N HIS D 169 -18.95 15.69 -5.32
CA HIS D 169 -19.64 15.76 -6.61
C HIS D 169 -19.45 14.53 -7.46
N ILE D 170 -20.48 14.18 -8.21
CA ILE D 170 -20.49 13.11 -9.20
C ILE D 170 -21.05 13.77 -10.44
N TYR D 171 -20.19 14.04 -11.44
CA TYR D 171 -20.60 14.68 -12.69
C TYR D 171 -20.89 13.70 -13.81
N LEU D 172 -22.14 13.71 -14.31
CA LEU D 172 -22.57 12.87 -15.43
C LEU D 172 -22.43 13.69 -16.70
N ILE D 173 -21.99 13.06 -17.80
CA ILE D 173 -21.82 13.78 -19.06
C ILE D 173 -22.22 12.92 -20.27
N VAL D 174 -22.65 13.59 -21.35
CA VAL D 174 -22.99 12.98 -22.63
C VAL D 174 -22.53 13.88 -23.76
N ARG D 175 -21.85 13.31 -24.76
CA ARG D 175 -21.39 14.05 -25.92
C ARG D 175 -22.39 13.82 -27.04
N SER D 176 -22.88 14.93 -27.63
CA SER D 176 -23.83 14.91 -28.74
C SER D 176 -23.21 14.25 -29.96
N VAL D 177 -24.03 13.52 -30.71
CA VAL D 177 -23.59 12.82 -31.91
C VAL D 177 -23.85 13.64 -33.17
N ASP D 178 -23.29 13.14 -34.28
CA ASP D 178 -23.34 13.68 -35.65
C ASP D 178 -24.75 14.04 -36.08
N THR D 179 -25.66 13.05 -35.97
CA THR D 179 -27.05 13.13 -36.36
C THR D 179 -27.85 14.09 -35.46
N ARG D 180 -27.82 13.90 -34.11
CA ARG D 180 -28.56 14.80 -33.22
C ARG D 180 -27.90 15.01 -31.85
N ASN D 181 -28.27 16.13 -31.20
CA ASN D 181 -27.80 16.54 -29.90
C ASN D 181 -28.47 15.74 -28.79
N ILE D 182 -27.71 15.48 -27.71
CA ILE D 182 -28.20 14.76 -26.54
C ILE D 182 -28.07 15.67 -25.31
N VAL D 183 -29.18 15.85 -24.59
CA VAL D 183 -29.29 16.70 -23.40
C VAL D 183 -29.69 15.84 -22.20
N LEU D 184 -29.03 16.07 -21.05
CA LEU D 184 -29.31 15.33 -19.83
C LEU D 184 -30.43 15.94 -19.00
N ALA D 185 -31.13 15.11 -18.21
CA ALA D 185 -32.21 15.52 -17.32
C ALA D 185 -32.19 14.67 -16.04
N VAL D 186 -32.88 15.14 -15.00
CA VAL D 186 -32.93 14.44 -13.73
C VAL D 186 -34.34 13.96 -13.44
N ASP D 187 -34.50 12.65 -13.21
CA ASP D 187 -35.75 12.03 -12.79
C ASP D 187 -35.57 11.86 -11.29
N LEU D 188 -36.11 12.83 -10.51
CA LEU D 188 -36.00 12.89 -9.05
C LEU D 188 -36.53 11.66 -8.33
N GLU D 189 -37.46 10.95 -8.97
CA GLU D 189 -38.07 9.71 -8.48
C GLU D 189 -37.05 8.57 -8.43
N LYS D 190 -35.97 8.67 -9.23
CA LYS D 190 -34.93 7.65 -9.35
C LYS D 190 -33.55 8.13 -8.83
N VAL D 191 -33.56 9.20 -8.01
CA VAL D 191 -32.38 9.76 -7.33
C VAL D 191 -32.58 9.57 -5.82
N GLY D 192 -31.59 8.96 -5.17
CA GLY D 192 -31.63 8.68 -3.74
C GLY D 192 -30.42 7.93 -3.24
N LYS D 193 -30.57 7.34 -2.04
CA LYS D 193 -29.54 6.54 -1.35
C LYS D 193 -30.21 5.60 -0.35
N ASN D 194 -29.62 4.41 -0.16
CA ASN D 194 -30.09 3.39 0.77
C ASN D 194 -29.92 3.91 2.22
N ASP D 195 -30.85 3.53 3.12
CA ASP D 195 -30.85 3.96 4.54
C ASP D 195 -29.60 3.49 5.31
N ASP D 196 -29.02 2.35 4.90
CA ASP D 196 -27.81 1.75 5.48
C ASP D 196 -26.51 2.40 4.99
N VAL D 197 -26.58 3.31 3.97
CA VAL D 197 -25.40 4.01 3.42
C VAL D 197 -24.71 4.80 4.53
N PHE D 198 -23.51 4.35 4.87
CA PHE D 198 -22.66 4.94 5.90
C PHE D 198 -21.30 5.25 5.30
N LEU D 199 -20.73 6.40 5.66
CA LEU D 199 -19.39 6.75 5.22
C LEU D 199 -18.59 6.91 6.50
N THR D 200 -17.74 5.91 6.82
CA THR D 200 -16.91 5.86 8.04
C THR D 200 -16.25 7.21 8.33
N GLY D 201 -16.48 7.73 9.53
CA GLY D 201 -15.94 9.00 10.00
C GLY D 201 -16.63 10.25 9.47
N TRP D 202 -17.77 10.08 8.81
CA TRP D 202 -18.57 11.15 8.21
C TRP D 202 -20.05 10.94 8.44
N ASP D 203 -20.80 12.05 8.47
CA ASP D 203 -22.25 12.07 8.58
C ASP D 203 -22.77 12.46 7.21
N ILE D 204 -23.64 11.65 6.62
CA ILE D 204 -24.22 11.95 5.31
C ILE D 204 -25.48 12.79 5.53
N GLU D 205 -25.49 14.03 5.00
CA GLU D 205 -26.62 14.93 5.15
C GLU D 205 -27.64 14.77 4.03
N SER D 206 -27.19 14.94 2.77
CA SER D 206 -28.06 14.87 1.60
C SER D 206 -27.35 14.32 0.37
N PHE D 207 -28.14 13.85 -0.60
CA PHE D 207 -27.70 13.41 -1.92
C PHE D 207 -28.76 13.90 -2.88
N THR D 208 -28.48 15.03 -3.53
CA THR D 208 -29.40 15.69 -4.47
C THR D 208 -28.72 15.94 -5.81
N ALA D 209 -29.50 16.32 -6.84
CA ALA D 209 -28.99 16.63 -8.16
C ALA D 209 -29.41 18.02 -8.60
N VAL D 210 -28.45 18.76 -9.18
CA VAL D 210 -28.70 20.08 -9.76
C VAL D 210 -29.36 19.73 -11.09
N VAL D 211 -30.71 19.82 -11.10
CA VAL D 211 -31.63 19.43 -12.18
C VAL D 211 -31.35 20.11 -13.55
N LYS D 212 -30.82 21.34 -13.55
CA LYS D 212 -30.50 22.04 -14.80
C LYS D 212 -29.08 21.64 -15.27
N PRO D 213 -28.94 20.96 -16.43
CA PRO D 213 -27.60 20.56 -16.88
C PRO D 213 -26.74 21.72 -17.39
N ALA D 214 -25.41 21.56 -17.28
CA ALA D 214 -24.44 22.53 -17.79
C ALA D 214 -24.20 22.13 -19.23
N ASN D 215 -24.81 22.89 -20.16
CA ASN D 215 -24.65 22.63 -21.59
C ASN D 215 -23.59 23.57 -22.14
N PHE D 216 -22.56 22.98 -22.78
CA PHE D 216 -21.39 23.69 -23.33
C PHE D 216 -20.84 22.99 -24.56
N ALA D 217 -19.88 23.63 -25.26
CA ALA D 217 -19.26 23.08 -26.46
C ALA D 217 -17.81 22.69 -26.19
N LEU D 218 -17.42 21.49 -26.60
CA LEU D 218 -16.07 20.96 -26.46
C LEU D 218 -15.67 20.18 -27.71
N GLU D 219 -14.56 20.60 -28.34
CA GLU D 219 -14.00 20.03 -29.58
C GLU D 219 -15.08 19.94 -30.70
N ASP D 220 -15.73 21.09 -30.97
CA ASP D 220 -16.77 21.33 -31.99
C ASP D 220 -18.07 20.51 -31.79
N ARG D 221 -18.30 19.99 -30.58
CA ARG D 221 -19.53 19.26 -30.28
C ARG D 221 -20.12 19.69 -28.96
N LEU D 222 -21.42 19.47 -28.80
CA LEU D 222 -22.19 19.84 -27.62
C LEU D 222 -22.11 18.76 -26.54
N GLU D 223 -21.85 19.20 -25.30
CA GLU D 223 -21.75 18.36 -24.13
C GLU D 223 -22.73 18.81 -23.06
N SER D 224 -23.51 17.86 -22.51
CA SER D 224 -24.52 18.09 -21.46
C SER D 224 -24.04 17.42 -20.17
N LYS D 225 -23.70 18.23 -19.15
CA LYS D 225 -23.17 17.78 -17.86
C LYS D 225 -24.17 17.95 -16.69
N LEU D 226 -24.23 16.97 -15.77
CA LEU D 226 -25.12 17.01 -14.59
C LEU D 226 -24.32 16.92 -13.30
N ASP D 227 -24.74 17.68 -12.28
CA ASP D 227 -24.06 17.71 -10.99
C ASP D 227 -24.87 17.05 -9.89
N TYR D 228 -24.43 15.83 -9.49
CA TYR D 228 -24.99 15.08 -8.37
C TYR D 228 -24.13 15.44 -7.16
N GLN D 229 -24.76 15.99 -6.12
CA GLN D 229 -24.06 16.48 -4.92
C GLN D 229 -24.37 15.69 -3.65
N LEU D 230 -23.33 15.12 -3.05
CA LEU D 230 -23.42 14.38 -1.80
C LEU D 230 -22.86 15.28 -0.69
N ARG D 231 -23.76 15.82 0.17
CA ARG D 231 -23.39 16.72 1.27
C ARG D 231 -23.09 15.93 2.52
N ILE D 232 -21.86 16.07 3.02
CA ILE D 232 -21.36 15.34 4.20
C ILE D 232 -20.67 16.26 5.22
N SER D 233 -20.70 15.87 6.50
CA SER D 233 -20.03 16.63 7.56
C SER D 233 -19.17 15.67 8.39
N ARG D 234 -17.95 16.10 8.70
CA ARG D 234 -17.00 15.29 9.42
C ARG D 234 -17.33 15.09 10.89
N GLN D 235 -17.19 13.84 11.35
CA GLN D 235 -17.38 13.40 12.73
C GLN D 235 -16.09 13.74 13.46
N TYR D 236 -16.07 14.94 14.07
CA TYR D 236 -14.91 15.49 14.79
C TYR D 236 -14.60 14.84 16.14
N PHE D 237 -15.59 14.14 16.76
CA PHE D 237 -15.49 13.50 18.08
C PHE D 237 -14.10 12.99 18.46
N SER D 238 -13.59 11.95 17.77
CA SER D 238 -12.30 11.28 18.00
C SER D 238 -11.10 12.21 18.07
N TYR D 239 -11.12 13.33 17.33
CA TYR D 239 -10.03 14.32 17.33
C TYR D 239 -9.80 14.96 18.70
N ILE D 240 -10.88 15.09 19.50
CA ILE D 240 -10.84 15.67 20.85
C ILE D 240 -10.03 14.77 21.84
N PRO D 241 -10.39 13.49 22.14
CA PRO D 241 -9.56 12.72 23.08
C PRO D 241 -8.24 12.17 22.54
N ASN D 242 -8.02 12.25 21.22
CA ASN D 242 -6.83 11.67 20.58
C ASN D 242 -5.75 12.65 20.17
N ILE D 243 -6.14 13.89 19.81
CA ILE D 243 -5.19 14.90 19.36
C ILE D 243 -5.31 16.18 20.17
N ILE D 244 -6.52 16.80 20.21
CA ILE D 244 -6.78 18.08 20.88
C ILE D 244 -6.43 18.06 22.35
N LEU D 245 -7.10 17.23 23.17
CA LEU D 245 -6.83 17.19 24.61
C LEU D 245 -5.38 16.72 24.92
N PRO D 246 -4.84 15.61 24.35
CA PRO D 246 -3.44 15.26 24.63
C PRO D 246 -2.46 16.42 24.36
N MET D 247 -2.68 17.17 23.25
CA MET D 247 -1.88 18.32 22.83
C MET D 247 -1.91 19.47 23.84
N LEU D 248 -3.08 19.72 24.46
CA LEU D 248 -3.24 20.80 25.45
C LEU D 248 -2.58 20.40 26.76
N PHE D 249 -2.74 19.12 27.19
CA PHE D 249 -2.14 18.60 28.41
C PHE D 249 -0.62 18.82 28.44
N ILE D 250 0.10 18.42 27.37
CA ILE D 250 1.56 18.57 27.23
C ILE D 250 1.99 20.04 27.29
N LEU D 251 1.18 20.94 26.68
CA LEU D 251 1.39 22.39 26.68
C LEU D 251 1.25 22.96 28.11
N PHE D 252 0.21 22.52 28.87
CA PHE D 252 -0.01 22.96 30.26
C PHE D 252 1.06 22.43 31.20
N ILE D 253 1.63 21.24 30.87
CA ILE D 253 2.73 20.62 31.62
C ILE D 253 3.98 21.51 31.46
N SER D 254 4.21 22.05 30.25
CA SER D 254 5.34 22.95 29.97
C SER D 254 5.26 24.22 30.83
N TRP D 255 4.04 24.70 31.11
CA TRP D 255 3.80 25.91 31.90
C TRP D 255 4.06 25.73 33.42
N THR D 256 4.28 24.49 33.88
CA THR D 256 4.59 24.24 35.30
C THR D 256 6.01 24.77 35.61
N ALA D 257 6.81 25.08 34.55
CA ALA D 257 8.15 25.65 34.66
C ALA D 257 8.09 27.08 35.23
N PHE D 258 6.88 27.69 35.21
CA PHE D 258 6.66 29.02 35.76
C PHE D 258 6.48 28.97 37.28
N TRP D 259 6.47 27.77 37.88
CA TRP D 259 6.40 27.55 39.33
C TRP D 259 7.63 26.75 39.78
N SER D 260 8.72 26.86 39.00
CA SER D 260 9.99 26.20 39.26
C SER D 260 11.16 27.14 39.01
N THR D 261 12.15 27.06 39.93
CA THR D 261 13.40 27.83 39.91
C THR D 261 14.57 26.98 39.37
N SER D 262 14.31 25.67 39.14
CA SER D 262 15.25 24.69 38.63
C SER D 262 15.36 24.75 37.11
N TYR D 263 16.42 25.43 36.61
CA TYR D 263 16.69 25.57 35.17
C TYR D 263 16.81 24.22 34.48
N GLU D 264 17.53 23.26 35.08
CA GLU D 264 17.75 21.93 34.55
C GLU D 264 16.41 21.19 34.37
N ALA D 265 15.49 21.33 35.37
CA ALA D 265 14.16 20.72 35.31
C ALA D 265 13.28 21.43 34.26
N ASN D 266 13.33 22.78 34.22
CA ASN D 266 12.57 23.60 33.26
C ASN D 266 12.92 23.29 31.82
N VAL D 267 14.23 23.13 31.55
CA VAL D 267 14.77 22.76 30.23
C VAL D 267 14.16 21.41 29.82
N THR D 268 14.13 20.44 30.75
CA THR D 268 13.52 19.12 30.56
C THR D 268 12.02 19.28 30.27
N LEU D 269 11.28 19.99 31.13
CA LEU D 269 9.85 20.23 30.97
C LEU D 269 9.48 20.79 29.61
N VAL D 270 10.08 21.93 29.21
CA VAL D 270 9.74 22.63 27.98
C VAL D 270 10.24 21.90 26.70
N VAL D 271 11.48 21.39 26.73
CA VAL D 271 12.07 20.71 25.58
C VAL D 271 11.37 19.38 25.32
N SER D 272 11.13 18.58 26.39
CA SER D 272 10.47 17.27 26.27
C SER D 272 9.06 17.36 25.75
N THR D 273 8.25 18.29 26.29
CA THR D 273 6.87 18.50 25.83
C THR D 273 6.85 18.99 24.40
N LEU D 274 7.82 19.86 24.02
CA LEU D 274 7.93 20.36 22.65
C LEU D 274 8.10 19.21 21.64
N ILE D 275 8.86 18.19 22.01
CA ILE D 275 9.09 17.03 21.17
C ILE D 275 7.79 16.24 20.95
N ALA D 276 6.96 16.12 22.01
CA ALA D 276 5.65 15.46 21.94
C ALA D 276 4.72 16.26 21.03
N HIS D 277 4.92 17.60 20.95
CA HIS D 277 4.14 18.47 20.05
C HIS D 277 4.56 18.24 18.59
N ILE D 278 5.88 18.11 18.33
CA ILE D 278 6.45 17.80 17.02
C ILE D 278 5.84 16.46 16.55
N ALA D 279 5.73 15.46 17.47
CA ALA D 279 5.12 14.15 17.21
C ALA D 279 3.65 14.27 16.82
N PHE D 280 2.86 15.10 17.55
CA PHE D 280 1.46 15.34 17.21
C PHE D 280 1.33 16.09 15.92
N ASN D 281 2.20 17.07 15.65
CA ASN D 281 2.20 17.84 14.39
C ASN D 281 2.36 16.86 13.21
N ILE D 282 3.36 15.96 13.27
CA ILE D 282 3.61 14.95 12.22
C ILE D 282 2.41 14.02 12.06
N LEU D 283 1.82 13.57 13.18
CA LEU D 283 0.63 12.70 13.16
C LEU D 283 -0.51 13.34 12.38
N VAL D 284 -0.83 14.62 12.70
CA VAL D 284 -1.90 15.38 12.04
C VAL D 284 -1.66 15.55 10.53
N GLU D 285 -0.44 15.95 10.13
N GLU D 285 -0.43 15.94 10.15
CA GLU D 285 -0.12 16.18 8.72
CA GLU D 285 -0.03 16.20 8.78
C GLU D 285 -0.03 14.90 7.90
C GLU D 285 0.07 14.93 7.92
N THR D 286 0.20 13.74 8.54
CA THR D 286 0.21 12.48 7.78
C THR D 286 -1.22 12.13 7.29
N ASN D 287 -2.27 12.50 8.05
CA ASN D 287 -3.67 12.23 7.65
C ASN D 287 -4.31 13.36 6.79
N LEU D 288 -3.48 14.32 6.30
CA LEU D 288 -3.91 15.48 5.50
C LEU D 288 -3.05 15.75 4.27
N PRO D 289 -3.65 16.32 3.18
CA PRO D 289 -2.81 16.72 2.04
C PRO D 289 -2.18 18.09 2.29
N LYS D 290 -1.17 18.45 1.49
CA LYS D 290 -0.49 19.73 1.57
C LYS D 290 -1.41 20.76 0.91
N THR D 291 -1.85 21.74 1.70
CA THR D 291 -2.76 22.78 1.24
C THR D 291 -2.06 24.15 1.04
N PRO D 292 -2.47 24.94 0.02
CA PRO D 292 -1.86 26.27 -0.15
C PRO D 292 -2.47 27.32 0.80
N TYR D 293 -3.20 26.85 1.81
CA TYR D 293 -3.88 27.65 2.83
C TYR D 293 -3.71 27.00 4.19
N MET D 294 -3.98 27.76 5.26
CA MET D 294 -3.86 27.30 6.64
C MET D 294 -5.16 26.64 7.10
N THR D 295 -5.07 25.46 7.73
CA THR D 295 -6.24 24.77 8.27
C THR D 295 -6.40 25.21 9.73
N TYR D 296 -7.59 24.96 10.32
CA TYR D 296 -7.85 25.35 11.71
C TYR D 296 -6.87 24.69 12.66
N THR D 297 -6.73 23.35 12.56
CA THR D 297 -5.78 22.55 13.35
C THR D 297 -4.34 23.00 13.06
N GLY D 298 -4.06 23.30 11.81
CA GLY D 298 -2.74 23.75 11.37
C GLY D 298 -2.32 25.03 12.03
N ALA D 299 -3.27 26.00 12.12
CA ALA D 299 -3.10 27.32 12.75
C ALA D 299 -2.80 27.15 14.24
N ILE D 300 -3.65 26.38 14.97
CA ILE D 300 -3.49 26.07 16.40
C ILE D 300 -2.12 25.41 16.64
N ILE D 301 -1.81 24.30 15.91
CA ILE D 301 -0.54 23.58 16.03
C ILE D 301 0.65 24.52 15.82
N PHE D 302 0.59 25.38 14.78
CA PHE D 302 1.68 26.34 14.50
C PHE D 302 1.87 27.35 15.63
N MET D 303 0.76 27.95 16.08
CA MET D 303 0.75 28.93 17.14
C MET D 303 1.36 28.37 18.43
N ILE D 304 1.09 27.09 18.75
CA ILE D 304 1.62 26.42 19.94
C ILE D 304 3.14 26.36 19.89
N TYR D 305 3.77 26.29 18.70
CA TYR D 305 5.24 26.34 18.60
C TYR D 305 5.78 27.65 19.20
N LEU D 306 5.10 28.78 18.90
CA LEU D 306 5.46 30.10 19.41
C LEU D 306 5.42 30.15 20.93
N PHE D 307 4.43 29.49 21.54
CA PHE D 307 4.27 29.39 22.99
C PHE D 307 5.43 28.63 23.63
N TYR D 308 5.89 27.55 22.97
CA TYR D 308 7.02 26.75 23.43
C TYR D 308 8.31 27.56 23.34
N PHE D 309 8.48 28.27 22.21
CA PHE D 309 9.64 29.11 21.96
C PHE D 309 9.75 30.21 23.00
N VAL D 310 8.65 30.94 23.25
CA VAL D 310 8.61 32.02 24.22
C VAL D 310 8.84 31.47 25.66
N ALA D 311 8.33 30.25 25.97
CA ALA D 311 8.58 29.59 27.26
C ALA D 311 10.08 29.31 27.43
N VAL D 312 10.77 28.86 26.35
CA VAL D 312 12.23 28.65 26.38
C VAL D 312 12.92 29.99 26.69
N ILE D 313 12.51 31.09 26.02
CA ILE D 313 13.08 32.42 26.27
C ILE D 313 12.93 32.74 27.76
N GLU D 314 11.70 32.59 28.32
CA GLU D 314 11.42 32.86 29.74
C GLU D 314 12.36 32.07 30.67
N VAL D 315 12.42 30.76 30.49
CA VAL D 315 13.23 29.82 31.26
C VAL D 315 14.71 30.25 31.26
N THR D 316 15.20 30.68 30.07
CA THR D 316 16.56 31.19 29.80
C THR D 316 16.80 32.52 30.55
N VAL D 317 15.86 33.48 30.41
CA VAL D 317 15.88 34.80 31.03
C VAL D 317 15.94 34.68 32.56
N GLN D 318 15.01 33.89 33.15
CA GLN D 318 14.92 33.62 34.59
C GLN D 318 16.25 33.10 35.16
N HIS D 319 16.88 32.13 34.47
CA HIS D 319 18.16 31.54 34.89
C HIS D 319 19.31 32.55 34.79
N TYR D 320 19.37 33.33 33.69
CA TYR D 320 20.41 34.33 33.46
C TYR D 320 20.43 35.36 34.60
N LEU D 321 19.24 35.91 34.93
CA LEU D 321 19.04 36.90 35.99
C LEU D 321 19.42 36.35 37.34
N LYS D 322 19.02 35.10 37.64
CA LYS D 322 19.34 34.39 38.88
C LYS D 322 20.85 34.24 39.05
N VAL D 323 21.57 33.90 37.96
CA VAL D 323 23.03 33.74 37.94
C VAL D 323 23.73 35.12 38.12
N GLU D 324 23.13 36.18 37.56
CA GLU D 324 23.58 37.58 37.61
C GLU D 324 23.28 38.21 38.96
N SER D 325 22.77 37.39 39.91
CA SER D 325 22.41 37.77 41.28
C SER D 325 21.29 38.79 41.34
N GLN D 326 20.32 38.69 40.40
CA GLN D 326 19.14 39.55 40.43
C GLN D 326 17.86 38.69 40.29
N PRO D 327 17.54 37.88 41.34
CA PRO D 327 16.34 37.02 41.28
C PRO D 327 15.03 37.76 41.49
N ALA D 328 15.09 39.03 41.90
CA ALA D 328 13.91 39.88 42.08
C ALA D 328 13.24 40.16 40.73
N ARG D 329 14.05 40.40 39.65
CA ARG D 329 13.55 40.64 38.28
C ARG D 329 13.05 39.33 37.70
N ALA D 330 13.82 38.26 37.94
CA ALA D 330 13.51 36.90 37.52
C ALA D 330 12.18 36.43 38.11
N ALA D 331 11.90 36.77 39.38
CA ALA D 331 10.66 36.40 40.07
C ALA D 331 9.45 37.13 39.50
N SER D 332 9.62 38.41 39.14
CA SER D 332 8.53 39.24 38.60
C SER D 332 8.16 38.81 37.18
N ILE D 333 9.16 38.40 36.38
CA ILE D 333 8.97 37.91 35.02
C ILE D 333 8.24 36.55 35.07
N THR D 334 8.68 35.65 35.98
CA THR D 334 8.10 34.32 36.16
C THR D 334 6.66 34.43 36.67
N ARG D 335 6.41 35.36 37.62
CA ARG D 335 5.07 35.60 38.20
C ARG D 335 4.09 36.11 37.14
N ALA D 336 4.56 36.98 36.23
CA ALA D 336 3.76 37.53 35.14
C ALA D 336 3.41 36.44 34.14
N SER D 337 4.42 35.62 33.76
CA SER D 337 4.30 34.51 32.81
C SER D 337 3.17 33.54 33.17
N ARG D 338 2.98 33.27 34.49
CA ARG D 338 1.95 32.42 35.07
C ARG D 338 0.55 32.81 34.65
N ILE D 339 0.31 34.12 34.47
CA ILE D 339 -0.96 34.71 34.03
C ILE D 339 -0.93 34.93 32.52
N ALA D 340 0.13 35.62 32.01
CA ALA D 340 0.32 35.97 30.60
C ALA D 340 0.16 34.81 29.62
N PHE D 341 0.88 33.69 29.85
CA PHE D 341 0.81 32.51 28.96
C PHE D 341 -0.62 31.96 28.82
N PRO D 342 -1.37 31.53 29.88
CA PRO D 342 -2.75 31.06 29.65
C PRO D 342 -3.69 32.13 29.07
N VAL D 343 -3.58 33.41 29.51
CA VAL D 343 -4.41 34.52 29.05
C VAL D 343 -4.24 34.74 27.53
N VAL D 344 -2.99 34.91 27.08
CA VAL D 344 -2.67 35.10 25.65
C VAL D 344 -3.07 33.86 24.83
N PHE D 345 -2.88 32.63 25.39
CA PHE D 345 -3.30 31.41 24.70
C PHE D 345 -4.82 31.37 24.50
N LEU D 346 -5.57 31.64 25.58
CA LEU D 346 -7.04 31.70 25.58
C LEU D 346 -7.54 32.78 24.61
N LEU D 347 -6.93 33.98 24.61
CA LEU D 347 -7.33 35.06 23.69
C LEU D 347 -7.00 34.74 22.23
N ALA D 348 -5.77 34.23 21.95
CA ALA D 348 -5.30 33.88 20.61
C ALA D 348 -6.22 32.85 19.95
N ASN D 349 -6.68 31.86 20.76
CA ASN D 349 -7.60 30.82 20.32
C ASN D 349 -8.99 31.39 19.99
N ILE D 350 -9.46 32.39 20.77
CA ILE D 350 -10.74 33.06 20.51
C ILE D 350 -10.63 33.78 19.16
N ILE D 351 -9.49 34.49 18.94
CA ILE D 351 -9.19 35.20 17.70
C ILE D 351 -9.20 34.24 16.50
N LEU D 352 -8.48 33.09 16.61
CA LEU D 352 -8.41 32.07 15.55
C LEU D 352 -9.76 31.46 15.22
N ALA D 353 -10.51 31.03 16.26
CA ALA D 353 -11.84 30.44 16.09
C ALA D 353 -12.77 31.43 15.41
N PHE D 354 -12.61 32.72 15.70
CA PHE D 354 -13.40 33.77 15.09
C PHE D 354 -13.08 33.88 13.58
N LEU D 355 -11.77 33.88 13.22
CA LEU D 355 -11.33 34.00 11.83
C LEU D 355 -11.73 32.79 11.00
N PHE D 356 -11.68 31.58 11.59
CA PHE D 356 -11.97 30.35 10.90
C PHE D 356 -13.46 29.97 10.84
N PHE D 357 -14.32 30.55 11.71
CA PHE D 357 -15.74 30.15 11.74
C PHE D 357 -16.74 31.31 11.73
N VAL E 47 -32.99 -15.31 -23.98
CA VAL E 47 -33.49 -16.09 -22.84
C VAL E 47 -34.44 -15.26 -21.98
N SER E 48 -35.55 -15.88 -21.54
CA SER E 48 -36.60 -15.24 -20.72
C SER E 48 -36.79 -15.99 -19.39
N PRO E 49 -37.40 -15.38 -18.34
CA PRO E 49 -37.58 -16.11 -17.07
C PRO E 49 -38.67 -17.18 -17.13
N PRO E 50 -38.66 -18.22 -16.25
CA PRO E 50 -39.71 -19.25 -16.31
C PRO E 50 -41.12 -18.70 -16.10
N PRO E 51 -42.13 -19.15 -16.87
CA PRO E 51 -43.49 -18.60 -16.69
C PRO E 51 -44.22 -19.15 -15.47
N PRO E 52 -45.06 -18.33 -14.79
CA PRO E 52 -45.77 -18.85 -13.61
C PRO E 52 -46.98 -19.71 -13.97
N ILE E 53 -47.18 -20.82 -13.22
CA ILE E 53 -48.34 -21.72 -13.44
C ILE E 53 -49.64 -21.01 -13.04
N ALA E 54 -49.60 -20.31 -11.89
CA ALA E 54 -50.66 -19.47 -11.36
C ALA E 54 -49.93 -18.13 -11.35
N ASP E 55 -50.30 -17.20 -10.46
CA ASP E 55 -49.73 -15.88 -10.30
C ASP E 55 -48.56 -15.78 -9.26
N GLU E 56 -48.00 -16.94 -8.85
CA GLU E 56 -46.93 -17.05 -7.84
C GLU E 56 -45.55 -16.50 -8.28
N PRO E 57 -44.73 -16.00 -7.32
CA PRO E 57 -43.39 -15.55 -7.69
C PRO E 57 -42.42 -16.74 -7.82
N LEU E 58 -41.19 -16.49 -8.30
CA LEU E 58 -40.19 -17.55 -8.43
C LEU E 58 -39.31 -17.60 -7.18
N THR E 59 -39.26 -18.76 -6.53
CA THR E 59 -38.47 -18.98 -5.33
C THR E 59 -37.08 -19.51 -5.72
N VAL E 60 -36.04 -18.71 -5.42
CA VAL E 60 -34.65 -19.08 -5.67
C VAL E 60 -34.05 -19.44 -4.31
N ASN E 61 -33.79 -20.74 -4.10
CA ASN E 61 -33.23 -21.26 -2.88
C ASN E 61 -31.73 -21.07 -2.90
N THR E 62 -31.24 -20.29 -1.93
CA THR E 62 -29.84 -19.93 -1.83
C THR E 62 -29.11 -20.70 -0.75
N GLY E 63 -27.78 -20.66 -0.83
CA GLY E 63 -26.86 -21.29 0.10
C GLY E 63 -25.45 -20.80 -0.09
N ILE E 64 -24.79 -20.38 1.00
CA ILE E 64 -23.39 -19.93 0.98
C ILE E 64 -22.60 -20.91 1.86
N TYR E 65 -21.55 -21.53 1.30
CA TYR E 65 -20.67 -22.44 2.03
C TYR E 65 -19.26 -21.83 1.99
N LEU E 66 -18.78 -21.26 3.14
CA LEU E 66 -17.48 -20.60 3.24
C LEU E 66 -16.32 -21.56 3.11
N ILE E 67 -15.37 -21.25 2.22
CA ILE E 67 -14.16 -22.03 1.97
C ILE E 67 -12.98 -21.36 2.71
N GLU E 68 -12.84 -20.02 2.56
N GLU E 68 -12.92 -20.01 2.62
CA GLU E 68 -11.77 -19.23 3.21
CA GLU E 68 -11.89 -19.20 3.26
C GLU E 68 -12.29 -17.86 3.68
C GLU E 68 -12.47 -17.93 3.82
N CYS E 69 -11.80 -17.42 4.86
CA CYS E 69 -12.10 -16.15 5.50
C CYS E 69 -10.79 -15.52 5.77
N TYR E 70 -10.62 -14.28 5.33
CA TYR E 70 -9.35 -13.58 5.49
C TYR E 70 -9.53 -12.06 5.47
N SER E 71 -8.41 -11.36 5.70
CA SER E 71 -8.26 -9.93 5.67
C SER E 71 -9.41 -9.13 6.34
N LEU E 72 -9.67 -9.37 7.65
CA LEU E 72 -10.63 -8.52 8.35
C LEU E 72 -9.85 -7.25 8.72
N ASP E 73 -10.11 -6.17 7.98
CA ASP E 73 -9.51 -4.85 8.10
C ASP E 73 -10.41 -4.02 9.01
N ASP E 74 -9.94 -3.71 10.23
CA ASP E 74 -10.73 -2.92 11.19
C ASP E 74 -10.92 -1.47 10.74
N LYS E 75 -9.82 -0.82 10.25
CA LYS E 75 -9.83 0.55 9.74
C LYS E 75 -10.86 0.69 8.61
N ALA E 76 -10.84 -0.25 7.64
CA ALA E 76 -11.70 -0.30 6.45
C ALA E 76 -13.08 -0.87 6.70
N GLU E 77 -13.27 -1.60 7.81
CA GLU E 77 -14.50 -2.29 8.19
C GLU E 77 -14.94 -3.24 7.05
N THR E 78 -13.97 -3.98 6.51
CA THR E 78 -14.15 -4.96 5.43
C THR E 78 -13.50 -6.29 5.80
N PHE E 79 -13.94 -7.36 5.12
CA PHE E 79 -13.39 -8.71 5.23
C PHE E 79 -13.45 -9.35 3.85
N LYS E 80 -12.55 -10.29 3.58
CA LYS E 80 -12.55 -10.99 2.30
C LYS E 80 -13.06 -12.41 2.52
N VAL E 81 -13.85 -12.91 1.59
CA VAL E 81 -14.43 -14.24 1.66
C VAL E 81 -14.21 -14.97 0.35
N ASN E 82 -14.16 -16.29 0.42
CA ASN E 82 -14.03 -17.20 -0.70
C ASN E 82 -14.99 -18.32 -0.37
N ALA E 83 -16.07 -18.45 -1.13
CA ALA E 83 -17.15 -19.38 -0.82
C ALA E 83 -17.81 -20.01 -2.03
N PHE E 84 -18.80 -20.87 -1.76
CA PHE E 84 -19.65 -21.50 -2.76
C PHE E 84 -21.00 -20.80 -2.67
N LEU E 85 -21.58 -20.47 -3.81
CA LEU E 85 -22.93 -19.91 -3.87
C LEU E 85 -23.75 -20.92 -4.63
N SER E 86 -24.78 -21.45 -3.98
CA SER E 86 -25.65 -22.41 -4.60
C SER E 86 -27.03 -21.79 -4.79
N LEU E 87 -27.58 -21.93 -6.00
CA LEU E 87 -28.91 -21.42 -6.34
C LEU E 87 -29.74 -22.55 -6.91
N SER E 88 -31.05 -22.56 -6.59
CA SER E 88 -31.96 -23.58 -7.08
C SER E 88 -33.37 -23.01 -7.31
N TRP E 89 -33.90 -23.23 -8.50
CA TRP E 89 -35.23 -22.76 -8.92
C TRP E 89 -35.86 -23.76 -9.89
N LYS E 90 -37.19 -23.67 -10.08
CA LYS E 90 -37.91 -24.54 -11.01
C LYS E 90 -38.20 -23.82 -12.34
N ASP E 91 -37.79 -24.47 -13.44
CA ASP E 91 -38.05 -24.02 -14.81
C ASP E 91 -38.65 -25.21 -15.55
N ARG E 92 -39.99 -25.25 -15.66
CA ARG E 92 -40.68 -26.36 -16.29
C ARG E 92 -40.39 -26.48 -17.79
N ARG E 93 -39.91 -25.41 -18.44
CA ARG E 93 -39.52 -25.43 -19.84
C ARG E 93 -38.34 -26.40 -20.04
N LEU E 94 -37.53 -26.61 -18.98
CA LEU E 94 -36.35 -27.49 -18.97
C LEU E 94 -36.68 -28.93 -18.51
N ALA E 95 -37.94 -29.19 -18.10
CA ALA E 95 -38.40 -30.50 -17.65
C ALA E 95 -38.32 -31.54 -18.77
N PHE E 96 -38.01 -32.78 -18.41
CA PHE E 96 -37.85 -33.89 -19.35
C PHE E 96 -38.29 -35.22 -18.75
N ASP E 97 -38.70 -36.18 -19.61
CA ASP E 97 -39.07 -37.51 -19.15
C ASP E 97 -37.77 -38.30 -18.94
N PRO E 98 -37.46 -38.76 -17.70
CA PRO E 98 -36.17 -39.43 -17.48
C PRO E 98 -36.04 -40.81 -18.14
N VAL E 99 -37.17 -41.50 -18.38
CA VAL E 99 -37.22 -42.84 -18.99
C VAL E 99 -36.77 -42.77 -20.47
N ARG E 100 -37.39 -41.91 -21.30
CA ARG E 100 -37.03 -41.78 -22.72
C ARG E 100 -35.68 -41.08 -22.93
N SER E 101 -35.31 -40.17 -22.02
CA SER E 101 -34.04 -39.45 -22.11
C SER E 101 -32.88 -40.30 -21.61
N GLY E 102 -33.20 -41.38 -20.87
CA GLY E 102 -32.23 -42.30 -20.29
C GLY E 102 -31.56 -41.71 -19.07
N VAL E 103 -30.98 -40.49 -19.24
CA VAL E 103 -30.31 -39.71 -18.21
C VAL E 103 -31.30 -39.14 -17.20
N ARG E 104 -30.94 -39.29 -15.91
CA ARG E 104 -31.70 -38.81 -14.75
C ARG E 104 -31.45 -37.31 -14.58
N VAL E 105 -30.25 -36.82 -14.95
CA VAL E 105 -29.84 -35.43 -14.83
C VAL E 105 -29.26 -34.90 -16.15
N LYS E 106 -29.44 -33.59 -16.42
CA LYS E 106 -28.95 -32.88 -17.60
C LYS E 106 -28.11 -31.66 -17.18
N THR E 107 -26.86 -31.59 -17.66
CA THR E 107 -25.90 -30.53 -17.36
C THR E 107 -25.92 -29.46 -18.44
N TYR E 108 -25.98 -28.17 -18.04
CA TYR E 108 -26.05 -27.03 -18.97
C TYR E 108 -24.94 -26.02 -18.75
N GLU E 109 -24.62 -25.25 -19.80
CA GLU E 109 -23.66 -24.16 -19.76
C GLU E 109 -24.45 -22.89 -19.34
N PRO E 110 -23.84 -21.94 -18.57
CA PRO E 110 -24.60 -20.74 -18.14
C PRO E 110 -25.38 -20.00 -19.24
N GLU E 111 -24.75 -19.82 -20.41
CA GLU E 111 -25.30 -19.14 -21.59
C GLU E 111 -26.51 -19.86 -22.19
N ALA E 112 -26.57 -21.20 -22.06
CA ALA E 112 -27.65 -22.02 -22.60
C ALA E 112 -29.01 -21.82 -21.92
N ILE E 113 -29.04 -21.55 -20.60
CA ILE E 113 -30.30 -21.41 -19.85
C ILE E 113 -30.44 -20.09 -19.10
N TRP E 114 -31.69 -19.78 -18.66
CA TRP E 114 -31.99 -18.59 -17.87
C TRP E 114 -31.52 -18.82 -16.44
N ILE E 115 -30.72 -17.88 -15.91
CA ILE E 115 -30.19 -17.91 -14.54
C ILE E 115 -30.59 -16.59 -13.85
N PRO E 116 -31.16 -16.63 -12.63
CA PRO E 116 -31.54 -15.37 -11.96
C PRO E 116 -30.34 -14.51 -11.58
N GLU E 117 -30.43 -13.20 -11.86
CA GLU E 117 -29.38 -12.23 -11.56
C GLU E 117 -29.33 -11.95 -10.06
N ILE E 118 -28.60 -12.80 -9.33
CA ILE E 118 -28.38 -12.68 -7.88
C ILE E 118 -27.11 -11.84 -7.67
N ARG E 119 -27.19 -10.83 -6.81
CA ARG E 119 -26.07 -9.95 -6.51
C ARG E 119 -25.89 -9.79 -5.00
N PHE E 120 -24.69 -9.37 -4.58
CA PHE E 120 -24.35 -9.10 -3.19
C PHE E 120 -24.51 -7.61 -2.99
N VAL E 121 -25.20 -7.19 -1.94
CA VAL E 121 -25.44 -5.76 -1.65
C VAL E 121 -24.16 -5.06 -1.17
N ASN E 122 -23.57 -5.56 -0.08
CA ASN E 122 -22.43 -4.94 0.61
C ASN E 122 -21.04 -5.44 0.16
N VAL E 123 -20.78 -5.41 -1.15
CA VAL E 123 -19.46 -5.75 -1.69
C VAL E 123 -18.78 -4.51 -2.26
N GLU E 124 -17.42 -4.46 -2.19
CA GLU E 124 -16.64 -3.35 -2.72
C GLU E 124 -16.80 -3.33 -4.26
N ASN E 125 -16.23 -4.32 -4.93
CA ASN E 125 -16.40 -4.47 -6.37
C ASN E 125 -17.15 -5.79 -6.66
N ALA E 126 -17.84 -5.90 -7.79
CA ALA E 126 -18.60 -7.12 -8.14
C ALA E 126 -17.73 -8.39 -7.98
N ARG E 127 -18.30 -9.41 -7.29
CA ARG E 127 -17.69 -10.71 -7.01
C ARG E 127 -17.08 -11.44 -8.25
N ASP E 128 -15.93 -12.11 -8.02
CA ASP E 128 -15.25 -12.92 -9.01
C ASP E 128 -15.96 -14.28 -8.90
N ALA E 129 -16.71 -14.66 -9.93
CA ALA E 129 -17.48 -15.91 -9.92
C ALA E 129 -17.10 -16.86 -11.05
N ASP E 130 -16.96 -18.15 -10.70
CA ASP E 130 -16.63 -19.25 -11.59
C ASP E 130 -17.68 -20.32 -11.39
N VAL E 131 -18.47 -20.62 -12.43
CA VAL E 131 -19.53 -21.62 -12.39
C VAL E 131 -18.91 -23.01 -12.30
N VAL E 132 -19.29 -23.75 -11.25
CA VAL E 132 -18.82 -25.11 -10.95
C VAL E 132 -19.71 -26.13 -11.70
N ASP E 133 -21.04 -26.00 -11.57
CA ASP E 133 -22.02 -26.90 -12.18
C ASP E 133 -23.42 -26.30 -12.25
N ILE E 134 -24.19 -26.73 -13.25
CA ILE E 134 -25.60 -26.41 -13.48
C ILE E 134 -26.26 -27.74 -13.85
N SER E 135 -27.18 -28.22 -13.00
CA SER E 135 -27.85 -29.50 -13.19
C SER E 135 -29.37 -29.41 -13.16
N VAL E 136 -30.02 -29.95 -14.21
CA VAL E 136 -31.47 -29.94 -14.32
C VAL E 136 -32.03 -31.34 -14.03
N SER E 137 -33.00 -31.43 -13.12
CA SER E 137 -33.68 -32.66 -12.74
C SER E 137 -34.86 -32.90 -13.70
N PRO E 138 -35.47 -34.13 -13.76
CA PRO E 138 -36.59 -34.35 -14.69
C PRO E 138 -37.75 -33.38 -14.57
N ASP E 139 -38.14 -32.98 -13.33
CA ASP E 139 -39.24 -32.03 -13.09
C ASP E 139 -38.93 -30.57 -13.48
N GLY E 140 -37.68 -30.29 -13.85
CA GLY E 140 -37.23 -28.97 -14.25
C GLY E 140 -36.54 -28.16 -13.17
N THR E 141 -36.20 -28.80 -12.03
CA THR E 141 -35.50 -28.12 -10.93
C THR E 141 -34.03 -27.97 -11.29
N VAL E 142 -33.57 -26.71 -11.39
CA VAL E 142 -32.20 -26.35 -11.72
C VAL E 142 -31.37 -26.26 -10.43
N GLN E 143 -30.15 -26.84 -10.42
CA GLN E 143 -29.21 -26.79 -9.31
C GLN E 143 -27.91 -26.16 -9.78
N TYR E 144 -27.79 -24.86 -9.53
CA TYR E 144 -26.65 -24.01 -9.88
C TYR E 144 -25.65 -23.99 -8.74
N LEU E 145 -24.35 -24.00 -9.09
CA LEU E 145 -23.25 -23.91 -8.13
C LEU E 145 -22.09 -23.15 -8.73
N GLU E 146 -21.63 -22.14 -8.00
CA GLU E 146 -20.51 -21.30 -8.40
C GLU E 146 -19.57 -21.09 -7.24
N ARG E 147 -18.30 -20.87 -7.53
CA ARG E 147 -17.35 -20.55 -6.51
C ARG E 147 -17.03 -19.06 -6.68
N PHE E 148 -17.12 -18.30 -5.58
CA PHE E 148 -16.88 -16.86 -5.67
C PHE E 148 -15.91 -16.36 -4.62
N SER E 149 -15.44 -15.13 -4.80
CA SER E 149 -14.59 -14.41 -3.85
C SER E 149 -15.02 -12.94 -3.88
N ALA E 150 -15.23 -12.36 -2.68
CA ALA E 150 -15.68 -10.98 -2.57
C ALA E 150 -15.11 -10.25 -1.34
N ARG E 151 -14.91 -8.91 -1.48
CA ARG E 151 -14.48 -8.04 -0.38
C ARG E 151 -15.77 -7.41 0.14
N VAL E 152 -16.21 -7.86 1.31
CA VAL E 152 -17.46 -7.47 1.94
C VAL E 152 -17.27 -6.29 2.91
N LEU E 153 -18.12 -5.27 2.77
CA LEU E 153 -18.20 -4.07 3.59
C LEU E 153 -19.17 -4.36 4.72
N SER E 154 -18.69 -4.51 5.94
CA SER E 154 -19.59 -4.76 7.06
C SER E 154 -19.15 -3.95 8.28
N PRO E 155 -20.05 -3.05 8.80
CA PRO E 155 -19.67 -2.20 9.94
C PRO E 155 -19.34 -2.95 11.24
N LEU E 156 -18.38 -2.39 11.99
CA LEU E 156 -17.91 -2.99 13.24
C LEU E 156 -18.18 -2.07 14.42
N ASP E 157 -18.50 -2.66 15.60
CA ASP E 157 -18.75 -1.91 16.82
C ASP E 157 -17.50 -2.00 17.71
N PHE E 158 -16.71 -0.93 17.76
CA PHE E 158 -15.45 -0.93 18.50
C PHE E 158 -15.58 -0.58 19.99
N ARG E 159 -16.81 -0.22 20.44
CA ARG E 159 -17.12 0.16 21.83
C ARG E 159 -16.41 -0.69 22.91
N ARG E 160 -16.38 -2.04 22.75
CA ARG E 160 -15.75 -2.94 23.72
C ARG E 160 -14.32 -3.43 23.36
N TYR E 161 -13.70 -2.87 22.29
CA TYR E 161 -12.34 -3.20 21.79
C TYR E 161 -11.26 -3.20 22.91
N PRO E 162 -10.33 -4.20 22.97
CA PRO E 162 -10.18 -5.37 22.09
C PRO E 162 -10.96 -6.60 22.59
N PHE E 163 -11.94 -6.41 23.51
CA PHE E 163 -12.79 -7.47 24.09
C PHE E 163 -14.17 -7.50 23.37
N ASP E 164 -14.20 -7.10 22.08
CA ASP E 164 -15.38 -6.99 21.24
C ASP E 164 -15.69 -8.20 20.38
N SER E 165 -16.98 -8.35 20.06
CA SER E 165 -17.54 -9.39 19.22
C SER E 165 -18.30 -8.70 18.12
N GLN E 166 -18.29 -9.31 16.91
CA GLN E 166 -18.92 -8.74 15.74
C GLN E 166 -19.85 -9.72 15.04
N THR E 167 -20.83 -9.16 14.31
CA THR E 167 -21.74 -9.90 13.43
C THR E 167 -21.52 -9.36 12.03
N LEU E 168 -20.70 -10.08 11.25
CA LEU E 168 -20.42 -9.74 9.87
C LEU E 168 -21.62 -10.16 9.01
N HIS E 169 -21.99 -9.33 8.03
CA HIS E 169 -23.14 -9.62 7.16
C HIS E 169 -22.77 -9.77 5.70
N ILE E 170 -23.46 -10.67 5.02
CA ILE E 170 -23.35 -10.89 3.59
C ILE E 170 -24.80 -10.85 3.11
N TYR E 171 -25.19 -9.76 2.43
CA TYR E 171 -26.55 -9.59 1.93
C TYR E 171 -26.72 -10.01 0.48
N LEU E 172 -27.58 -11.00 0.24
CA LEU E 172 -27.92 -11.48 -1.11
C LEU E 172 -29.16 -10.76 -1.57
N ILE E 173 -29.21 -10.39 -2.85
CA ILE E 173 -30.37 -9.68 -3.37
C ILE E 173 -30.72 -10.12 -4.81
N VAL E 174 -32.01 -9.99 -5.16
CA VAL E 174 -32.53 -10.28 -6.49
C VAL E 174 -33.60 -9.24 -6.83
N ARG E 175 -33.49 -8.66 -8.02
CA ARG E 175 -34.47 -7.69 -8.49
C ARG E 175 -35.46 -8.43 -9.39
N SER E 176 -36.77 -8.29 -9.08
CA SER E 176 -37.85 -8.90 -9.83
C SER E 176 -37.87 -8.37 -11.26
N VAL E 177 -38.24 -9.25 -12.20
CA VAL E 177 -38.29 -8.90 -13.61
C VAL E 177 -39.70 -8.51 -14.04
N ASP E 178 -39.79 -7.98 -15.26
CA ASP E 178 -40.96 -7.50 -16.00
C ASP E 178 -42.11 -8.51 -15.95
N THR E 179 -41.82 -9.75 -16.37
CA THR E 179 -42.77 -10.85 -16.44
C THR E 179 -43.22 -11.35 -15.07
N ARG E 180 -42.26 -11.70 -14.16
CA ARG E 180 -42.66 -12.16 -12.82
C ARG E 180 -41.67 -11.79 -11.70
N ASN E 181 -42.18 -11.81 -10.47
CA ASN E 181 -41.45 -11.49 -9.26
C ASN E 181 -40.57 -12.65 -8.84
N ILE E 182 -39.41 -12.32 -8.25
CA ILE E 182 -38.44 -13.30 -7.75
C ILE E 182 -38.24 -13.07 -6.26
N VAL E 183 -38.43 -14.14 -5.47
CA VAL E 183 -38.30 -14.16 -4.02
C VAL E 183 -37.19 -15.12 -3.60
N LEU E 184 -36.34 -14.68 -2.66
CA LEU E 184 -35.23 -15.50 -2.17
C LEU E 184 -35.63 -16.40 -1.01
N ALA E 185 -34.92 -17.52 -0.86
CA ALA E 185 -35.16 -18.52 0.20
C ALA E 185 -33.84 -19.13 0.62
N VAL E 186 -33.83 -19.77 1.80
CA VAL E 186 -32.61 -20.38 2.33
C VAL E 186 -32.76 -21.88 2.42
N ASP E 187 -31.85 -22.61 1.76
CA ASP E 187 -31.77 -24.07 1.86
C ASP E 187 -30.65 -24.31 2.87
N LEU E 188 -31.05 -24.54 4.14
CA LEU E 188 -30.12 -24.72 5.28
C LEU E 188 -29.12 -25.85 5.10
N GLU E 189 -29.47 -26.82 4.27
CA GLU E 189 -28.64 -27.98 3.95
C GLU E 189 -27.42 -27.57 3.10
N LYS E 190 -27.51 -26.40 2.43
CA LYS E 190 -26.44 -25.88 1.57
C LYS E 190 -25.80 -24.59 2.11
N VAL E 191 -25.99 -24.32 3.42
CA VAL E 191 -25.42 -23.20 4.16
C VAL E 191 -24.46 -23.78 5.22
N GLY E 192 -23.22 -23.30 5.21
CA GLY E 192 -22.20 -23.76 6.13
C GLY E 192 -20.86 -23.11 5.92
N LYS E 193 -19.80 -23.74 6.47
CA LYS E 193 -18.40 -23.31 6.39
C LYS E 193 -17.48 -24.49 6.61
N ASN E 194 -16.33 -24.49 5.93
CA ASN E 194 -15.29 -25.52 6.03
C ASN E 194 -14.70 -25.48 7.45
N ASP E 195 -14.33 -26.66 7.98
CA ASP E 195 -13.76 -26.82 9.33
C ASP E 195 -12.44 -26.07 9.52
N ASP E 196 -11.66 -25.92 8.44
CA ASP E 196 -10.37 -25.23 8.39
C ASP E 196 -10.49 -23.70 8.29
N VAL E 197 -11.74 -23.16 8.09
CA VAL E 197 -11.98 -21.71 7.97
C VAL E 197 -11.50 -21.03 9.25
N PHE E 198 -10.45 -20.22 9.10
CA PHE E 198 -9.82 -19.46 10.17
C PHE E 198 -9.77 -17.99 9.75
N LEU E 199 -10.02 -17.09 10.69
CA LEU E 199 -9.93 -15.66 10.44
C LEU E 199 -8.90 -15.17 11.44
N THR E 200 -7.67 -14.91 10.96
CA THR E 200 -6.52 -14.46 11.76
C THR E 200 -6.92 -13.39 12.76
N GLY E 201 -6.64 -13.65 14.05
CA GLY E 201 -6.94 -12.76 15.17
C GLY E 201 -8.39 -12.74 15.63
N TRP E 202 -9.19 -13.69 15.13
CA TRP E 202 -10.62 -13.82 15.45
C TRP E 202 -11.00 -15.27 15.65
N ASP E 203 -12.06 -15.48 16.45
CA ASP E 203 -12.66 -16.78 16.71
C ASP E 203 -13.99 -16.76 15.99
N ILE E 204 -14.23 -17.76 15.11
CA ILE E 204 -15.48 -17.84 14.36
C ILE E 204 -16.46 -18.66 15.19
N GLU E 205 -17.59 -18.05 15.57
CA GLU E 205 -18.61 -18.72 16.38
C GLU E 205 -19.65 -19.43 15.54
N SER E 206 -20.31 -18.71 14.61
CA SER E 206 -21.36 -19.25 13.77
C SER E 206 -21.44 -18.57 12.41
N PHE E 207 -22.08 -19.26 11.46
CA PHE E 207 -22.40 -18.76 10.12
C PHE E 207 -23.78 -19.28 9.81
N THR E 208 -24.79 -18.43 10.01
CA THR E 208 -26.20 -18.76 9.81
C THR E 208 -26.87 -17.76 8.86
N ALA E 209 -28.09 -18.08 8.40
CA ALA E 209 -28.87 -17.21 7.53
C ALA E 209 -30.23 -16.92 8.12
N VAL E 210 -30.64 -15.64 8.06
CA VAL E 210 -31.95 -15.19 8.49
C VAL E 210 -32.84 -15.63 7.33
N VAL E 211 -33.52 -16.78 7.52
CA VAL E 211 -34.34 -17.51 6.54
C VAL E 211 -35.46 -16.68 5.90
N LYS E 212 -36.03 -15.69 6.64
CA LYS E 212 -37.10 -14.84 6.12
C LYS E 212 -36.48 -13.65 5.34
N PRO E 213 -36.70 -13.57 4.00
CA PRO E 213 -36.10 -12.46 3.25
C PRO E 213 -36.78 -11.11 3.49
N ALA E 214 -36.01 -10.03 3.33
CA ALA E 214 -36.51 -8.67 3.45
C ALA E 214 -37.04 -8.32 2.05
N ASN E 215 -38.36 -8.36 1.90
CA ASN E 215 -38.99 -8.02 0.62
C ASN E 215 -39.47 -6.58 0.67
N PHE E 216 -38.99 -5.76 -0.28
CA PHE E 216 -39.27 -4.33 -0.37
C PHE E 216 -39.32 -3.86 -1.83
N ALA E 217 -39.76 -2.61 -2.04
CA ALA E 217 -39.85 -2.01 -3.37
C ALA E 217 -38.79 -0.94 -3.55
N LEU E 218 -38.08 -1.00 -4.69
CA LEU E 218 -37.04 -0.05 -5.05
C LEU E 218 -37.11 0.25 -6.55
N GLU E 219 -37.31 1.54 -6.88
CA GLU E 219 -37.42 2.08 -8.24
C GLU E 219 -38.48 1.32 -9.07
N ASP E 220 -39.71 1.26 -8.49
CA ASP E 220 -40.94 0.64 -9.02
C ASP E 220 -40.86 -0.89 -9.24
N ARG E 221 -39.83 -1.57 -8.68
CA ARG E 221 -39.67 -3.03 -8.77
C ARG E 221 -39.40 -3.65 -7.40
N LEU E 222 -39.82 -4.91 -7.24
CA LEU E 222 -39.69 -5.69 -6.03
C LEU E 222 -38.29 -6.27 -5.90
N GLU E 223 -37.72 -6.13 -4.69
CA GLU E 223 -36.41 -6.64 -4.35
C GLU E 223 -36.51 -7.57 -3.14
N SER E 224 -35.90 -8.76 -3.23
CA SER E 224 -35.87 -9.77 -2.18
C SER E 224 -34.43 -9.92 -1.67
N LYS E 225 -34.19 -9.51 -0.41
CA LYS E 225 -32.88 -9.48 0.23
C LYS E 225 -32.73 -10.54 1.33
N LEU E 226 -31.55 -11.19 1.43
CA LEU E 226 -31.27 -12.21 2.46
C LEU E 226 -30.07 -11.83 3.30
N ASP E 227 -30.15 -12.11 4.61
CA ASP E 227 -29.07 -11.78 5.54
C ASP E 227 -28.33 -13.00 6.05
N TYR E 228 -27.10 -13.21 5.52
CA TYR E 228 -26.19 -14.26 5.97
C TYR E 228 -25.29 -13.61 7.02
N GLN E 229 -25.30 -14.17 8.24
CA GLN E 229 -24.57 -13.62 9.39
C GLN E 229 -23.43 -14.49 9.88
N LEU E 230 -22.22 -13.93 9.88
CA LEU E 230 -21.03 -14.60 10.39
C LEU E 230 -20.68 -13.97 11.73
N ARG E 231 -20.92 -14.72 12.83
CA ARG E 231 -20.67 -14.28 14.20
C ARG E 231 -19.25 -14.61 14.62
N ILE E 232 -18.47 -13.57 14.96
CA ILE E 232 -17.06 -13.68 15.33
C ILE E 232 -16.72 -12.92 16.62
N SER E 233 -15.70 -13.38 17.37
CA SER E 233 -15.24 -12.71 18.59
C SER E 233 -13.73 -12.53 18.51
N ARG E 234 -13.27 -11.34 18.89
CA ARG E 234 -11.86 -10.99 18.83
C ARG E 234 -11.00 -11.69 19.87
N GLN E 235 -9.84 -12.19 19.40
CA GLN E 235 -8.80 -12.84 20.20
C GLN E 235 -7.96 -11.71 20.85
N TYR E 236 -8.36 -11.31 22.07
CA TYR E 236 -7.76 -10.23 22.84
C TYR E 236 -6.38 -10.54 23.42
N PHE E 237 -6.01 -11.82 23.57
CA PHE E 237 -4.74 -12.29 24.17
C PHE E 237 -3.54 -11.35 23.96
N SER E 238 -3.06 -11.19 22.70
CA SER E 238 -1.90 -10.39 22.30
C SER E 238 -1.91 -8.94 22.83
N TYR E 239 -3.11 -8.35 22.98
CA TYR E 239 -3.26 -6.99 23.50
C TYR E 239 -2.74 -6.81 24.92
N ILE E 240 -2.81 -7.87 25.73
CA ILE E 240 -2.34 -7.88 27.12
C ILE E 240 -0.79 -7.73 27.21
N PRO E 241 0.07 -8.64 26.65
CA PRO E 241 1.52 -8.42 26.78
C PRO E 241 2.13 -7.34 25.86
N ASN E 242 1.36 -6.83 24.89
CA ASN E 242 1.86 -5.88 23.89
C ASN E 242 1.45 -4.44 24.08
N ILE E 243 0.23 -4.20 24.63
CA ILE E 243 -0.29 -2.85 24.85
C ILE E 243 -0.65 -2.63 26.30
N ILE E 244 -1.56 -3.44 26.86
CA ILE E 244 -2.11 -3.28 28.22
C ILE E 244 -1.02 -3.30 29.30
N LEU E 245 -0.28 -4.41 29.47
CA LEU E 245 0.74 -4.49 30.50
C LEU E 245 1.89 -3.48 30.27
N PRO E 246 2.51 -3.34 29.06
CA PRO E 246 3.54 -2.28 28.90
C PRO E 246 3.07 -0.88 29.34
N MET E 247 1.82 -0.52 29.01
CA MET E 247 1.20 0.74 29.34
C MET E 247 1.04 0.93 30.83
N LEU E 248 0.70 -0.13 31.59
CA LEU E 248 0.53 -0.05 33.05
C LEU E 248 1.89 0.10 33.73
N PHE E 249 2.92 -0.66 33.26
CA PHE E 249 4.28 -0.60 33.78
C PHE E 249 4.82 0.82 33.78
N ILE E 250 4.74 1.53 32.61
CA ILE E 250 5.23 2.92 32.48
C ILE E 250 4.46 3.86 33.41
N LEU E 251 3.16 3.61 33.61
CA LEU E 251 2.32 4.40 34.51
C LEU E 251 2.79 4.22 35.97
N PHE E 252 3.07 2.97 36.40
CA PHE E 252 3.53 2.65 37.76
C PHE E 252 4.95 3.18 38.01
N ILE E 253 5.77 3.28 36.94
CA ILE E 253 7.12 3.84 36.98
C ILE E 253 7.00 5.34 37.28
N SER E 254 6.01 6.03 36.69
CA SER E 254 5.76 7.46 36.94
C SER E 254 5.42 7.71 38.41
N TRP E 255 4.75 6.76 39.08
CA TRP E 255 4.35 6.87 40.48
C TRP E 255 5.50 6.69 41.49
N THR E 256 6.70 6.28 41.01
CA THR E 256 7.87 6.17 41.89
C THR E 256 8.36 7.59 42.30
N ALA E 257 7.86 8.65 41.61
CA ALA E 257 8.14 10.05 41.91
C ALA E 257 7.53 10.45 43.26
N PHE E 258 6.58 9.62 43.76
CA PHE E 258 5.97 9.84 45.08
C PHE E 258 6.85 9.34 46.22
N TRP E 259 8.00 8.71 45.90
CA TRP E 259 9.00 8.23 46.86
C TRP E 259 10.34 8.91 46.54
N SER E 260 10.28 10.10 45.93
CA SER E 260 11.43 10.91 45.57
C SER E 260 11.19 12.37 45.88
N THR E 261 12.24 13.04 46.41
CA THR E 261 12.28 14.47 46.75
C THR E 261 13.01 15.27 45.66
N SER E 262 13.60 14.55 44.67
CA SER E 262 14.37 15.09 43.56
C SER E 262 13.46 15.54 42.44
N TYR E 263 13.16 16.85 42.38
CA TYR E 263 12.30 17.46 41.37
C TYR E 263 12.81 17.19 39.97
N GLU E 264 14.12 17.32 39.77
CA GLU E 264 14.79 17.10 38.50
C GLU E 264 14.55 15.66 37.99
N ALA E 265 14.67 14.66 38.91
CA ALA E 265 14.42 13.24 38.60
C ALA E 265 12.93 12.95 38.36
N ASN E 266 12.04 13.51 39.20
CA ASN E 266 10.58 13.36 39.09
C ASN E 266 10.07 13.88 37.75
N VAL E 267 10.56 15.08 37.33
CA VAL E 267 10.21 15.70 36.05
C VAL E 267 10.58 14.72 34.92
N THR E 268 11.78 14.11 35.00
CA THR E 268 12.24 13.09 34.05
C THR E 268 11.30 11.88 34.06
N LEU E 269 11.06 11.30 35.26
CA LEU E 269 10.16 10.14 35.43
C LEU E 269 8.79 10.35 34.80
N VAL E 270 8.08 11.42 35.20
CA VAL E 270 6.69 11.69 34.78
C VAL E 270 6.59 12.09 33.29
N VAL E 271 7.50 12.95 32.81
CA VAL E 271 7.55 13.43 31.44
C VAL E 271 7.96 12.32 30.46
N SER E 272 9.01 11.52 30.80
CA SER E 272 9.48 10.42 29.93
C SER E 272 8.42 9.35 29.72
N THR E 273 7.79 8.91 30.83
CA THR E 273 6.73 7.90 30.77
C THR E 273 5.52 8.48 30.02
N LEU E 274 5.24 9.80 30.15
CA LEU E 274 4.12 10.44 29.43
C LEU E 274 4.31 10.31 27.92
N ILE E 275 5.53 10.56 27.44
CA ILE E 275 5.91 10.46 26.04
C ILE E 275 5.72 9.00 25.52
N ALA E 276 6.07 7.98 26.35
CA ALA E 276 5.87 6.55 25.97
C ALA E 276 4.38 6.24 25.85
N HIS E 277 3.53 6.88 26.68
CA HIS E 277 2.08 6.73 26.64
C HIS E 277 1.49 7.32 25.32
N ILE E 278 2.12 8.41 24.81
CA ILE E 278 1.75 9.05 23.57
C ILE E 278 2.08 8.07 22.45
N ALA E 279 3.26 7.39 22.54
CA ALA E 279 3.68 6.38 21.56
C ALA E 279 2.68 5.24 21.48
N PHE E 280 2.19 4.77 22.65
CA PHE E 280 1.18 3.72 22.71
C PHE E 280 -0.17 4.19 22.21
N ASN E 281 -0.64 5.39 22.63
CA ASN E 281 -1.90 5.96 22.15
C ASN E 281 -1.89 5.96 20.60
N ILE E 282 -0.85 6.59 19.98
CA ILE E 282 -0.67 6.64 18.53
C ILE E 282 -0.71 5.23 17.94
N LEU E 283 0.07 4.28 18.52
CA LEU E 283 0.08 2.90 18.04
C LEU E 283 -1.30 2.30 17.99
N VAL E 284 -2.09 2.46 19.08
CA VAL E 284 -3.46 1.95 19.17
C VAL E 284 -4.39 2.62 18.14
N GLU E 285 -4.41 3.98 18.08
CA GLU E 285 -5.29 4.70 17.16
C GLU E 285 -4.95 4.43 15.68
N THR E 286 -3.73 3.95 15.36
CA THR E 286 -3.41 3.57 13.96
C THR E 286 -4.06 2.24 13.56
N ASN E 287 -4.30 1.31 14.52
CA ASN E 287 -4.93 0.01 14.24
C ASN E 287 -6.46 0.11 14.14
N LEU E 288 -7.04 1.30 14.41
CA LEU E 288 -8.49 1.51 14.49
C LEU E 288 -9.03 2.63 13.59
N PRO E 289 -10.32 2.56 13.19
CA PRO E 289 -10.89 3.71 12.47
C PRO E 289 -11.36 4.80 13.47
N LYS E 290 -11.58 6.02 12.99
CA LYS E 290 -12.02 7.12 13.84
C LYS E 290 -13.52 6.94 14.11
N THR E 291 -13.89 6.67 15.38
CA THR E 291 -15.27 6.40 15.78
C THR E 291 -15.99 7.64 16.39
N PRO E 292 -17.32 7.80 16.16
CA PRO E 292 -18.02 8.94 16.78
C PRO E 292 -18.39 8.68 18.24
N TYR E 293 -17.77 7.65 18.84
CA TYR E 293 -18.00 7.18 20.21
C TYR E 293 -16.68 6.77 20.83
N MET E 294 -16.64 6.67 22.17
CA MET E 294 -15.46 6.22 22.89
C MET E 294 -15.40 4.69 22.90
N THR E 295 -14.21 4.12 22.62
CA THR E 295 -13.97 2.68 22.68
C THR E 295 -13.42 2.40 24.06
N TYR E 296 -13.44 1.13 24.51
CA TYR E 296 -12.96 0.76 25.84
C TYR E 296 -11.52 1.17 26.09
N THR E 297 -10.61 0.75 25.20
CA THR E 297 -9.18 1.07 25.21
C THR E 297 -8.98 2.60 25.13
N GLY E 298 -9.80 3.26 24.32
CA GLY E 298 -9.78 4.71 24.13
C GLY E 298 -10.00 5.47 25.42
N ALA E 299 -11.00 5.01 26.22
CA ALA E 299 -11.37 5.56 27.52
C ALA E 299 -10.24 5.42 28.52
N ILE E 300 -9.69 4.18 28.69
CA ILE E 300 -8.55 3.89 29.57
C ILE E 300 -7.37 4.76 29.19
N ILE E 301 -6.94 4.73 27.89
CA ILE E 301 -5.81 5.53 27.38
C ILE E 301 -6.02 7.01 27.71
N PHE E 302 -7.23 7.56 27.45
CA PHE E 302 -7.52 8.96 27.73
C PHE E 302 -7.41 9.31 29.21
N MET E 303 -8.04 8.50 30.06
CA MET E 303 -8.05 8.65 31.50
C MET E 303 -6.62 8.68 32.07
N ILE E 304 -5.71 7.83 31.52
CA ILE E 304 -4.32 7.76 31.95
C ILE E 304 -3.61 9.11 31.73
N TYR E 305 -4.01 9.90 30.70
CA TYR E 305 -3.43 11.25 30.50
C TYR E 305 -3.68 12.11 31.73
N LEU E 306 -4.90 12.03 32.30
CA LEU E 306 -5.31 12.81 33.48
C LEU E 306 -4.44 12.47 34.69
N PHE E 307 -4.07 11.18 34.84
CA PHE E 307 -3.19 10.68 35.89
C PHE E 307 -1.79 11.27 35.76
N TYR E 308 -1.29 11.38 34.52
CA TYR E 308 0.03 11.96 34.21
C TYR E 308 0.03 13.45 34.50
N PHE E 309 -1.06 14.12 34.13
CA PHE E 309 -1.23 15.55 34.35
C PHE E 309 -1.26 15.86 35.85
N VAL E 310 -2.09 15.12 36.61
CA VAL E 310 -2.20 15.32 38.07
C VAL E 310 -0.86 14.98 38.77
N ALA E 311 -0.11 13.98 38.28
CA ALA E 311 1.22 13.65 38.82
C ALA E 311 2.17 14.82 38.62
N VAL E 312 2.12 15.50 37.44
CA VAL E 312 2.92 16.70 37.15
C VAL E 312 2.55 17.79 38.19
N ILE E 313 1.24 18.01 38.42
CA ILE E 313 0.78 18.99 39.41
C ILE E 313 1.42 18.67 40.77
N GLU E 314 1.31 17.39 41.23
CA GLU E 314 1.88 16.94 42.51
C GLU E 314 3.38 17.26 42.61
N VAL E 315 4.15 16.80 41.62
CA VAL E 315 5.60 16.97 41.52
C VAL E 315 5.98 18.48 41.64
N THR E 316 5.19 19.35 40.96
CA THR E 316 5.30 20.82 40.95
C THR E 316 5.01 21.40 42.35
N VAL E 317 3.86 20.99 42.96
CA VAL E 317 3.39 21.40 44.28
C VAL E 317 4.43 21.06 45.36
N GLN E 318 4.90 19.79 45.39
CA GLN E 318 5.91 19.29 46.32
C GLN E 318 7.18 20.14 46.29
N HIS E 319 7.68 20.46 45.09
CA HIS E 319 8.89 21.27 44.89
C HIS E 319 8.69 22.70 45.33
N TYR E 320 7.53 23.32 45.00
CA TYR E 320 7.19 24.70 45.35
C TYR E 320 7.22 24.89 46.88
N LEU E 321 6.53 23.97 47.61
CA LEU E 321 6.45 23.96 49.08
C LEU E 321 7.81 23.78 49.71
N LYS E 322 8.63 22.87 49.17
CA LYS E 322 10.00 22.59 49.61
C LYS E 322 10.88 23.85 49.49
N VAL E 323 10.74 24.58 48.37
CA VAL E 323 11.48 25.82 48.09
C VAL E 323 10.99 26.96 49.04
N GLU E 324 9.68 26.97 49.35
CA GLU E 324 9.01 27.92 50.25
C GLU E 324 9.31 27.62 51.72
N SER E 325 10.20 26.63 51.96
CA SER E 325 10.65 26.15 53.27
C SER E 325 9.52 25.56 54.10
N GLN E 326 8.57 24.86 53.44
CA GLN E 326 7.51 24.15 54.14
C GLN E 326 7.41 22.71 53.61
N PRO E 327 8.43 21.86 53.91
CA PRO E 327 8.42 20.48 53.43
C PRO E 327 7.48 19.55 54.21
N ALA E 328 6.93 20.04 55.32
CA ALA E 328 5.97 19.28 56.14
C ALA E 328 4.66 19.08 55.38
N ARG E 329 4.20 20.12 54.62
CA ARG E 329 2.97 20.07 53.79
C ARG E 329 3.27 19.23 52.56
N ALA E 330 4.46 19.44 51.96
CA ALA E 330 4.95 18.72 50.80
C ALA E 330 5.03 17.21 51.07
N ALA E 331 5.48 16.82 52.27
CA ALA E 331 5.58 15.42 52.68
C ALA E 331 4.23 14.75 52.85
N SER E 332 3.25 15.48 53.40
CA SER E 332 1.89 14.97 53.63
C SER E 332 1.15 14.78 52.32
N ILE E 333 1.35 15.69 51.35
CA ILE E 333 0.74 15.61 50.01
C ILE E 333 1.33 14.42 49.25
N THR E 334 2.67 14.25 49.31
CA THR E 334 3.38 13.16 48.64
C THR E 334 2.99 11.81 49.25
N ARG E 335 2.86 11.74 50.61
CA ARG E 335 2.46 10.53 51.34
C ARG E 335 1.05 10.09 50.96
N ALA E 336 0.13 11.05 50.79
CA ALA E 336 -1.25 10.81 50.40
C ALA E 336 -1.32 10.29 48.96
N SER E 337 -0.58 10.93 48.04
CA SER E 337 -0.48 10.60 46.63
C SER E 337 -0.13 9.12 46.38
N ARG E 338 0.78 8.56 47.23
CA ARG E 338 1.23 7.16 47.24
C ARG E 338 0.08 6.17 47.30
N ILE E 339 -0.99 6.52 48.05
CA ILE E 339 -2.21 5.73 48.21
C ILE E 339 -3.27 6.20 47.20
N ALA E 340 -3.53 7.52 47.15
CA ALA E 340 -4.55 8.14 46.30
C ALA E 340 -4.47 7.75 44.83
N PHE E 341 -3.29 7.87 44.20
CA PHE E 341 -3.11 7.55 42.78
C PHE E 341 -3.48 6.10 42.46
N PRO E 342 -2.88 5.03 43.07
CA PRO E 342 -3.34 3.66 42.73
C PRO E 342 -4.82 3.37 43.08
N VAL E 343 -5.32 3.88 44.23
CA VAL E 343 -6.70 3.70 44.68
C VAL E 343 -7.71 4.29 43.66
N VAL E 344 -7.52 5.58 43.28
CA VAL E 344 -8.36 6.27 42.30
C VAL E 344 -8.25 5.59 40.92
N PHE E 345 -7.04 5.13 40.54
CA PHE E 345 -6.86 4.42 39.27
C PHE E 345 -7.66 3.11 39.26
N LEU E 346 -7.51 2.30 40.32
CA LEU E 346 -8.22 1.03 40.50
C LEU E 346 -9.74 1.24 40.52
N LEU E 347 -10.24 2.27 41.23
CA LEU E 347 -11.68 2.58 41.26
C LEU E 347 -12.21 3.07 39.91
N ALA E 348 -11.49 4.01 39.25
CA ALA E 348 -11.87 4.57 37.95
C ALA E 348 -12.01 3.48 36.88
N ASN E 349 -11.09 2.50 36.91
CA ASN E 349 -11.11 1.35 36.01
C ASN E 349 -12.29 0.43 36.27
N ILE E 350 -12.70 0.25 37.56
CA ILE E 350 -13.88 -0.55 37.92
C ILE E 350 -15.10 0.15 37.34
N ILE E 351 -15.19 1.48 37.49
CA ILE E 351 -16.27 2.32 36.95
C ILE E 351 -16.38 2.17 35.44
N LEU E 352 -15.24 2.32 34.71
CA LEU E 352 -15.19 2.18 33.24
C LEU E 352 -15.60 0.80 32.76
N ALA E 353 -15.03 -0.27 33.37
CA ALA E 353 -15.34 -1.66 33.02
C ALA E 353 -16.82 -1.92 33.22
N PHE E 354 -17.42 -1.31 34.26
CA PHE E 354 -18.84 -1.44 34.54
C PHE E 354 -19.67 -0.80 33.44
N LEU E 355 -19.31 0.43 33.01
CA LEU E 355 -20.02 1.16 31.95
C LEU E 355 -19.89 0.48 30.58
N PHE E 356 -18.71 -0.09 30.27
CA PHE E 356 -18.47 -0.76 28.99
C PHE E 356 -19.03 -2.19 28.92
N PHE E 357 -18.94 -2.96 30.00
CA PHE E 357 -19.39 -4.36 30.04
C PHE E 357 -20.40 -4.59 31.16
C1 PLC F . 17.62 -23.48 16.87
C2 PLC F . 17.69 -22.07 17.53
C3 PLC F . 17.65 -21.97 19.06
C4 PLC F . 14.51 -27.66 16.92
C5 PLC F . 14.87 -28.35 18.26
C6 PLC F . 14.97 -30.53 19.65
C7 PLC F . 12.88 -29.24 19.57
C8 PLC F . 13.62 -30.52 17.59
C' PLC F . 20.19 -21.62 17.10
C1' PLC F . 20.98 -20.74 18.04
C2' PLC F . 21.68 -19.64 17.23
C3' PLC F . 21.20 -18.24 17.65
C4' PLC F . 22.12 -17.62 18.70
C5' PLC F . 21.76 -16.15 18.91
C6' PLC F . 22.57 -15.55 20.06
C7' PLC F . 22.12 -14.13 20.38
CB PLC F . 18.09 -20.11 20.54
C1B PLC F . 17.65 -18.72 20.86
C2B PLC F . 18.78 -17.72 20.61
C3B PLC F . 19.18 -16.99 21.90
C4B PLC F . 18.57 -15.59 21.98
C5B PLC F . 19.36 -14.71 22.96
C6B PLC F . 18.68 -14.60 24.33
C7B PLC F . 17.91 -13.27 24.40
O' PLC F . 20.64 -22.53 16.43
OB PLC F . 18.98 -20.74 21.11
O2 PLC F . 18.83 -21.25 17.02
O3 PLC F . 17.35 -20.64 19.50
O1P PLC F . 15.68 -25.28 14.79
O2P PLC F . 17.26 -26.50 16.30
O3P PLC F . 16.37 -24.17 17.04
O4P PLC F . 14.75 -26.27 17.01
N PLC F . 14.11 -29.64 18.75
P PLC F . 16.01 -25.54 16.21
C' PLC G . 26.17 -6.41 32.01
C1' PLC G . 26.23 -5.19 32.92
C2' PLC G . 27.47 -4.34 32.58
C3' PLC G . 27.79 -3.38 33.74
C4' PLC G . 29.31 -3.03 33.81
C5' PLC G . 29.61 -2.13 35.01
C6' PLC G . 31.08 -1.77 35.09
C7' PLC G . 31.39 -1.16 36.47
C8' PLC G . 32.85 -0.76 36.59
C9' PLC G . 33.19 -0.42 38.06
CA' PLC G . 34.56 0.28 38.16
CB' PLC G . 35.69 -0.65 38.62
CB PLC G . 28.34 -8.29 26.56
C1B PLC G . 29.09 -8.54 27.84
C2B PLC G . 29.28 -7.22 28.62
C3B PLC G . 30.44 -7.35 29.62
C4B PLC G . 30.71 -6.02 30.37
C5B PLC G . 32.05 -6.14 31.13
C6B PLC G . 32.44 -4.83 31.83
C7B PLC G . 33.86 -4.97 32.40
C8B PLC G . 34.24 -3.77 33.27
C9B PLC G . 35.68 -3.92 33.80
CAA PLC G . 35.96 -2.85 34.86
CBA PLC G . 37.31 -3.08 35.54
C' PLC H . 23.42 -14.51 25.59
C1' PLC H . 22.50 -15.52 24.94
C2' PLC H . 23.33 -16.65 24.29
C3' PLC H . 22.40 -17.74 23.73
C4' PLC H . 23.16 -18.75 22.85
C5' PLC H . 22.18 -19.83 22.35
C6' PLC H . 22.89 -20.92 21.54
C7' PLC H . 21.98 -22.15 21.43
C8' PLC H . 22.52 -23.22 20.47
C9' PLC H . 21.42 -24.27 20.20
CA' PLC H . 21.94 -25.42 19.34
CB' PLC H . 20.82 -26.42 19.06
CL CL I . -8.37 -21.98 -8.20
CL CL J . -21.02 -38.24 -6.04
C1 D12 K . 6.25 4.90 9.59
C2 D12 K . 6.41 4.78 11.14
C3 D12 K . 7.34 5.90 11.71
C4 D12 K . 7.46 5.79 13.24
C5 D12 K . 8.53 6.74 13.78
C6 D12 K . 8.77 6.54 15.28
C7 D12 K . 9.44 7.80 15.95
C8 D12 K . 9.53 7.76 17.50
C9 D12 K . 10.57 8.78 17.97
C10 D12 K . 10.81 8.74 19.53
C11 D12 K . 11.90 9.76 19.94
C12 D12 K . 12.45 9.60 21.38
C1 D12 L . 7.55 -0.66 9.53
C2 D12 L . 8.31 0.51 10.24
C3 D12 L . 8.27 0.32 11.78
C4 D12 L . 8.07 1.63 12.56
C5 D12 L . 8.44 1.38 14.05
C6 D12 L . 7.96 2.53 14.97
C7 D12 L . 8.90 2.69 16.19
C8 D12 L . 8.15 3.27 17.41
C9 D12 L . 9.11 4.03 18.35
C10 D12 L . 8.44 4.34 19.71
C11 D12 L . 9.31 5.34 20.49
C12 D12 L . 8.82 5.58 21.93
CL CL M . -9.01 -26.45 -15.20
C1 GUA N . 12.15 -23.18 -15.50
C2 GUA N . 11.31 -23.47 -16.71
C3 GUA N . 9.97 -22.75 -16.61
C4 GUA N . 9.25 -22.90 -17.95
C5 GUA N . 8.30 -21.77 -18.29
O1 GUA N . 12.01 -23.61 -14.37
O2 GUA N . 13.17 -22.34 -15.78
O3 GUA N . 7.45 -22.11 -19.30
O4 GUA N . 8.23 -20.63 -17.84
C1 PLC O . 33.42 2.19 -4.49
C2 PLC O . 32.91 2.68 -3.10
C3 PLC O . 33.77 2.31 -1.86
C4 PLC O . 35.35 -2.15 -6.55
C5 PLC O . 36.75 -2.36 -5.88
C6 PLC O . 39.06 -3.53 -5.82
C7 PLC O . 37.07 -4.77 -5.10
C8 PLC O . 37.43 -4.27 -7.51
C' PLC O . 33.54 5.17 -3.28
C1' PLC O . 33.92 5.91 -2.00
C2' PLC O . 33.16 7.24 -1.91
C3' PLC O . 32.31 7.32 -0.62
C4' PLC O . 33.04 8.05 0.52
C5' PLC O . 32.08 8.29 1.69
C6' PLC O . 32.77 9.07 2.85
C7' PLC O . 31.85 9.21 4.08
CB PLC O . 33.86 2.88 0.47
C1B PLC O . 33.04 3.14 1.69
C2B PLC O . 33.08 4.63 2.06
C3B PLC O . 33.11 4.88 3.59
C4B PLC O . 31.81 4.44 4.29
C5B PLC O . 31.57 5.18 5.60
C6B PLC O . 32.29 4.55 6.79
C7B PLC O . 31.61 4.99 8.08
O' PLC O . 33.94 5.43 -4.41
OB PLC O . 35.09 2.90 0.40
O2 PLC O . 32.61 4.12 -3.07
O3 PLC O . 33.08 2.59 -0.63
O1P PLC O . 32.57 -0.07 -6.78
O2P PLC O . 34.91 0.84 -6.81
O3P PLC O . 33.59 0.77 -4.57
O4P PLC O . 34.49 -1.47 -5.66
N PLC O . 37.56 -3.70 -6.08
P PLC O . 33.84 0.02 -6.00
C' PLC P . 35.51 13.46 17.49
C1' PLC P . 35.33 13.79 18.96
C2' PLC P . 35.12 15.31 19.13
C3' PLC P . 35.36 15.72 20.58
C4' PLC P . 35.90 17.16 20.70
C5' PLC P . 36.14 17.54 22.18
C6' PLC P . 36.62 18.98 22.34
C7' PLC P . 37.20 19.18 23.74
C8' PLC P . 37.82 20.57 23.91
C9' PLC P . 38.54 20.70 25.25
CA' PLC P . 38.76 22.20 25.59
CB' PLC P . 40.17 22.70 25.27
CB PLC P . 34.44 15.79 11.85
C1B PLC P . 35.71 16.10 12.62
C2B PLC P . 35.39 16.62 14.04
C3B PLC P . 36.57 17.42 14.63
C4B PLC P . 36.25 18.00 16.02
C5B PLC P . 37.18 19.18 16.32
C6B PLC P . 36.94 19.79 17.72
C7B PLC P . 37.74 21.12 17.86
C8B PLC P . 38.01 21.46 19.33
C9B PLC P . 38.97 22.67 19.45
CAA PLC P . 39.46 22.78 20.90
CBA PLC P . 40.32 24.02 21.09
C' PLC Q . 35.72 9.89 7.55
C1' PLC Q . 35.55 8.68 6.68
C2' PLC Q . 36.12 8.96 5.28
C3' PLC Q . 36.04 7.71 4.39
C4' PLC Q . 36.48 8.04 2.96
C5' PLC Q . 36.44 6.77 2.09
C6' PLC Q . 36.96 7.06 0.68
C7' PLC Q . 37.17 5.74 -0.09
C8' PLC Q . 37.67 5.98 -1.52
C9' PLC Q . 37.55 4.68 -2.34
CA' PLC Q . 37.74 4.93 -3.84
CB' PLC Q . 37.15 3.78 -4.66
CL CL R . 5.50 -14.12 -19.58
NA NA S . -1.49 -17.91 -32.89
C1 D12 T . 9.56 4.22 5.40
C2 D12 T . 9.60 4.07 7.08
C3 D12 T . 10.42 5.02 7.80
C4 D12 T . 10.05 4.69 9.15
C5 D12 T . 10.99 5.47 9.95
C6 D12 T . 10.96 4.92 11.45
C7 D12 T . 12.00 5.57 12.50
C8 D12 T . 12.18 4.59 13.70
C9 D12 T . 12.97 5.25 14.86
C10 D12 T . 12.32 5.23 16.29
C11 D12 T . 13.46 5.01 17.36
C12 D12 T . 13.10 5.52 18.79
CL CL U . 3.89 -15.26 -27.42
C1 GUA V . 11.24 4.56 -27.99
C2 GUA V . 10.17 3.99 -28.90
C3 GUA V . 8.79 4.03 -28.25
C4 GUA V . 8.17 2.65 -28.38
C5 GUA V . 6.77 2.71 -28.96
O1 GUA V . 11.17 5.92 -27.89
O2 GUA V . 12.12 3.96 -27.39
O3 GUA V . 6.42 2.70 -30.15
O4 GUA V . 5.81 2.72 -28.00
NA NA W . 18.27 14.90 31.87
C1 PLC X . 12.03 31.56 -5.59
C2 PLC X . 11.86 31.30 -4.07
C3 PLC X . 13.11 30.89 -3.26
C4 PLC X . 13.36 31.34 -9.99
C5 PLC X . 14.35 32.54 -9.99
C6 PLC X . 16.17 33.95 -11.19
C7 PLC X . 16.78 31.78 -10.21
C8 PLC X . 15.40 31.89 -12.29
C' PLC X . 9.90 32.47 -3.15
C1' PLC X . 9.46 31.79 -1.86
C2' PLC X . 9.90 32.59 -0.62
C3' PLC X . 9.54 31.79 0.63
C4' PLC X . 10.23 32.35 1.88
C5' PLC X . 10.33 31.24 2.93
C6' PLC X . 11.01 31.76 4.21
C7' PLC X . 11.02 30.69 5.31
CB PLC X . 13.78 30.66 -0.91
C1B PLC X . 13.13 30.63 0.45
C2B PLC X . 14.13 30.73 1.60
C3B PLC X . 13.99 29.55 2.55
C4B PLC X . 15.01 29.74 3.65
C5B PLC X . 15.03 28.56 4.64
C6B PLC X . 15.11 29.09 6.07
C7B PLC X . 16.48 29.65 6.40
O' PLC X . 9.16 33.04 -3.96
OB PLC X . 14.98 30.55 -1.20
O2 PLC X . 11.27 32.43 -3.40
O3 PLC X . 12.80 30.82 -1.86
O1P PLC X . 10.86 29.59 -8.74
O2P PLC X . 10.81 32.05 -8.33
O3P PLC X . 11.72 30.47 -6.46
O4P PLC X . 13.13 30.90 -8.67
N PLC X . 15.64 32.54 -10.91
P PLC X . 11.58 30.70 -8.07
C' PLC Y . 17.97 33.03 18.28
C1' PLC Y . 18.59 32.68 19.63
C2' PLC Y . 17.63 33.07 20.74
C3' PLC Y . 18.37 33.14 22.08
C4' PLC Y . 17.70 34.15 23.06
C5' PLC Y . 18.50 34.23 24.38
C6' PLC Y . 17.87 35.22 25.37
C7' PLC Y . 18.84 35.44 26.53
C8' PLC Y . 18.29 36.45 27.54
C9' PLC Y . 19.38 36.89 28.54
CA' PLC Y . 18.79 37.72 29.71
CB' PLC Y . 18.91 39.24 29.46
CB PLC Y . 12.49 34.20 15.68
C1B PLC Y . 13.34 35.30 16.28
C2B PLC Y . 13.77 34.95 17.73
C3B PLC Y . 14.15 36.22 18.52
C4B PLC Y . 14.52 35.91 19.98
C5B PLC Y . 14.46 37.19 20.82
C6B PLC Y . 14.82 36.97 22.29
C7B PLC Y . 14.52 38.26 23.09
C8B PLC Y . 15.28 38.29 24.42
C9B PLC Y . 14.84 39.46 25.30
CAA PLC Y . 15.64 39.45 26.60
CBA PLC Y . 15.33 40.66 27.47
C' PLC Z . 14.47 33.35 8.57
C1' PLC Z . 14.64 33.06 7.10
C2' PLC Z . 13.82 34.08 6.26
C3' PLC Z . 14.16 34.00 4.76
C4' PLC Z . 13.24 34.89 3.89
C5' PLC Z . 13.51 34.62 2.41
C6' PLC Z . 12.67 35.50 1.49
C7' PLC Z . 13.06 35.23 0.03
C8' PLC Z . 12.26 36.09 -0.96
C9' PLC Z . 12.61 35.70 -2.42
CA' PLC Z . 11.76 36.49 -3.43
CB' PLC Z . 11.85 35.87 -4.84
CL CL AA . 0.08 3.46 -24.57
NA NA BA . -8.28 -0.78 -37.00
C1 D12 CA . 5.28 8.99 5.82
C2 D12 CA . 5.35 8.95 7.40
C3 D12 CA . 6.63 9.65 7.91
C4 D12 CA . 6.84 9.61 9.47
C5 D12 CA . 8.32 9.98 9.79
C6 D12 CA . 8.63 10.18 11.29
C7 D12 CA . 10.02 9.55 11.70
C8 D12 CA . 10.66 10.30 12.88
C9 D12 CA . 11.85 9.53 13.43
C10 D12 CA . 12.31 10.10 14.77
C11 D12 CA . 13.73 9.57 15.14
C12 D12 CA . 14.25 10.08 16.54
CL CL DA . -5.06 3.54 -31.33
C1 PLC EA . -18.68 23.64 15.00
C2 PLC EA . -17.30 23.44 15.69
C3 PLC EA . -16.65 24.68 16.33
C4 PLC EA . -20.40 26.97 11.41
C5 PLC EA . -20.11 28.45 11.87
C6 PLC EA . -21.16 30.80 12.16
C7 PLC EA . -19.84 30.30 10.16
C8 PLC EA . -22.11 29.33 10.44
C' PLC EA . -18.11 22.20 17.84
C1' PLC EA . -17.41 22.54 19.14
C2' PLC EA . -17.15 21.27 19.94
C3' PLC EA . -15.65 20.99 20.08
C4' PLC EA . -15.12 21.44 21.44
C5' PLC EA . -13.66 20.99 21.63
C6' PLC EA . -13.12 21.42 23.00
C7' PLC EA . -11.66 20.97 23.20
CB PLC EA . -14.73 25.08 17.72
C1B PLC EA . -13.31 24.68 17.93
C2B PLC EA . -13.20 23.74 19.14
C3B PLC EA . -12.08 24.13 20.10
C4B PLC EA . -10.71 23.64 19.61
C5B PLC EA . -9.68 23.57 20.74
C6B PLC EA . -8.84 24.85 20.82
C7B PLC EA . -7.65 24.61 21.72
O' PLC EA . -19.26 21.79 17.72
OB PLC EA . -15.36 25.89 18.38
O2 PLC EA . -17.29 22.34 16.69
O3 PLC EA . -15.29 24.42 16.64
O1P PLC EA . -19.50 23.49 11.77
O2P PLC EA . -21.11 24.64 13.27
O3P PLC EA . -18.60 24.60 13.94
O4P PLC EA . -19.38 26.11 11.91
N PLC EA . -20.81 29.68 11.18
P PLC EA . -19.65 24.64 12.68
C' PLC FA . -2.29 25.31 33.22
C1' PLC FA . -0.97 25.41 33.97
C2' PLC FA . -0.99 24.45 35.17
C3' PLC FA . 0.13 24.81 36.15
C4' PLC FA . -0.23 24.43 37.62
C5' PLC FA . 0.91 24.85 38.59
C6' PLC FA . 0.58 24.49 40.03
C7' PLC FA . 1.53 25.25 40.97
C8' PLC FA . 1.22 24.96 42.43
C9' PLC FA . 2.09 25.83 43.36
CA' PLC FA . 2.04 25.32 44.81
CB' PLC FA . 1.04 26.12 45.65
CB PLC FA . -7.14 21.59 32.57
C1B PLC FA . -7.07 22.66 33.65
C2B PLC FA . -5.78 22.50 34.48
C3B PLC FA . -5.93 23.17 35.86
C4B PLC FA . -4.68 22.99 36.74
C5B PLC FA . -5.03 23.28 38.21
C6B PLC FA . -3.82 23.09 39.15
C7B PLC FA . -4.28 23.11 40.63
C8B PLC FA . -3.14 23.46 41.59
C9B PLC FA . -3.64 23.62 43.03
CAA PLC FA . -2.48 24.11 43.91
CBA PLC FA . -2.96 24.46 45.32
C' PLC GA . -11.05 23.63 26.83
C1' PLC GA . -11.42 24.22 25.50
C2' PLC GA . -12.95 24.39 25.41
C3' PLC GA . -13.39 25.04 24.09
C4' PLC GA . -14.92 24.92 23.91
C5' PLC GA . -15.35 25.40 22.51
C6' PLC GA . -16.85 25.19 22.34
C7' PLC GA . -17.36 25.84 21.04
C8' PLC GA . -18.87 25.62 20.86
C9' PLC GA . -19.35 26.14 19.50
CA' PLC GA . -20.88 26.01 19.39
CB' PLC GA . -21.37 26.50 18.04
CL CL HA . -17.15 6.79 -16.57
C1 D12 IA . 0.28 6.70 10.04
C2 D12 IA . 0.54 7.36 11.45
C3 D12 IA . 2.04 7.32 11.95
C4 D12 IA . 2.53 8.69 12.49
C5 D12 IA . 3.87 8.64 13.27
C6 D12 IA . 4.27 10.06 13.84
C7 D12 IA . 5.61 10.03 14.63
C8 D12 IA . 6.29 11.41 14.82
C9 D12 IA . 7.56 11.27 15.74
C10 D12 IA . 8.29 12.62 16.07
C11 D12 IA . 9.14 12.44 17.36
C12 D12 IA . 10.19 13.52 17.60
C1 GUA JA . -16.25 13.38 -21.20
C2 GUA JA . -15.25 14.47 -20.89
C3 GUA JA . -15.79 15.51 -19.92
C4 GUA JA . -15.69 16.90 -20.57
C5 GUA JA . -15.09 17.94 -19.65
O1 GUA JA . -17.11 13.35 -22.06
O2 GUA JA . -16.13 12.32 -20.38
O3 GUA JA . -15.92 18.28 -18.64
O4 GUA JA . -14.01 18.50 -19.74
C1 GUA KA . -28.73 -4.27 -5.68
C2 GUA KA . -29.80 -3.50 -4.94
C3 GUA KA . -29.36 -2.95 -3.58
C4 GUA KA . -30.61 -2.50 -2.85
C5 GUA KA . -30.24 -1.83 -1.57
O1 GUA KA . -29.27 -5.07 -6.64
O2 GUA KA . -27.51 -4.28 -5.53
O3 GUA KA . -30.44 -2.63 -0.47
O4 GUA KA . -29.83 -0.69 -1.41
CL CL LA . -23.39 3.71 -21.06
C1 PLC MA . -14.74 -10.24 28.59
C2 PLC MA . -13.57 -9.25 28.83
C3 PLC MA . -13.68 -8.28 30.03
C4 PLC MA . -19.91 -9.82 28.12
C5 PLC MA . -20.65 -9.22 29.37
C6 PLC MA . -22.76 -9.60 30.84
C7 PLC MA . -22.71 -7.76 29.21
C8 PLC MA . -22.95 -10.10 28.43
C' PLC MA . -11.83 -10.92 29.77
C1' PLC MA . -10.93 -10.43 30.90
C2' PLC MA . -9.48 -10.90 30.68
C3' PLC MA . -8.52 -9.73 30.42
C4' PLC MA . -7.75 -9.35 31.69
C5' PLC MA . -6.66 -8.31 31.37
C6' PLC MA . -5.87 -7.96 32.65
C7' PLC MA . -4.78 -6.91 32.36
CB PLC MA . -12.20 -6.72 31.11
C1B PLC MA . -11.18 -5.66 30.85
C2B PLC MA . -9.78 -6.22 31.15
C3B PLC MA . -8.93 -5.29 32.01
C4B PLC MA . -8.28 -4.16 31.19
C5B PLC MA . -7.06 -3.54 31.89
C6B PLC MA . -7.45 -2.30 32.67
C7B PLC MA . -6.19 -1.55 33.06
O' PLC MA . -12.15 -12.07 29.56
OB PLC MA . -12.62 -7.08 32.20
O2 PLC MA . -12.23 -9.90 28.88
O3 PLC MA . -12.69 -7.26 29.94
O1P PLC MA . -17.06 -10.40 26.18
O2P PLC MA . -17.49 -11.71 28.27
O3P PLC MA . -16.00 -9.57 28.41
O4P PLC MA . -18.58 -9.32 28.06
N PLC MA . -22.23 -9.20 29.46
P PLC MA . -17.27 -10.27 27.65
C' PLC NA . -4.05 -6.03 36.72
C1' PLC NA . -5.42 -5.81 36.12
C2' PLC NA . -6.29 -7.06 36.35
C3' PLC NA . -7.70 -6.88 35.79
C4' PLC NA . -8.42 -8.23 35.75
C5' PLC NA . -9.76 -8.13 35.01
C6' PLC NA . -10.43 -9.51 34.93
C7' PLC NA . -11.87 -9.41 34.44
C8' PLC NA . -12.53 -10.79 34.36
C9' PLC NA . -13.92 -10.71 33.71
CA' PLC NA . -14.62 -12.08 33.73
CB' PLC NA . -16.00 -11.99 33.10
CL CL OA . -22.22 -8.87 -6.47
NA NA PA . -28.31 -17.00 -18.38
C1 D12 QA . 2.49 0.96 11.74
C2 D12 QA . 2.63 1.29 13.26
C3 D12 QA . 3.64 2.46 13.50
C4 D12 QA . 3.62 2.91 14.97
C5 D12 QA . 4.47 4.17 15.18
C6 D12 QA . 4.18 4.82 16.56
C7 D12 QA . 5.16 5.99 16.82
C8 D12 QA . 4.64 6.99 17.87
C9 D12 QA . 5.77 7.98 18.29
C10 D12 QA . 5.33 8.89 19.44
C11 D12 QA . 6.52 9.70 19.99
C12 D12 QA . 6.06 10.65 21.11
C1 GUA RA . -13.59 -26.16 -3.66
C2 GUA RA . -14.17 -27.01 -2.56
C3 GUA RA . -13.76 -26.56 -1.17
C4 GUA RA . -13.91 -27.75 -0.24
C5 GUA RA . -13.54 -27.37 1.15
O1 GUA RA . -14.12 -26.48 -4.86
O2 GUA RA . -12.73 -25.29 -3.63
O3 GUA RA . -14.21 -26.79 1.99
O4 GUA RA . -12.29 -27.79 1.47
CL CL SA . -26.12 -14.84 -10.78
#